data_4AL1
# 
_entry.id   4AL1 
# 
_audit_conform.dict_name       mmcif_pdbx.dic 
_audit_conform.dict_version    5.383 
_audit_conform.dict_location   http://mmcif.pdb.org/dictionaries/ascii/mmcif_pdbx.dic 
# 
loop_
_database_2.database_id 
_database_2.database_code 
_database_2.pdbx_database_accession 
_database_2.pdbx_DOI 
PDB   4AL1         pdb_00004al1 10.2210/pdb4al1/pdb 
PDBE  EBI-51506    ?            ?                   
WWPDB D_1290051506 ?            ?                   
# 
_pdbx_database_related.db_name        PDB 
_pdbx_database_related.db_id          4AL0 
_pdbx_database_related.content_type   unspecified 
_pdbx_database_related.details        'CRYSTAL STRUCTURE OF HUMAN PS-1' 
# 
_pdbx_database_status.status_code                     REL 
_pdbx_database_status.entry_id                        4AL1 
_pdbx_database_status.deposit_site                    PDBE 
_pdbx_database_status.process_site                    PDBE 
_pdbx_database_status.SG_entry                        . 
_pdbx_database_status.recvd_initial_deposition_date   2012-02-29 
_pdbx_database_status.pdb_format_compatible           Y 
_pdbx_database_status.status_code_sf                  REL 
_pdbx_database_status.status_code_mr                  ? 
_pdbx_database_status.status_code_cs                  ? 
_pdbx_database_status.methods_development_category    ? 
_pdbx_database_status.status_code_nmr_data            ? 
# 
loop_
_audit_author.name 
_audit_author.pdbx_ordinal 
'Sjogren, T.'      1 
'Nord, J.'         2 
'Ek, M.'           3 
'Johansson, P.'    4 
'Liu, G.'          5 
'Geschwindner, S.' 6 
# 
_citation.id                        primary 
_citation.title                     
'Crystal Structure of Microsomal Prostaglandin E2 Synthase Provides Insight Into Diversity in the Mapeg Superfamily.' 
_citation.journal_abbrev            Proc.Natl.Acad.Sci.USA 
_citation.journal_volume            110 
_citation.page_first                3806 
_citation.page_last                 ? 
_citation.year                      2013 
_citation.journal_id_ASTM           PNASA6 
_citation.country                   US 
_citation.journal_id_ISSN           0027-8424 
_citation.journal_id_CSD            0040 
_citation.book_publisher            ? 
_citation.pdbx_database_id_PubMed   23431194 
_citation.pdbx_database_id_DOI      10.1073/PNAS.1218504110 
# 
loop_
_citation_author.citation_id 
_citation_author.name 
_citation_author.ordinal 
_citation_author.identifier_ORCID 
primary 'Sjogren, T.'      1 ? 
primary 'Nord, J.'         2 ? 
primary 'Ek, M.'           3 ? 
primary 'Johansson, P.'    4 ? 
primary 'Liu, G.'          5 ? 
primary 'Geschwindner, S.' 6 ? 
# 
_cell.entry_id           4AL1 
_cell.length_a           76.623 
_cell.length_b           76.623 
_cell.length_c           123.349 
_cell.angle_alpha        90.00 
_cell.angle_beta         90.00 
_cell.angle_gamma        120.00 
_cell.Z_PDB              9 
_cell.pdbx_unique_axis   ? 
# 
_symmetry.entry_id                         4AL1 
_symmetry.space_group_name_H-M             'H 3' 
_symmetry.pdbx_full_space_group_name_H-M   ? 
_symmetry.cell_setting                     ? 
_symmetry.Int_Tables_number                146 
# 
loop_
_entity.id 
_entity.type 
_entity.src_method 
_entity.pdbx_description 
_entity.formula_weight 
_entity.pdbx_number_of_molecules 
_entity.pdbx_ec 
_entity.pdbx_mutation 
_entity.pdbx_fragment 
_entity.details 
1 polymer     man 'PROSTAGLANDIN E SYNTHASE'                                           17123.322 1  5.3.99.3 ? ? ? 
2 non-polymer man 'octyl beta-D-glucopyranoside'                                       292.369   1  ?        ? ? ? 
3 non-polymer syn 'PALMITIC ACID'                                                      256.424   2  ?        ? ? ? 
4 non-polymer syn 'SULFATE ION'                                                        96.063    1  ?        ? ? ? 
5 non-polymer syn 'L-gamma-glutamyl-S-(2-biphenyl-4-yl-2-oxoethyl)-L-cysteinylglycine' 501.552   1  ?        ? ? ? 
6 water       nat water                                                                18.015    80 ?        ? ? ? 
# 
_entity_name_com.entity_id   1 
_entity_name_com.name        
;MICROSOMAL GLUTATHIONE S-TRANSFERASE 1-LIKE 1, MGST1-L1, MICROSOMAL PROSTAGLANDIN E SYNTHASE 1, MPGES-1, P53-INDUCED GENE 12 PROTEIN
;
# 
_entity_poly.entity_id                      1 
_entity_poly.type                           'polypeptide(L)' 
_entity_poly.nstd_linkage                   no 
_entity_poly.nstd_monomer                   no 
_entity_poly.pdbx_seq_one_letter_code       
;MPAHSLVMSSPALPAFLLCSTLLVIKMYVVAIITGQVRLRKKAFANPEDALRHGGPQYCRSDPDVERCLRAHRNDMETIY
PFLFLGFVYSFLGPNPFVAWMHFLVFLVGRVAHTVAYLGKLRAPIRSVTYTLAQLPCASMALQILWEAARHL
;
_entity_poly.pdbx_seq_one_letter_code_can   
;MPAHSLVMSSPALPAFLLCSTLLVIKMYVVAIITGQVRLRKKAFANPEDALRHGGPQYCRSDPDVERCLRAHRNDMETIY
PFLFLGFVYSFLGPNPFVAWMHFLVFLVGRVAHTVAYLGKLRAPIRSVTYTLAQLPCASMALQILWEAARHL
;
_entity_poly.pdbx_strand_id                 A 
_entity_poly.pdbx_target_identifier         ? 
# 
loop_
_entity_poly_seq.entity_id 
_entity_poly_seq.num 
_entity_poly_seq.mon_id 
_entity_poly_seq.hetero 
1 1   MET n 
1 2   PRO n 
1 3   ALA n 
1 4   HIS n 
1 5   SER n 
1 6   LEU n 
1 7   VAL n 
1 8   MET n 
1 9   SER n 
1 10  SER n 
1 11  PRO n 
1 12  ALA n 
1 13  LEU n 
1 14  PRO n 
1 15  ALA n 
1 16  PHE n 
1 17  LEU n 
1 18  LEU n 
1 19  CYS n 
1 20  SER n 
1 21  THR n 
1 22  LEU n 
1 23  LEU n 
1 24  VAL n 
1 25  ILE n 
1 26  LYS n 
1 27  MET n 
1 28  TYR n 
1 29  VAL n 
1 30  VAL n 
1 31  ALA n 
1 32  ILE n 
1 33  ILE n 
1 34  THR n 
1 35  GLY n 
1 36  GLN n 
1 37  VAL n 
1 38  ARG n 
1 39  LEU n 
1 40  ARG n 
1 41  LYS n 
1 42  LYS n 
1 43  ALA n 
1 44  PHE n 
1 45  ALA n 
1 46  ASN n 
1 47  PRO n 
1 48  GLU n 
1 49  ASP n 
1 50  ALA n 
1 51  LEU n 
1 52  ARG n 
1 53  HIS n 
1 54  GLY n 
1 55  GLY n 
1 56  PRO n 
1 57  GLN n 
1 58  TYR n 
1 59  CYS n 
1 60  ARG n 
1 61  SER n 
1 62  ASP n 
1 63  PRO n 
1 64  ASP n 
1 65  VAL n 
1 66  GLU n 
1 67  ARG n 
1 68  CYS n 
1 69  LEU n 
1 70  ARG n 
1 71  ALA n 
1 72  HIS n 
1 73  ARG n 
1 74  ASN n 
1 75  ASP n 
1 76  MET n 
1 77  GLU n 
1 78  THR n 
1 79  ILE n 
1 80  TYR n 
1 81  PRO n 
1 82  PHE n 
1 83  LEU n 
1 84  PHE n 
1 85  LEU n 
1 86  GLY n 
1 87  PHE n 
1 88  VAL n 
1 89  TYR n 
1 90  SER n 
1 91  PHE n 
1 92  LEU n 
1 93  GLY n 
1 94  PRO n 
1 95  ASN n 
1 96  PRO n 
1 97  PHE n 
1 98  VAL n 
1 99  ALA n 
1 100 TRP n 
1 101 MET n 
1 102 HIS n 
1 103 PHE n 
1 104 LEU n 
1 105 VAL n 
1 106 PHE n 
1 107 LEU n 
1 108 VAL n 
1 109 GLY n 
1 110 ARG n 
1 111 VAL n 
1 112 ALA n 
1 113 HIS n 
1 114 THR n 
1 115 VAL n 
1 116 ALA n 
1 117 TYR n 
1 118 LEU n 
1 119 GLY n 
1 120 LYS n 
1 121 LEU n 
1 122 ARG n 
1 123 ALA n 
1 124 PRO n 
1 125 ILE n 
1 126 ARG n 
1 127 SER n 
1 128 VAL n 
1 129 THR n 
1 130 TYR n 
1 131 THR n 
1 132 LEU n 
1 133 ALA n 
1 134 GLN n 
1 135 LEU n 
1 136 PRO n 
1 137 CYS n 
1 138 ALA n 
1 139 SER n 
1 140 MET n 
1 141 ALA n 
1 142 LEU n 
1 143 GLN n 
1 144 ILE n 
1 145 LEU n 
1 146 TRP n 
1 147 GLU n 
1 148 ALA n 
1 149 ALA n 
1 150 ARG n 
1 151 HIS n 
1 152 LEU n 
# 
_entity_src_gen.entity_id                          1 
_entity_src_gen.pdbx_src_id                        1 
_entity_src_gen.pdbx_alt_source_flag               sample 
_entity_src_gen.pdbx_seq_type                      ? 
_entity_src_gen.pdbx_beg_seq_num                   ? 
_entity_src_gen.pdbx_end_seq_num                   ? 
_entity_src_gen.gene_src_common_name               HUMAN 
_entity_src_gen.gene_src_genus                     ? 
_entity_src_gen.pdbx_gene_src_gene                 ? 
_entity_src_gen.gene_src_species                   ? 
_entity_src_gen.gene_src_strain                    ? 
_entity_src_gen.gene_src_tissue                    ? 
_entity_src_gen.gene_src_tissue_fraction           ? 
_entity_src_gen.gene_src_details                   ? 
_entity_src_gen.pdbx_gene_src_fragment             ? 
_entity_src_gen.pdbx_gene_src_scientific_name      'HOMO SAPIENS' 
_entity_src_gen.pdbx_gene_src_ncbi_taxonomy_id     9606 
_entity_src_gen.pdbx_gene_src_variant              ? 
_entity_src_gen.pdbx_gene_src_cell_line            ? 
_entity_src_gen.pdbx_gene_src_atcc                 ? 
_entity_src_gen.pdbx_gene_src_organ                ? 
_entity_src_gen.pdbx_gene_src_organelle            ? 
_entity_src_gen.pdbx_gene_src_cell                 ? 
_entity_src_gen.pdbx_gene_src_cellular_location    ? 
_entity_src_gen.host_org_common_name               'FALL ARMYWORM' 
_entity_src_gen.pdbx_host_org_scientific_name      'SPODOPTERA FRUGIPERDA' 
_entity_src_gen.pdbx_host_org_ncbi_taxonomy_id     7108 
_entity_src_gen.host_org_genus                     ? 
_entity_src_gen.pdbx_host_org_gene                 ? 
_entity_src_gen.pdbx_host_org_organ                ? 
_entity_src_gen.host_org_species                   ? 
_entity_src_gen.pdbx_host_org_tissue               ? 
_entity_src_gen.pdbx_host_org_tissue_fraction      ? 
_entity_src_gen.pdbx_host_org_strain               ? 
_entity_src_gen.pdbx_host_org_variant              ? 
_entity_src_gen.pdbx_host_org_cell_line            SF9 
_entity_src_gen.pdbx_host_org_atcc                 ? 
_entity_src_gen.pdbx_host_org_culture_collection   ? 
_entity_src_gen.pdbx_host_org_cell                 ? 
_entity_src_gen.pdbx_host_org_organelle            ? 
_entity_src_gen.pdbx_host_org_cellular_location    ? 
_entity_src_gen.pdbx_host_org_vector_type          ? 
_entity_src_gen.pdbx_host_org_vector               ? 
_entity_src_gen.host_org_details                   ? 
_entity_src_gen.expression_system_id               ? 
_entity_src_gen.plasmid_name                       ? 
_entity_src_gen.plasmid_details                    ? 
_entity_src_gen.pdbx_description                   ? 
# 
_struct_ref.id                         1 
_struct_ref.db_name                    UNP 
_struct_ref.db_code                    PTGES_HUMAN 
_struct_ref.entity_id                  1 
_struct_ref.pdbx_seq_one_letter_code   ? 
_struct_ref.pdbx_align_begin           ? 
_struct_ref.pdbx_db_accession          O14684 
_struct_ref.pdbx_db_isoform            ? 
# 
_struct_ref_seq.align_id                      1 
_struct_ref_seq.ref_id                        1 
_struct_ref_seq.pdbx_PDB_id_code              4AL1 
_struct_ref_seq.pdbx_strand_id                A 
_struct_ref_seq.seq_align_beg                 1 
_struct_ref_seq.pdbx_seq_align_beg_ins_code   ? 
_struct_ref_seq.seq_align_end                 152 
_struct_ref_seq.pdbx_seq_align_end_ins_code   ? 
_struct_ref_seq.pdbx_db_accession             O14684 
_struct_ref_seq.db_align_beg                  1 
_struct_ref_seq.pdbx_db_align_beg_ins_code    ? 
_struct_ref_seq.db_align_end                  152 
_struct_ref_seq.pdbx_db_align_end_ins_code    ? 
_struct_ref_seq.pdbx_auth_seq_align_beg       1 
_struct_ref_seq.pdbx_auth_seq_align_end       152 
# 
loop_
_chem_comp.id 
_chem_comp.type 
_chem_comp.mon_nstd_flag 
_chem_comp.name 
_chem_comp.pdbx_synonyms 
_chem_comp.formula 
_chem_comp.formula_weight 
48T non-polymer         . 'L-gamma-glutamyl-S-(2-biphenyl-4-yl-2-oxoethyl)-L-cysteinylglycine' ? 'C24 H27 N3 O7 S' 501.552 
ALA 'L-peptide linking' y ALANINE                                                              ? 'C3 H7 N O2'      89.093  
ARG 'L-peptide linking' y ARGININE                                                             ? 'C6 H15 N4 O2 1'  175.209 
ASN 'L-peptide linking' y ASPARAGINE                                                           ? 'C4 H8 N2 O3'     132.118 
ASP 'L-peptide linking' y 'ASPARTIC ACID'                                                      ? 'C4 H7 N O4'      133.103 
BOG D-saccharide        n 'octyl beta-D-glucopyranoside'                                       
'Beta-Octylglucoside; octyl beta-D-glucoside; octyl D-glucoside; octyl glucoside' 'C14 H28 O6'      292.369 
CYS 'L-peptide linking' y CYSTEINE                                                             ? 'C3 H7 N O2 S'    121.158 
GLN 'L-peptide linking' y GLUTAMINE                                                            ? 'C5 H10 N2 O3'    146.144 
GLU 'L-peptide linking' y 'GLUTAMIC ACID'                                                      ? 'C5 H9 N O4'      147.129 
GLY 'peptide linking'   y GLYCINE                                                              ? 'C2 H5 N O2'      75.067  
HIS 'L-peptide linking' y HISTIDINE                                                            ? 'C6 H10 N3 O2 1'  156.162 
HOH non-polymer         . WATER                                                                ? 'H2 O'            18.015  
ILE 'L-peptide linking' y ISOLEUCINE                                                           ? 'C6 H13 N O2'     131.173 
LEU 'L-peptide linking' y LEUCINE                                                              ? 'C6 H13 N O2'     131.173 
LYS 'L-peptide linking' y LYSINE                                                               ? 'C6 H15 N2 O2 1'  147.195 
MET 'L-peptide linking' y METHIONINE                                                           ? 'C5 H11 N O2 S'   149.211 
PHE 'L-peptide linking' y PHENYLALANINE                                                        ? 'C9 H11 N O2'     165.189 
PLM non-polymer         . 'PALMITIC ACID'                                                      ? 'C16 H32 O2'      256.424 
PRO 'L-peptide linking' y PROLINE                                                              ? 'C5 H9 N O2'      115.130 
SER 'L-peptide linking' y SERINE                                                               ? 'C3 H7 N O3'      105.093 
SO4 non-polymer         . 'SULFATE ION'                                                        ? 'O4 S -2'         96.063  
THR 'L-peptide linking' y THREONINE                                                            ? 'C4 H9 N O3'      119.119 
TRP 'L-peptide linking' y TRYPTOPHAN                                                           ? 'C11 H12 N2 O2'   204.225 
TYR 'L-peptide linking' y TYROSINE                                                             ? 'C9 H11 N O3'     181.189 
VAL 'L-peptide linking' y VALINE                                                               ? 'C5 H11 N O2'     117.146 
# 
_exptl.entry_id          4AL1 
_exptl.method            'X-RAY DIFFRACTION' 
_exptl.crystals_number   1 
# 
_exptl_crystal.id                    1 
_exptl_crystal.density_meas          ? 
_exptl_crystal.density_Matthews      4.1 
_exptl_crystal.density_percent_sol   69.99 
_exptl_crystal.description           NONE 
# 
_exptl_crystal_grow.crystal_id      1 
_exptl_crystal_grow.method          ? 
_exptl_crystal_grow.temp            ? 
_exptl_crystal_grow.temp_details    ? 
_exptl_crystal_grow.pH              8 
_exptl_crystal_grow.pdbx_pH_range   ? 
_exptl_crystal_grow.pdbx_details    'pH 8' 
# 
_diffrn.id                     1 
_diffrn.ambient_temp           100 
_diffrn.ambient_temp_details   ? 
_diffrn.crystal_id             1 
# 
_diffrn_detector.diffrn_id              1 
_diffrn_detector.detector               CCD 
_diffrn_detector.type                   MARRESEARCH 
_diffrn_detector.pdbx_collection_date   2005-09-15 
_diffrn_detector.details                ? 
# 
_diffrn_radiation.diffrn_id                        1 
_diffrn_radiation.wavelength_id                    1 
_diffrn_radiation.pdbx_monochromatic_or_laue_m_l   M 
_diffrn_radiation.monochromator                    ? 
_diffrn_radiation.pdbx_diffrn_protocol             'SINGLE WAVELENGTH' 
_diffrn_radiation.pdbx_scattering_type             x-ray 
# 
_diffrn_radiation_wavelength.id           1 
_diffrn_radiation_wavelength.wavelength   0.9795 
_diffrn_radiation_wavelength.wt           1.0 
# 
_diffrn_source.diffrn_id                   1 
_diffrn_source.source                      SYNCHROTRON 
_diffrn_source.type                        'ESRF BEAMLINE ID23-2' 
_diffrn_source.pdbx_synchrotron_site       ESRF 
_diffrn_source.pdbx_synchrotron_beamline   ID23-2 
_diffrn_source.pdbx_wavelength             0.9795 
_diffrn_source.pdbx_wavelength_list        ? 
# 
_reflns.pdbx_diffrn_id               1 
_reflns.pdbx_ordinal                 1 
_reflns.entry_id                     4AL1 
_reflns.observed_criterion_sigma_I   1.0 
_reflns.observed_criterion_sigma_F   ? 
_reflns.d_resolution_low             30.00 
_reflns.d_resolution_high            1.95 
_reflns.number_obs                   19681 
_reflns.number_all                   ? 
_reflns.percent_possible_obs         100.0 
_reflns.pdbx_Rmerge_I_obs            0.12 
_reflns.pdbx_Rsym_value              ? 
_reflns.pdbx_netI_over_sigmaI        5.10 
_reflns.B_iso_Wilson_estimate        ? 
_reflns.pdbx_redundancy              3 
# 
_reflns_shell.pdbx_diffrn_id         1 
_reflns_shell.pdbx_ordinal           1 
_reflns_shell.d_res_high             1.95 
_reflns_shell.d_res_low              2.00 
_reflns_shell.percent_possible_all   100.0 
_reflns_shell.Rmerge_I_obs           0.49 
_reflns_shell.pdbx_Rsym_value        ? 
_reflns_shell.meanI_over_sigI_obs    1.90 
_reflns_shell.pdbx_redundancy        3 
# 
_refine.pdbx_refine_id                           'X-RAY DIFFRACTION' 
_refine.entry_id                                 4AL1 
_refine.pdbx_diffrn_id                           1 
_refine.pdbx_TLS_residual_ADP_flag               ? 
_refine.ls_number_reflns_obs                     18156 
_refine.ls_number_reflns_all                     ? 
_refine.pdbx_ls_sigma_I                          ? 
_refine.pdbx_ls_sigma_F                          . 
_refine.pdbx_data_cutoff_high_absF               ? 
_refine.pdbx_data_cutoff_low_absF                ? 
_refine.pdbx_data_cutoff_high_rms_absF           ? 
_refine.ls_d_res_low                             30.00 
_refine.ls_d_res_high                            1.95 
_refine.ls_percent_reflns_obs                    97.19 
_refine.ls_R_factor_obs                          0.163 
_refine.ls_R_factor_all                          ? 
_refine.ls_R_factor_R_work                       0.172 
_refine.ls_R_factor_R_free                       0.17225 
_refine.ls_R_factor_R_free_error                 ? 
_refine.ls_R_factor_R_free_error_details         ? 
_refine.ls_percent_reflns_R_free                 5.1 
_refine.ls_number_reflns_R_free                  973 
_refine.ls_number_parameters                     ? 
_refine.ls_number_restraints                     ? 
_refine.occupancy_min                            ? 
_refine.occupancy_max                            ? 
_refine.correlation_coeff_Fo_to_Fc               0.948 
_refine.correlation_coeff_Fo_to_Fc_free          0.949 
_refine.B_iso_mean                               18.803 
_refine.aniso_B[1][1]                            0.17 
_refine.aniso_B[2][2]                            0.17 
_refine.aniso_B[3][3]                            -0.25 
_refine.aniso_B[1][2]                            0.08 
_refine.aniso_B[1][3]                            0.00 
_refine.aniso_B[2][3]                            0.00 
_refine.solvent_model_details                    'BABINET MODEL WITH MASK' 
_refine.solvent_model_param_ksol                 ? 
_refine.solvent_model_param_bsol                 ? 
_refine.pdbx_solvent_vdw_probe_radii             1.40 
_refine.pdbx_solvent_ion_probe_radii             0.80 
_refine.pdbx_solvent_shrinkage_radii             0.80 
_refine.pdbx_ls_cross_valid_method               THROUGHOUT 
_refine.details                                  'HYDROGENS HAVE BEEN ADDED IN THE RIDING POSITIONS.' 
_refine.pdbx_starting_model                      'PDB ENTRY 4AL0' 
_refine.pdbx_method_to_determine_struct          'MOLECULAR REPLACEMENT' 
_refine.pdbx_isotropic_thermal_model             ? 
_refine.pdbx_stereochemistry_target_values       'MAXIMUM LIKELIHOOD' 
_refine.pdbx_stereochem_target_val_spec_case     ? 
_refine.pdbx_R_Free_selection_details            RANDOM 
_refine.pdbx_overall_ESU_R                       0.107 
_refine.pdbx_overall_ESU_R_Free                  0.094 
_refine.overall_SU_ML                            0.057 
_refine.pdbx_overall_phase_error                 ? 
_refine.overall_SU_B                             1.891 
_refine.overall_SU_R_Cruickshank_DPI             ? 
_refine.pdbx_overall_SU_R_free_Cruickshank_DPI   ? 
_refine.pdbx_overall_SU_R_Blow_DPI               ? 
_refine.pdbx_overall_SU_R_free_Blow_DPI          ? 
# 
_refine_hist.pdbx_refine_id                   'X-RAY DIFFRACTION' 
_refine_hist.cycle_id                         LAST 
_refine_hist.pdbx_number_atoms_protein        1138 
_refine_hist.pdbx_number_atoms_nucleic_acid   0 
_refine_hist.pdbx_number_atoms_ligand         82 
_refine_hist.number_atoms_solvent             80 
_refine_hist.number_atoms_total               1300 
_refine_hist.d_res_high                       1.95 
_refine_hist.d_res_low                        30.00 
# 
loop_
_refine_ls_restr.type 
_refine_ls_restr.dev_ideal 
_refine_ls_restr.dev_ideal_target 
_refine_ls_restr.weight 
_refine_ls_restr.number 
_refine_ls_restr.pdbx_refine_id 
_refine_ls_restr.pdbx_restraint_function 
r_bond_refined_d             ?      ?      ? ?   'X-RAY DIFFRACTION' ? 
r_bond_other_d               ?      ?      ? ?   'X-RAY DIFFRACTION' ? 
r_angle_refined_deg          ?      ?      ? ?   'X-RAY DIFFRACTION' ? 
r_angle_other_deg            ?      ?      ? ?   'X-RAY DIFFRACTION' ? 
r_dihedral_angle_1_deg       4.207  5.000  ? 142 'X-RAY DIFFRACTION' ? 
r_dihedral_angle_2_deg       39.610 20.769 ? 52  'X-RAY DIFFRACTION' ? 
r_dihedral_angle_3_deg       13.122 15.000 ? 205 'X-RAY DIFFRACTION' ? 
r_dihedral_angle_4_deg       12.723 15.000 ? 13  'X-RAY DIFFRACTION' ? 
r_chiral_restr               0.074  0.200  ? 197 'X-RAY DIFFRACTION' ? 
r_gen_planes_refined         ?      ?      ? ?   'X-RAY DIFFRACTION' ? 
r_gen_planes_other           ?      ?      ? ?   'X-RAY DIFFRACTION' ? 
r_nbd_refined                ?      ?      ? ?   'X-RAY DIFFRACTION' ? 
r_nbd_other                  ?      ?      ? ?   'X-RAY DIFFRACTION' ? 
r_nbtor_refined              ?      ?      ? ?   'X-RAY DIFFRACTION' ? 
r_nbtor_other                ?      ?      ? ?   'X-RAY DIFFRACTION' ? 
r_xyhbond_nbd_refined        ?      ?      ? ?   'X-RAY DIFFRACTION' ? 
r_xyhbond_nbd_other          ?      ?      ? ?   'X-RAY DIFFRACTION' ? 
r_metal_ion_refined          ?      ?      ? ?   'X-RAY DIFFRACTION' ? 
r_metal_ion_other            ?      ?      ? ?   'X-RAY DIFFRACTION' ? 
r_symmetry_vdw_refined       ?      ?      ? ?   'X-RAY DIFFRACTION' ? 
r_symmetry_vdw_other         ?      ?      ? ?   'X-RAY DIFFRACTION' ? 
r_symmetry_hbond_refined     ?      ?      ? ?   'X-RAY DIFFRACTION' ? 
r_symmetry_hbond_other       ?      ?      ? ?   'X-RAY DIFFRACTION' ? 
r_symmetry_metal_ion_refined ?      ?      ? ?   'X-RAY DIFFRACTION' ? 
r_symmetry_metal_ion_other   ?      ?      ? ?   'X-RAY DIFFRACTION' ? 
r_mcbond_it                  ?      ?      ? ?   'X-RAY DIFFRACTION' ? 
r_mcbond_other               ?      ?      ? ?   'X-RAY DIFFRACTION' ? 
r_mcangle_it                 ?      ?      ? ?   'X-RAY DIFFRACTION' ? 
r_mcangle_other              ?      ?      ? ?   'X-RAY DIFFRACTION' ? 
r_scbond_it                  ?      ?      ? ?   'X-RAY DIFFRACTION' ? 
r_scbond_other               ?      ?      ? ?   'X-RAY DIFFRACTION' ? 
r_scangle_it                 ?      ?      ? ?   'X-RAY DIFFRACTION' ? 
r_scangle_other              ?      ?      ? ?   'X-RAY DIFFRACTION' ? 
r_long_range_B_refined       ?      ?      ? ?   'X-RAY DIFFRACTION' ? 
r_long_range_B_other         ?      ?      ? ?   'X-RAY DIFFRACTION' ? 
r_rigid_bond_restr           ?      ?      ? ?   'X-RAY DIFFRACTION' ? 
r_sphericity_free            ?      ?      ? ?   'X-RAY DIFFRACTION' ? 
r_sphericity_bonded          ?      ?      ? ?   'X-RAY DIFFRACTION' ? 
# 
_refine_ls_shell.pdbx_refine_id                   'X-RAY DIFFRACTION' 
_refine_ls_shell.pdbx_total_number_of_bins_used   20 
_refine_ls_shell.d_res_high                       1.950 
_refine_ls_shell.d_res_low                        2.001 
_refine_ls_shell.number_reflns_R_work             1235 
_refine_ls_shell.R_factor_R_work                  0.193 
_refine_ls_shell.percent_reflns_obs               91.06 
_refine_ls_shell.R_factor_R_free                  0.249 
_refine_ls_shell.R_factor_R_free_error            ? 
_refine_ls_shell.percent_reflns_R_free            ? 
_refine_ls_shell.number_reflns_R_free             68 
_refine_ls_shell.number_reflns_all                ? 
_refine_ls_shell.R_factor_all                     ? 
# 
_struct.entry_id                  4AL1 
_struct.title                     'Crystal structure of Human PS-1 GSH-analog complex' 
_struct.pdbx_model_details        ? 
_struct.pdbx_CASP_flag            ? 
_struct.pdbx_model_type_details   ? 
# 
_struct_keywords.entry_id        4AL1 
_struct_keywords.pdbx_keywords   ISOMERASE 
_struct_keywords.text            'ISOMERASE, MEMBRANE PROTEIN, LIPID BIOSYNTHESIS' 
# 
loop_
_struct_asym.id 
_struct_asym.pdbx_blank_PDB_chainid_flag 
_struct_asym.pdbx_modified 
_struct_asym.entity_id 
_struct_asym.details 
A N N 1 ? 
B N N 2 ? 
C N N 3 ? 
D N N 3 ? 
E N N 4 ? 
F N N 5 ? 
G N N 6 ? 
# 
_struct_biol.id   1 
# 
loop_
_struct_conf.conf_type_id 
_struct_conf.id 
_struct_conf.pdbx_PDB_helix_id 
_struct_conf.beg_label_comp_id 
_struct_conf.beg_label_asym_id 
_struct_conf.beg_label_seq_id 
_struct_conf.pdbx_beg_PDB_ins_code 
_struct_conf.end_label_comp_id 
_struct_conf.end_label_asym_id 
_struct_conf.end_label_seq_id 
_struct_conf.pdbx_end_PDB_ins_code 
_struct_conf.beg_auth_comp_id 
_struct_conf.beg_auth_asym_id 
_struct_conf.beg_auth_seq_id 
_struct_conf.end_auth_comp_id 
_struct_conf.end_auth_asym_id 
_struct_conf.end_auth_seq_id 
_struct_conf.pdbx_PDB_helix_class 
_struct_conf.details 
_struct_conf.pdbx_PDB_helix_length 
HELX_P HELX_P1 1 ALA A 12  ? LYS A 42  ? ALA A 12  LYS A 42  1 ? 31 
HELX_P HELX_P2 2 ASN A 46  ? HIS A 53  ? ASN A 46  HIS A 53  1 ? 8  
HELX_P HELX_P3 3 GLY A 55  ? TYR A 58  ? GLY A 55  TYR A 58  5 ? 4  
HELX_P HELX_P4 4 ASP A 62  ? PHE A 91  ? ASP A 62  PHE A 91  1 ? 30 
HELX_P HELX_P5 5 ASN A 95  ? GLY A 119 ? ASN A 95  GLY A 119 1 ? 25 
HELX_P HELX_P6 6 PRO A 124 ? HIS A 151 ? PRO A 124 HIS A 151 1 ? 28 
# 
_struct_conf_type.id          HELX_P 
_struct_conf_type.criteria    ? 
_struct_conf_type.reference   ? 
# 
_struct_mon_prot_cis.pdbx_id                1 
_struct_mon_prot_cis.label_comp_id          ALA 
_struct_mon_prot_cis.label_seq_id           123 
_struct_mon_prot_cis.label_asym_id          A 
_struct_mon_prot_cis.label_alt_id           . 
_struct_mon_prot_cis.pdbx_PDB_ins_code      ? 
_struct_mon_prot_cis.auth_comp_id           ALA 
_struct_mon_prot_cis.auth_seq_id            123 
_struct_mon_prot_cis.auth_asym_id           A 
_struct_mon_prot_cis.pdbx_label_comp_id_2   PRO 
_struct_mon_prot_cis.pdbx_label_seq_id_2    124 
_struct_mon_prot_cis.pdbx_label_asym_id_2   A 
_struct_mon_prot_cis.pdbx_PDB_ins_code_2    ? 
_struct_mon_prot_cis.pdbx_auth_comp_id_2    PRO 
_struct_mon_prot_cis.pdbx_auth_seq_id_2     124 
_struct_mon_prot_cis.pdbx_auth_asym_id_2    A 
_struct_mon_prot_cis.pdbx_PDB_model_num     1 
_struct_mon_prot_cis.pdbx_omega_angle       1.78 
# 
_atom_sites.entry_id                    4AL1 
_atom_sites.fract_transf_matrix[1][1]   0.00100523 
_atom_sites.fract_transf_matrix[1][2]   0.00648732 
_atom_sites.fract_transf_matrix[1][3]   0.01356499 
_atom_sites.fract_transf_matrix[2][1]   -0.00425112 
_atom_sites.fract_transf_matrix[2][2]   -0.00758051 
_atom_sites.fract_transf_matrix[2][3]   0.01231133 
_atom_sites.fract_transf_matrix[3][1]   0.00753069 
_atom_sites.fract_transf_matrix[3][2]   -0.00288710 
_atom_sites.fract_transf_matrix[3][3]   0.00082267 
_atom_sites.fract_transf_vector[1]      0.122083 
_atom_sites.fract_transf_vector[2]      -0.018469 
_atom_sites.fract_transf_vector[3]      0.000321 
# 
loop_
_atom_type.symbol 
C 
N 
O 
S 
# 
loop_
_atom_site.group_PDB 
_atom_site.id 
_atom_site.type_symbol 
_atom_site.label_atom_id 
_atom_site.label_alt_id 
_atom_site.label_comp_id 
_atom_site.label_asym_id 
_atom_site.label_entity_id 
_atom_site.label_seq_id 
_atom_site.pdbx_PDB_ins_code 
_atom_site.Cartn_x 
_atom_site.Cartn_y 
_atom_site.Cartn_z 
_atom_site.occupancy 
_atom_site.B_iso_or_equiv 
_atom_site.pdbx_formal_charge 
_atom_site.auth_seq_id 
_atom_site.auth_comp_id 
_atom_site.auth_asym_id 
_atom_site.auth_atom_id 
_atom_site.pdbx_PDB_model_num 
ATOM   1    N N     . SER A 1 10  ? 24.578  -8.326  0.307   1.00 32.14 ? 10   SER A N     1 
ATOM   2    C CA    . SER A 1 10  ? 23.562  -7.357  -0.202  1.00 31.31 ? 10   SER A CA    1 
ATOM   3    C C     . SER A 1 10  ? 23.251  -6.299  0.848   1.00 30.26 ? 10   SER A C     1 
ATOM   4    O O     . SER A 1 10  ? 22.315  -6.458  1.643   1.00 30.39 ? 10   SER A O     1 
ATOM   5    C CB    . SER A 1 10  ? 22.288  -8.083  -0.636  1.00 31.63 ? 10   SER A CB    1 
ATOM   6    O OG    . SER A 1 10  ? 22.564  -8.961  -1.714  1.00 33.31 ? 10   SER A OG    1 
ATOM   7    N N     . PRO A 1 11  ? 24.028  -5.199  0.846   1.00 28.95 ? 11   PRO A N     1 
ATOM   8    C CA    . PRO A 1 11  ? 23.947  -4.154  1.868   1.00 27.85 ? 11   PRO A CA    1 
ATOM   9    C C     . PRO A 1 11  ? 22.605  -3.420  1.873   1.00 26.11 ? 11   PRO A C     1 
ATOM   10   O O     . PRO A 1 11  ? 22.277  -2.763  2.855   1.00 26.83 ? 11   PRO A O     1 
ATOM   11   C CB    . PRO A 1 11  ? 25.052  -3.168  1.463   1.00 27.68 ? 11   PRO A CB    1 
ATOM   12   C CG    . PRO A 1 11  ? 25.906  -3.896  0.515   1.00 28.89 ? 11   PRO A CG    1 
ATOM   13   C CD    . PRO A 1 11  ? 25.040  -4.884  -0.175  1.00 29.36 ? 11   PRO A CD    1 
ATOM   14   N N     . ALA A 1 12  ? 21.859  -3.516  0.777   1.00 24.03 ? 12   ALA A N     1 
ATOM   15   C CA    . ALA A 1 12  ? 20.558  -2.844  0.661   1.00 21.64 ? 12   ALA A CA    1 
ATOM   16   C C     . ALA A 1 12  ? 19.414  -3.690  1.225   1.00 20.02 ? 12   ALA A C     1 
ATOM   17   O O     . ALA A 1 12  ? 18.325  -3.163  1.475   1.00 19.04 ? 12   ALA A O     1 
ATOM   18   C CB    . ALA A 1 12  ? 20.282  -2.495  -0.778  1.00 22.04 ? 12   ALA A CB    1 
ATOM   19   N N     . LEU A 1 13  ? 19.663  -4.986  1.425   1.00 18.17 ? 13   LEU A N     1 
ATOM   20   C CA    . LEU A 1 13  ? 18.615  -5.922  1.855   1.00 17.53 ? 13   LEU A CA    1 
ATOM   21   C C     . LEU A 1 13  ? 17.927  -5.589  3.197   1.00 16.48 ? 13   LEU A C     1 
ATOM   22   O O     . LEU A 1 13  ? 16.705  -5.636  3.264   1.00 16.59 ? 13   LEU A O     1 
ATOM   23   C CB    . LEU A 1 13  ? 19.098  -7.382  1.809   1.00 17.28 ? 13   LEU A CB    1 
ATOM   24   C CG    . LEU A 1 13  ? 18.035  -8.452  2.074   1.00 18.32 ? 13   LEU A CG    1 
ATOM   25   C CD1   . LEU A 1 13  ? 16.909  -8.382  1.011   1.00 18.38 ? 13   LEU A CD1   1 
ATOM   26   C CD2   . LEU A 1 13  ? 18.662  -9.843  2.134   1.00 18.54 ? 13   LEU A CD2   1 
ATOM   27   N N     . PRO A 1 14  ? 18.702  -5.270  4.268   1.00 15.97 ? 14   PRO A N     1 
ATOM   28   C CA    . PRO A 1 14  ? 18.056  -4.881  5.536   1.00 14.96 ? 14   PRO A CA    1 
ATOM   29   C C     . PRO A 1 14  ? 17.121  -3.673  5.382   1.00 14.51 ? 14   PRO A C     1 
ATOM   30   O O     . PRO A 1 14  ? 16.001  -3.694  5.904   1.00 14.95 ? 14   PRO A O     1 
ATOM   31   C CB    . PRO A 1 14  ? 19.246  -4.546  6.470   1.00 15.18 ? 14   PRO A CB    1 
ATOM   32   C CG    . PRO A 1 14  ? 20.418  -5.295  5.876   1.00 15.80 ? 14   PRO A CG    1 
ATOM   33   C CD    . PRO A 1 14  ? 20.177  -5.311  4.383   1.00 15.77 ? 14   PRO A CD    1 
ATOM   34   N N     . ALA A 1 15  ? 17.566  -2.643  4.670   1.00 13.81 ? 15   ALA A N     1 
ATOM   35   C CA    . ALA A 1 15  ? 16.719  -1.482  4.384   1.00 13.34 ? 15   ALA A CA    1 
ATOM   36   C C     . ALA A 1 15  ? 15.437  -1.892  3.636   1.00 12.83 ? 15   ALA A C     1 
ATOM   37   O O     . ALA A 1 15  ? 14.348  -1.472  4.010   1.00 12.61 ? 15   ALA A O     1 
ATOM   38   C CB    . ALA A 1 15  ? 17.487  -0.449  3.579   1.00 13.93 ? 15   ALA A CB    1 
ATOM   39   N N     . PHE A 1 16  ? 15.575  -2.723  2.603   1.00 12.20 ? 16   PHE A N     1 
ATOM   40   C CA    . PHE A 1 16  ? 14.397  -3.225  1.883   1.00 11.81 ? 16   PHE A CA    1 
ATOM   41   C C     . PHE A 1 16  ? 13.415  -3.961  2.803   1.00 11.51 ? 16   PHE A C     1 
ATOM   42   O O     . PHE A 1 16  ? 12.201  -3.697  2.777   1.00 10.78 ? 16   PHE A O     1 
ATOM   43   C CB    . PHE A 1 16  ? 14.765  -4.151  0.706   1.00 12.04 ? 16   PHE A CB    1 
ATOM   44   C CG    . PHE A 1 16  ? 13.561  -4.887  0.148   1.00 12.11 ? 16   PHE A CG    1 
ATOM   45   C CD1   . PHE A 1 16  ? 12.579  -4.190  -0.558  1.00 12.26 ? 16   PHE A CD1   1 
ATOM   46   C CD2   . PHE A 1 16  ? 13.360  -6.245  0.425   1.00 12.77 ? 16   PHE A CD2   1 
ATOM   47   C CE1   . PHE A 1 16  ? 11.443  -4.853  -1.044  1.00 10.72 ? 16   PHE A CE1   1 
ATOM   48   C CE2   . PHE A 1 16  ? 12.215  -6.919  -0.053  1.00 12.02 ? 16   PHE A CE2   1 
ATOM   49   C CZ    . PHE A 1 16  ? 11.268  -6.213  -0.792  1.00 12.77 ? 16   PHE A CZ    1 
ATOM   50   N N     . LEU A 1 17  ? 13.937  -4.885  3.609   1.00 11.31 ? 17   LEU A N     1 
ATOM   51   C CA    . LEU A 1 17  ? 13.098  -5.682  4.489   1.00 11.95 ? 17   LEU A CA    1 
ATOM   52   C C     . LEU A 1 17  ? 12.432  -4.834  5.563   1.00 12.75 ? 17   LEU A C     1 
ATOM   53   O O     . LEU A 1 17  ? 11.306  -5.109  5.953   1.00 13.09 ? 17   LEU A O     1 
ATOM   54   C CB    . LEU A 1 17  ? 13.900  -6.831  5.119   1.00 11.73 ? 17   LEU A CB    1 
ATOM   55   C CG    . LEU A 1 17  ? 14.408  -7.876  4.108   1.00 11.86 ? 17   LEU A CG    1 
ATOM   56   C CD1   . LEU A 1 17  ? 15.337  -8.903  4.765   1.00 12.45 ? 17   LEU A CD1   1 
ATOM   57   C CD2   . LEU A 1 17  ? 13.228  -8.578  3.420   1.00 11.45 ? 17   LEU A CD2   1 
ATOM   58   N N     . LEU A 1 18  ? 13.130  -3.814  6.054   1.00 12.87 ? 18   LEU A N     1 
ATOM   59   C CA    . LEU A 1 18  ? 12.533  -2.915  7.041   1.00 13.20 ? 18   LEU A CA    1 
ATOM   60   C C     . LEU A 1 18  ? 11.359  -2.130  6.429   1.00 12.81 ? 18   LEU A C     1 
ATOM   61   O O     . LEU A 1 18  ? 10.286  -2.082  7.021   1.00 12.63 ? 18   LEU A O     1 
ATOM   62   C CB    . LEU A 1 18  ? 13.565  -1.937  7.599   1.00 13.58 ? 18   LEU A CB    1 
ATOM   63   C CG    . LEU A 1 18  ? 12.984  -0.939  8.621   1.00 17.03 ? 18   LEU A CG    1 
ATOM   64   C CD1   . LEU A 1 18  ? 12.983  -1.565  9.991   1.00 19.54 ? 18   LEU A CD1   1 
ATOM   65   C CD2   . LEU A 1 18  ? 13.769  0.369   8.634   1.00 20.77 ? 18   LEU A CD2   1 
ATOM   66   N N     . CYS A 1 19  ? 11.580  -1.513  5.268   1.00 11.69 ? 19   CYS A N     1 
ATOM   67   C CA    . CYS A 1 19  ? 10.537  -0.706  4.598   1.00 11.15 ? 19   CYS A CA    1 
ATOM   68   C C     . CYS A 1 19  ? 9.353   -1.577  4.174   1.00 11.22 ? 19   CYS A C     1 
ATOM   69   O O     . CYS A 1 19  ? 8.191   -1.211  4.394   1.00 10.72 ? 19   CYS A O     1 
ATOM   70   C CB    . CYS A 1 19  ? 11.104  0.044   3.394   1.00 10.52 ? 19   CYS A CB    1 
ATOM   71   S SG    . CYS A 1 19  ? 12.283  1.355   3.836   1.00 10.41 ? 19   CYS A SG    1 
ATOM   72   N N     . SER A 1 20  ? 9.650   -2.742  3.602   1.00 11.08 ? 20   SER A N     1 
ATOM   73   C CA    . SER A 1 20  ? 8.592   -3.646  3.122   1.00 11.30 ? 20   SER A CA    1 
ATOM   74   C C     . SER A 1 20  ? 7.734   -4.146  4.266   1.00 11.39 ? 20   SER A C     1 
ATOM   75   O O     . SER A 1 20  ? 6.510   -4.206  4.156   1.00 11.28 ? 20   SER A O     1 
ATOM   76   C CB    . SER A 1 20  ? 9.206   -4.874  2.455   1.00 10.98 ? 20   SER A CB    1 
ATOM   77   O OG    . SER A 1 20  ? 9.913   -4.518  1.302   1.00 11.61 ? 20   SER A OG    1 
ATOM   78   N N     . THR A 1 21  ? 8.373   -4.504  5.375   1.00 11.22 ? 21   THR A N     1 
ATOM   79   C CA    . THR A 1 21  ? 7.620   -5.070  6.475   1.00 11.17 ? 21   THR A CA    1 
ATOM   80   C C     . THR A 1 21  ? 6.775   -3.996  7.168   1.00 11.41 ? 21   THR A C     1 
ATOM   81   O O     . THR A 1 21  ? 5.627   -4.253  7.552   1.00 11.02 ? 21   THR A O     1 
ATOM   82   C CB    . THR A 1 21  ? 8.492   -5.908  7.459   1.00 11.61 ? 21   THR A CB    1 
ATOM   83   O OG1   . THR A 1 21  ? 7.647   -6.721  8.280   1.00 12.87 ? 21   THR A OG1   1 
ATOM   84   C CG2   . THR A 1 21  ? 9.357   -5.035  8.331   1.00 11.77 ? 21   THR A CG2   1 
ATOM   85   N N     . LEU A 1 22  ? 7.310   -2.776  7.264   1.00 11.43 ? 22   LEU A N     1 
ATOM   86   C CA    . LEU A 1 22  ? 6.502   -1.658  7.743   1.00 11.47 ? 22   LEU A CA    1 
ATOM   87   C C     . LEU A 1 22  ? 5.277   -1.410  6.847   1.00 11.64 ? 22   LEU A C     1 
ATOM   88   O O     . LEU A 1 22  ? 4.179   -1.096  7.348   1.00 11.22 ? 22   LEU A O     1 
ATOM   89   C CB    . LEU A 1 22  ? 7.347   -0.393  7.835   1.00 10.85 ? 22   LEU A CB    1 
ATOM   90   C CG    . LEU A 1 22  ? 8.361   -0.332  8.981   1.00 13.11 ? 22   LEU A CG    1 
ATOM   91   C CD1   . LEU A 1 22  ? 9.268   0.863   8.774   1.00 12.20 ? 22   LEU A CD1   1 
ATOM   92   C CD2   . LEU A 1 22  ? 7.642   -0.251  10.315  1.00 12.57 ? 22   LEU A CD2   1 
ATOM   93   N N     . LEU A 1 23  ? 5.460   -1.521  5.533   1.00 10.92 ? 23   LEU A N     1 
ATOM   94   C CA    . LEU A 1 23  ? 4.321   -1.341  4.600   1.00 11.24 ? 23   LEU A CA    1 
ATOM   95   C C     . LEU A 1 23  ? 3.267   -2.443  4.708   1.00 10.82 ? 23   LEU A C     1 
ATOM   96   O O     . LEU A 1 23  ? 2.067   -2.183  4.574   1.00 10.99 ? 23   LEU A O     1 
ATOM   97   C CB    . LEU A 1 23  ? 4.804   -1.209  3.155   1.00 11.13 ? 23   LEU A CB    1 
ATOM   98   C CG    . LEU A 1 23  ? 5.506   0.132   2.942   1.00 13.43 ? 23   LEU A CG    1 
ATOM   99   C CD1   . LEU A 1 23  ? 6.313   0.120   1.666   1.00 16.28 ? 23   LEU A CD1   1 
ATOM   100  C CD2   . LEU A 1 23  ? 4.487   1.294   2.964   1.00 16.07 ? 23   LEU A CD2   1 
ATOM   101  N N     . VAL A 1 24  ? 3.711   -3.675  4.928   1.00 10.47 ? 24   VAL A N     1 
ATOM   102  C CA    . VAL A 1 24  ? 2.771   -4.759  5.179   1.00 9.86  ? 24   VAL A CA    1 
ATOM   103  C C     . VAL A 1 24  ? 1.970   -4.510  6.468   1.00 10.29 ? 24   VAL A C     1 
ATOM   104  O O     . VAL A 1 24  ? 0.736   -4.662  6.483   1.00 10.06 ? 24   VAL A O     1 
ATOM   105  C CB    . VAL A 1 24  ? 3.482   -6.149  5.206   1.00 10.17 ? 24   VAL A CB    1 
ATOM   106  C CG1   . VAL A 1 24  ? 2.538   -7.221  5.734   1.00 9.24  ? 24   VAL A CG1   1 
ATOM   107  C CG2   . VAL A 1 24  ? 4.002   -6.511  3.813   1.00 8.51  ? 24   VAL A CG2   1 
ATOM   108  N N     . ILE A 1 25  ? 2.662   -4.127  7.538   1.00 10.31 ? 25   ILE A N     1 
ATOM   109  C CA    . ILE A 1 25  ? 1.998   -3.775  8.783   1.00 11.36 ? 25   ILE A CA    1 
ATOM   110  C C     . ILE A 1 25  ? 1.015   -2.610  8.562   1.00 11.22 ? 25   ILE A C     1 
ATOM   111  O O     . ILE A 1 25  ? -0.092  -2.610  9.109   1.00 11.70 ? 25   ILE A O     1 
ATOM   112  C CB    . ILE A 1 25  ? 3.031   -3.431  9.920   1.00 11.45 ? 25   ILE A CB    1 
ATOM   113  C CG1   . ILE A 1 25  ? 3.802   -4.688  10.331  1.00 11.88 ? 25   ILE A CG1   1 
ATOM   114  C CG2   . ILE A 1 25  ? 2.320   -2.860  11.143  1.00 12.75 ? 25   ILE A CG2   1 
ATOM   115  C CD1   . ILE A 1 25  ? 5.118   -4.396  11.066  1.00 11.69 ? 25   ILE A CD1   1 
ATOM   116  N N     . LYS A 1 26  ? 1.413   -1.656  7.733   1.00 10.70 ? 26   LYS A N     1 
ATOM   117  C CA    . LYS A 1 26  ? 0.543   -0.517  7.360   1.00 11.06 ? 26   LYS A CA    1 
ATOM   118  C C     . LYS A 1 26  ? -0.723  -0.982  6.627   1.00 11.22 ? 26   LYS A C     1 
ATOM   119  O O     . LYS A 1 26  ? -1.811  -0.426  6.827   1.00 11.54 ? 26   LYS A O     1 
ATOM   120  C CB    . LYS A 1 26  ? 1.326   0.487   6.504   1.00 10.69 ? 26   LYS A CB    1 
ATOM   121  C CG    . LYS A 1 26  ? 0.545   1.812   6.186   1.00 11.28 ? 26   LYS A CG    1 
ATOM   122  C CD    . LYS A 1 26  ? 0.723   2.255   4.715   1.00 11.94 ? 26   LYS A CD    1 
ATOM   123  C CE    . LYS A 1 26  ? -0.024  1.311   3.749   1.00 13.78 ? 26   LYS A CE    1 
ATOM   124  N NZ    . LYS A 1 26  ? -1.529  1.408   3.833   1.00 14.62 ? 26   LYS A NZ    1 
ATOM   125  N N     . MET A 1 27  ? -0.590  -2.017  5.794   1.00 10.88 ? 27   MET A N     1 
ATOM   126  C CA    . MET A 1 27  ? -1.762  -2.639  5.169   1.00 10.76 ? 27   MET A CA    1 
ATOM   127  C C     . MET A 1 27  ? -2.645  -3.364  6.173   1.00 10.97 ? 27   MET A C     1 
ATOM   128  O O     . MET A 1 27  ? -3.870  -3.298  6.065   1.00 10.87 ? 27   MET A O     1 
ATOM   129  C CB    . MET A 1 27  ? -1.352  -3.598  4.042   1.00 10.88 ? 27   MET A CB    1 
ATOM   130  C CG    . MET A 1 27  ? -0.713  -2.873  2.827   1.00 10.63 ? 27   MET A CG    1 
ATOM   131  S SD    . MET A 1 27  ? -0.341  -3.979  1.443   1.00 10.02 ? 27   MET A SD    1 
ATOM   132  C CE    . MET A 1 27  ? -2.003  -4.383  0.929   1.00 8.24  ? 27   MET A CE    1 
ATOM   133  N N     . TYR A 1 28  ? -2.037  -4.075  7.128   1.00 11.13 ? 28   TYR A N     1 
ATOM   134  C CA    . TYR A 1 28  ? -2.814  -4.688  8.223   1.00 11.75 ? 28   TYR A CA    1 
ATOM   135  C C     . TYR A 1 28  ? -3.614  -3.624  9.007   1.00 11.95 ? 28   TYR A C     1 
ATOM   136  O O     . TYR A 1 28  ? -4.759  -3.860  9.404   1.00 11.79 ? 28   TYR A O     1 
ATOM   137  C CB    . TYR A 1 28  ? -1.902  -5.480  9.171   1.00 11.84 ? 28   TYR A CB    1 
ATOM   138  C CG    . TYR A 1 28  ? -1.258  -6.710  8.549   1.00 12.82 ? 28   TYR A CG    1 
ATOM   139  C CD1   . TYR A 1 28  ? -1.795  -7.309  7.399   1.00 12.86 ? 28   TYR A CD1   1 
ATOM   140  C CD2   . TYR A 1 28  ? -0.132  -7.301  9.132   1.00 13.26 ? 28   TYR A CD2   1 
ATOM   141  C CE1   . TYR A 1 28  ? -1.216  -8.450  6.836   1.00 12.66 ? 28   TYR A CE1   1 
ATOM   142  C CE2   . TYR A 1 28  ? 0.450   -8.441  8.574   1.00 12.81 ? 28   TYR A CE2   1 
ATOM   143  C CZ    . TYR A 1 28  ? -0.103  -9.008  7.427   1.00 11.37 ? 28   TYR A CZ    1 
ATOM   144  O OH    . TYR A 1 28  ? 0.452   -10.140 6.866   1.00 12.63 ? 28   TYR A OH    1 
ATOM   145  N N     . VAL A 1 29  ? -3.006  -2.464  9.225   1.00 12.70 ? 29   VAL A N     1 
ATOM   146  C CA    . VAL A 1 29  ? -3.683  -1.362  9.924   1.00 13.15 ? 29   VAL A CA    1 
ATOM   147  C C     . VAL A 1 29  ? -4.905  -0.892  9.138   1.00 12.69 ? 29   VAL A C     1 
ATOM   148  O O     . VAL A 1 29  ? -5.965  -0.638  9.720   1.00 13.43 ? 29   VAL A O     1 
ATOM   149  C CB    . VAL A 1 29  ? -2.731  -0.183  10.238  1.00 13.94 ? 29   VAL A CB    1 
ATOM   150  C CG1   . VAL A 1 29  ? -3.534  1.058   10.746  1.00 14.80 ? 29   VAL A CG1   1 
ATOM   151  C CG2   . VAL A 1 29  ? -1.692  -0.601  11.268  1.00 15.56 ? 29   VAL A CG2   1 
ATOM   152  N N     . VAL A 1 30  ? -4.774  -0.795  7.820   1.00 12.06 ? 30   VAL A N     1 
ATOM   153  C CA    . VAL A 1 30  ? -5.932  -0.490  6.959   1.00 11.43 ? 30   VAL A CA    1 
ATOM   154  C C     . VAL A 1 30  ? -7.035  -1.564  7.095   1.00 12.08 ? 30   VAL A C     1 
ATOM   155  O O     . VAL A 1 30  ? -8.215  -1.231  7.189   1.00 11.35 ? 30   VAL A O     1 
ATOM   156  C CB    . VAL A 1 30  ? -5.511  -0.284  5.486   1.00 11.57 ? 30   VAL A CB    1 
ATOM   157  C CG1   . VAL A 1 30  ? -6.727  -0.120  4.571   1.00 11.63 ? 30   VAL A CG1   1 
ATOM   158  C CG2   . VAL A 1 30  ? -4.596  0.948   5.387   1.00 10.10 ? 30   VAL A CG2   1 
ATOM   159  N N     . ALA A 1 31  ? -6.661  -2.844  7.118   1.00 12.03 ? 31   ALA A N     1 
ATOM   160  C CA    . ALA A 1 31  ? -7.675  -3.905  7.334   1.00 11.87 ? 31   ALA A CA    1 
ATOM   161  C C     . ALA A 1 31  ? -8.391  -3.744  8.674   1.00 11.94 ? 31   ALA A C     1 
ATOM   162  O O     . ALA A 1 31  ? -9.620  -3.874  8.757   1.00 11.34 ? 31   ALA A O     1 
ATOM   163  C CB    . ALA A 1 31  ? -7.038  -5.306  7.224   1.00 12.04 ? 31   ALA A CB    1 
ATOM   164  N N     . ILE A 1 32  ? -7.617  -3.461  9.719   1.00 12.58 ? 32   ILE A N     1 
ATOM   165  C CA    . ILE A 1 32  ? -8.159  -3.224  11.057  1.00 13.83 ? 32   ILE A CA    1 
ATOM   166  C C     . ILE A 1 32  ? -9.115  -2.032  11.054  1.00 13.91 ? 32   ILE A C     1 
ATOM   167  O O     . ILE A 1 32  ? -10.248 -2.154  11.521  1.00 14.02 ? 32   ILE A O     1 
ATOM   168  C CB    . ILE A 1 32  ? -7.031  -3.037  12.110  1.00 13.87 ? 32   ILE A CB    1 
ATOM   169  C CG1   . ILE A 1 32  ? -6.286  -4.366  12.322  1.00 14.22 ? 32   ILE A CG1   1 
ATOM   170  C CG2   . ILE A 1 32  ? -7.597  -2.495  13.428  1.00 15.41 ? 32   ILE A CG2   1 
ATOM   171  C CD1   . ILE A 1 32  ? -4.957  -4.266  13.071  1.00 14.40 ? 32   ILE A CD1   1 
ATOM   172  N N     . ILE A 1 33  ? -8.668  -0.904  10.499  1.00 13.40 ? 33   ILE A N     1 
ATOM   173  C CA    . ILE A 1 33  ? -9.521  0.299   10.382  1.00 13.31 ? 33   ILE A CA    1 
ATOM   174  C C     . ILE A 1 33  ? -10.834 -0.006  9.644   1.00 13.45 ? 33   ILE A C     1 
ATOM   175  O O     . ILE A 1 33  ? -11.910 0.412   10.085  1.00 13.74 ? 33   ILE A O     1 
ATOM   176  C CB    . ILE A 1 33  ? -8.770  1.462   9.710   1.00 13.46 ? 33   ILE A CB    1 
ATOM   177  C CG1   . ILE A 1 33  ? -7.688  2.000   10.664  1.00 13.12 ? 33   ILE A CG1   1 
ATOM   178  C CG2   . ILE A 1 33  ? -9.762  2.588   9.265   1.00 13.02 ? 33   ILE A CG2   1 
ATOM   179  C CD1   . ILE A 1 33  ? -6.679  2.979   10.000  1.00 13.34 ? 33   ILE A CD1   1 
ATOM   180  N N     . THR A 1 34  ? -10.746 -0.741  8.535   1.00 13.11 ? 34   THR A N     1 
ATOM   181  C CA    . THR A 1 34  ? -11.937 -1.107  7.756   1.00 13.54 ? 34   THR A CA    1 
ATOM   182  C C     . THR A 1 34  ? -12.937 -1.866  8.629   1.00 14.15 ? 34   THR A C     1 
ATOM   183  O O     . THR A 1 34  ? -14.136 -1.554  8.638   1.00 13.79 ? 34   THR A O     1 
ATOM   184  C CB    . THR A 1 34  ? -11.580 -1.977  6.513   1.00 13.53 ? 34   THR A CB    1 
ATOM   185  O OG1   . THR A 1 34  ? -10.574 -1.321  5.725   1.00 12.93 ? 34   THR A OG1   1 
ATOM   186  C CG2   . THR A 1 34  ? -12.819 -2.222  5.642   1.00 12.85 ? 34   THR A CG2   1 
ATOM   187  N N     . GLY A 1 35  ? -12.446 -2.862  9.357   1.00 15.08 ? 35   GLY A N     1 
ATOM   188  C CA    . GLY A 1 35  ? -13.309 -3.650  10.252  1.00 16.16 ? 35   GLY A CA    1 
ATOM   189  C C     . GLY A 1 35  ? -13.981 -2.779  11.302  1.00 16.90 ? 35   GLY A C     1 
ATOM   190  O O     . GLY A 1 35  ? -15.180 -2.930  11.562  1.00 16.96 ? 35   GLY A O     1 
ATOM   191  N N     . GLN A 1 36  ? -13.207 -1.878  11.911  1.00 17.73 ? 36   GLN A N     1 
ATOM   192  C CA    . GLN A 1 36  ? -13.734 -0.960  12.929  1.00 18.90 ? 36   GLN A CA    1 
ATOM   193  C C     . GLN A 1 36  ? -14.792 -0.027  12.353  1.00 18.32 ? 36   GLN A C     1 
ATOM   194  O O     . GLN A 1 36  ? -15.828 0.222   12.994  1.00 18.07 ? 36   GLN A O     1 
ATOM   195  C CB    . GLN A 1 36  ? -12.615 -0.141  13.575  1.00 18.96 ? 36   GLN A CB    1 
ATOM   196  C CG    . GLN A 1 36  ? -11.584 -0.979  14.333  1.00 21.12 ? 36   GLN A CG    1 
ATOM   197  C CD    . GLN A 1 36  ? -10.408 -0.147  14.840  1.00 23.10 ? 36   GLN A CD    1 
ATOM   198  O OE1   . GLN A 1 36  ? -10.060 0.899   14.268  1.00 29.61 ? 36   GLN A OE1   1 
ATOM   199  N NE2   . GLN A 1 36  ? -9.785  -0.612  15.924  1.00 29.66 ? 36   GLN A NE2   1 
ATOM   200  N N     . VAL A 1 37  ? -14.541 0.478   11.145  1.00 17.64 ? 37   VAL A N     1 
ATOM   201  C CA    . VAL A 1 37  ? -15.496 1.349   10.449  1.00 17.34 ? 37   VAL A CA    1 
ATOM   202  C C     . VAL A 1 37  ? -16.830 0.625   10.144  1.00 17.53 ? 37   VAL A C     1 
ATOM   203  O O     . VAL A 1 37  ? -17.907 1.186   10.374  1.00 17.20 ? 37   VAL A O     1 
ATOM   204  C CB    . VAL A 1 37  ? -14.849 2.024   9.195   1.00 17.16 ? 37   VAL A CB    1 
ATOM   205  C CG1   . VAL A 1 37  ? -15.875 2.799   8.378   1.00 17.58 ? 37   VAL A CG1   1 
ATOM   206  C CG2   . VAL A 1 37  ? -13.745 2.975   9.643   1.00 16.45 ? 37   VAL A CG2   1 
ATOM   207  N N     . ARG A 1 38  ? -16.758 -0.609  9.636   1.00 17.03 ? 38   ARG A N     1 
ATOM   208  C CA    . ARG A 1 38  ? -17.961 -1.441  9.425   1.00 17.44 ? 38   ARG A CA    1 
ATOM   209  C C     . ARG A 1 38  ? -18.789 -1.603  10.698  1.00 18.62 ? 38   ARG A C     1 
ATOM   210  O O     . ARG A 1 38  ? -20.024 -1.502  10.672  1.00 17.87 ? 38   ARG A O     1 
ATOM   211  C CB    . ARG A 1 38  ? -17.570 -2.836  8.933   1.00 17.52 ? 38   ARG A CB    1 
ATOM   212  C CG    . ARG A 1 38  ? -17.060 -2.885  7.502   1.00 15.65 ? 38   ARG A CG    1 
ATOM   213  C CD    . ARG A 1 38  ? -17.007 -4.348  7.004   1.00 16.38 ? 38   ARG A CD    1 
ATOM   214  N NE    . ARG A 1 38  ? -16.597 -4.469  5.598   1.00 14.79 ? 38   ARG A NE    1 
ATOM   215  C CZ    . ARG A 1 38  ? -17.383 -4.251  4.548   1.00 16.08 ? 38   ARG A CZ    1 
ATOM   216  N NH1   . ARG A 1 38  ? -18.656 -3.867  4.695   1.00 14.86 ? 38   ARG A NH1   1 
ATOM   217  N NH2   . ARG A 1 38  ? -16.890 -4.421  3.327   1.00 14.56 ? 38   ARG A NH2   1 
ATOM   218  N N     . LEU A 1 39  ? -18.095 -1.866  11.799  1.00 19.72 ? 39   LEU A N     1 
ATOM   219  C CA    . LEU A 1 39  ? -18.736 -2.075  13.090  1.00 22.17 ? 39   LEU A CA    1 
ATOM   220  C C     . LEU A 1 39  ? -19.358 -0.780  13.602  1.00 22.77 ? 39   LEU A C     1 
ATOM   221  O O     . LEU A 1 39  ? -20.513 -0.777  14.037  1.00 23.52 ? 39   LEU A O     1 
ATOM   222  C CB    . LEU A 1 39  ? -17.721 -2.621  14.099  1.00 21.96 ? 39   LEU A CB    1 
ATOM   223  C CG    . LEU A 1 39  ? -18.276 -3.389  15.300  1.00 24.41 ? 39   LEU A CG    1 
ATOM   224  C CD1   . LEU A 1 39  ? -19.014 -4.629  14.825  1.00 25.57 ? 39   LEU A CD1   1 
ATOM   225  C CD2   . LEU A 1 39  ? -17.150 -3.775  16.258  1.00 23.16 ? 39   LEU A CD2   1 
ATOM   226  N N     . ARG A 1 40  ? -18.604 0.316   13.517  1.00 23.47 ? 40   ARG A N     1 
ATOM   227  C CA    . ARG A 1 40  ? -19.062 1.638   13.984  1.00 24.60 ? 40   ARG A CA    1 
ATOM   228  C C     . ARG A 1 40  ? -20.215 2.216   13.150  1.00 24.08 ? 40   ARG A C     1 
ATOM   229  O O     . ARG A 1 40  ? -21.163 2.796   13.699  1.00 24.75 ? 40   ARG A O     1 
ATOM   230  C CB    . ARG A 1 40  ? -17.882 2.630   14.054  1.00 24.67 ? 40   ARG A CB    1 
ATOM   231  C CG    . ARG A 1 40  ? -17.026 2.539   15.336  1.00 26.89 ? 40   ARG A CG    1 
ATOM   232  C CD    . ARG A 1 40  ? -16.542 1.120   15.658  1.00 29.95 ? 40   ARG A CD    1 
ATOM   233  N NE    . ARG A 1 40  ? -15.338 1.101   16.488  1.00 33.05 ? 40   ARG A NE    1 
ATOM   234  C CZ    . ARG A 1 40  ? -14.586 0.022   16.704  1.00 34.26 ? 40   ARG A CZ    1 
ATOM   235  N NH1   . ARG A 1 40  ? -14.902 -1.140  16.148  1.00 35.35 ? 40   ARG A NH1   1 
ATOM   236  N NH2   . ARG A 1 40  ? -13.508 0.103   17.474  1.00 35.14 ? 40   ARG A NH2   1 
ATOM   237  N N     . LYS A 1 41  ? -20.141 2.052   11.832  1.00 22.82 ? 41   LYS A N     1 
ATOM   238  C CA    . LYS A 1 41  ? -21.175 2.558   10.938  1.00 22.14 ? 41   LYS A CA    1 
ATOM   239  C C     . LYS A 1 41  ? -22.313 1.551   10.737  1.00 21.17 ? 41   LYS A C     1 
ATOM   240  O O     . LYS A 1 41  ? -23.297 1.862   10.064  1.00 21.15 ? 41   LYS A O     1 
ATOM   241  C CB    . LYS A 1 41  ? -20.579 2.934   9.569   1.00 22.30 ? 41   LYS A CB    1 
ATOM   242  C CG    . LYS A 1 41  ? -19.556 4.091   9.565   1.00 24.24 ? 41   LYS A CG    1 
ATOM   243  C CD    . LYS A 1 41  ? -20.238 5.440   9.773   1.00 27.64 ? 41   LYS A CD    1 
ATOM   244  C CE    . LYS A 1 41  ? -19.692 6.503   8.850   1.00 29.83 ? 41   LYS A CE    1 
ATOM   245  N NZ    . LYS A 1 41  ? -20.374 6.527   7.516   1.00 29.81 ? 41   LYS A NZ    1 
ATOM   246  N N     . LYS A 1 42  ? -22.165 0.353   11.300  1.00 20.06 ? 42   LYS A N     1 
ATOM   247  C CA    . LYS A 1 42  ? -23.063 -0.778  11.032  1.00 19.83 ? 42   LYS A CA    1 
ATOM   248  C C     . LYS A 1 42  ? -23.347 -0.949  9.538   1.00 18.87 ? 42   LYS A C     1 
ATOM   249  O O     . LYS A 1 42  ? -24.490 -0.840  9.070   1.00 17.91 ? 42   LYS A O     1 
ATOM   250  C CB    . LYS A 1 42  ? -24.357 -0.682  11.867  1.00 20.40 ? 42   LYS A CB    1 
ATOM   251  C CG    . LYS A 1 42  ? -24.071 -0.661  13.359  1.00 21.27 ? 42   LYS A CG    1 
ATOM   252  C CD    . LYS A 1 42  ? -25.351 -0.588  14.205  1.00 22.21 ? 42   LYS A CD    1 
ATOM   253  C CE    . LYS A 1 42  ? -25.721 -1.952  14.748  1.00 25.43 ? 42   LYS A CE    1 
ATOM   254  N NZ    . LYS A 1 42  ? -24.755 -2.480  15.764  1.00 26.11 ? 42   LYS A NZ    1 
ATOM   255  N N     . ALA A 1 43  ? -22.279 -1.199  8.786   1.00 17.46 ? 43   ALA A N     1 
ATOM   256  C CA    . ALA A 1 43  ? -22.387 -1.383  7.349   1.00 16.69 ? 43   ALA A CA    1 
ATOM   257  C C     . ALA A 1 43  ? -21.601 -2.628  6.996   1.00 16.35 ? 43   ALA A C     1 
ATOM   258  O O     . ALA A 1 43  ? -20.363 -2.602  6.960   1.00 15.73 ? 43   ALA A O     1 
ATOM   259  C CB    . ALA A 1 43  ? -21.837 -0.166  6.613   1.00 16.07 ? 43   ALA A CB    1 
ATOM   260  N N     . PHE A 1 44  ? -22.325 -3.720  6.774   1.00 16.08 ? 44   PHE A N     1 
ATOM   261  C CA    . PHE A 1 44  ? -21.717 -5.020  6.528   1.00 16.14 ? 44   PHE A CA    1 
ATOM   262  C C     . PHE A 1 44  ? -21.997 -5.460  5.106   1.00 16.32 ? 44   PHE A C     1 
ATOM   263  O O     . PHE A 1 44  ? -23.019 -5.078  4.522   1.00 16.63 ? 44   PHE A O     1 
ATOM   264  C CB    . PHE A 1 44  ? -22.234 -6.039  7.560   1.00 15.78 ? 44   PHE A CB    1 
ATOM   265  C CG    . PHE A 1 44  ? -22.035 -5.581  8.983   1.00 16.77 ? 44   PHE A CG    1 
ATOM   266  C CD1   . PHE A 1 44  ? -20.789 -5.703  9.592   1.00 17.33 ? 44   PHE A CD1   1 
ATOM   267  C CD2   . PHE A 1 44  ? -23.076 -4.972  9.686   1.00 17.02 ? 44   PHE A CD2   1 
ATOM   268  C CE1   . PHE A 1 44  ? -20.584 -5.247  10.891  1.00 19.57 ? 44   PHE A CE1   1 
ATOM   269  C CE2   . PHE A 1 44  ? -22.880 -4.515  10.974  1.00 16.42 ? 44   PHE A CE2   1 
ATOM   270  C CZ    . PHE A 1 44  ? -21.636 -4.661  11.584  1.00 16.91 ? 44   PHE A CZ    1 
ATOM   271  N N     . ALA A 1 45  ? -21.091 -6.266  4.559   1.00 15.94 ? 45   ALA A N     1 
ATOM   272  C CA    . ALA A 1 45  ? -21.215 -6.782  3.193   1.00 15.92 ? 45   ALA A CA    1 
ATOM   273  C C     . ALA A 1 45  ? -21.997 -8.092  3.124   1.00 15.63 ? 45   ALA A C     1 
ATOM   274  O O     . ALA A 1 45  ? -22.451 -8.497  2.043   1.00 16.34 ? 45   ALA A O     1 
ATOM   275  C CB    . ALA A 1 45  ? -19.810 -6.967  2.574   1.00 15.90 ? 45   ALA A CB    1 
ATOM   276  N N     . ASN A 1 46  ? -22.158 -8.749  4.273   1.00 14.75 ? 46   ASN A N     1 
ATOM   277  C CA    . ASN A 1 46  ? -22.715 -10.097 4.343   1.00 14.48 ? 46   ASN A CA    1 
ATOM   278  C C     . ASN A 1 46  ? -23.925 -10.145 5.269   1.00 14.67 ? 46   ASN A C     1 
ATOM   279  O O     . ASN A 1 46  ? -23.885 -9.570  6.350   1.00 14.26 ? 46   ASN A O     1 
ATOM   280  C CB    . ASN A 1 46  ? -21.654 -11.071 4.869   1.00 13.89 ? 46   ASN A CB    1 
ATOM   281  C CG    . ASN A 1 46  ? -20.449 -11.148 3.964   1.00 15.31 ? 46   ASN A CG    1 
ATOM   282  O OD1   . ASN A 1 46  ? -20.552 -11.580 2.822   1.00 13.96 ? 46   ASN A OD1   1 
ATOM   283  N ND2   . ASN A 1 46  ? -19.311 -10.713 4.463   1.00 13.29 ? 46   ASN A ND2   1 
ATOM   284  N N     . PRO A 1 47  ? -25.001 -10.826 4.847   1.00 15.49 ? 47   PRO A N     1 
ATOM   285  C CA    . PRO A 1 47  ? -26.188 -10.906 5.721   1.00 15.57 ? 47   PRO A CA    1 
ATOM   286  C C     . PRO A 1 47  ? -25.896 -11.604 7.048   1.00 15.31 ? 47   PRO A C     1 
ATOM   287  O O     . PRO A 1 47  ? -26.452 -11.201 8.074   1.00 15.83 ? 47   PRO A O     1 
ATOM   288  C CB    . PRO A 1 47  ? -27.196 -11.707 4.892   1.00 15.48 ? 47   PRO A CB    1 
ATOM   289  C CG    . PRO A 1 47  ? -26.698 -11.627 3.484   1.00 17.42 ? 47   PRO A CG    1 
ATOM   290  C CD    . PRO A 1 47  ? -25.203 -11.537 3.579   1.00 15.40 ? 47   PRO A CD    1 
ATOM   291  N N     . GLU A 1 48  ? -25.026 -12.620 7.049   1.00 14.95 ? 48   GLU A N     1 
ATOM   292  C CA    . GLU A 1 48  ? -24.637 -13.264 8.313   1.00 14.94 ? 48   GLU A CA    1 
ATOM   293  C C     . GLU A 1 48  ? -24.007 -12.288 9.316   1.00 15.37 ? 48   GLU A C     1 
ATOM   294  O O     . GLU A 1 48  ? -24.259 -12.386 10.531  1.00 14.99 ? 48   GLU A O     1 
ATOM   295  C CB    . GLU A 1 48  ? -23.770 -14.528 8.104   1.00 14.64 ? 48   GLU A CB    1 
ATOM   296  C CG    . GLU A 1 48  ? -22.380 -14.312 7.439   1.00 15.27 ? 48   GLU A CG    1 
ATOM   297  C CD    . GLU A 1 48  ? -22.407 -14.412 5.916   1.00 15.94 ? 48   GLU A CD    1 
ATOM   298  O OE1   . GLU A 1 48  ? -23.441 -14.075 5.300   1.00 14.66 ? 48   GLU A OE1   1 
ATOM   299  O OE2   . GLU A 1 48  ? -21.385 -14.839 5.329   1.00 16.56 ? 48   GLU A OE2   1 
ATOM   300  N N     . ASP A 1 49  ? -23.211 -11.335 8.819   1.00 15.32 ? 49   ASP A N     1 
ATOM   301  C CA    . ASP A 1 49  ? -22.617 -10.308 9.684   1.00 15.85 ? 49   ASP A CA    1 
ATOM   302  C C     . ASP A 1 49  ? -23.687 -9.315  10.172  1.00 15.43 ? 49   ASP A C     1 
ATOM   303  O O     . ASP A 1 49  ? -23.770 -9.042  11.361  1.00 15.08 ? 49   ASP A O     1 
ATOM   304  C CB    . ASP A 1 49  ? -21.523 -9.497  8.975   1.00 16.37 ? 49   ASP A CB    1 
ATOM   305  C CG    . ASP A 1 49  ? -20.476 -10.348 8.244   1.00 18.24 ? 49   ASP A CG    1 
ATOM   306  O OD1   . ASP A 1 49  ? -20.286 -11.543 8.529   1.00 20.14 ? 49   ASP A OD1   1 
ATOM   307  O OD2   . ASP A 1 49  ? -19.804 -9.762  7.362   1.00 22.86 ? 49   ASP A OD2   1 
ATOM   308  N N     . ALA A 1 50  ? -24.471 -8.759  9.242   1.00 15.46 ? 50   ALA A N     1 
ATOM   309  C CA    . ALA A 1 50  ? -25.533 -7.791  9.577   1.00 15.65 ? 50   ALA A CA    1 
ATOM   310  C C     . ALA A 1 50  ? -26.490 -8.339  10.646  1.00 16.54 ? 50   ALA A C     1 
ATOM   311  O O     . ALA A 1 50  ? -26.824 -7.633  11.588  1.00 16.15 ? 50   ALA A O     1 
ATOM   312  C CB    . ALA A 1 50  ? -26.309 -7.400  8.332   1.00 15.91 ? 50   ALA A CB    1 
ATOM   313  N N     . LEU A 1 51  ? -26.895 -9.605  10.498  1.00 16.96 ? 51   LEU A N     1 
ATOM   314  C CA    . LEU A 1 51  ? -27.807 -10.257 11.438  1.00 18.25 ? 51   LEU A CA    1 
ATOM   315  C C     . LEU A 1 51  ? -27.221 -10.408 12.835  1.00 19.00 ? 51   LEU A C     1 
ATOM   316  O O     . LEU A 1 51  ? -27.935 -10.240 13.818  1.00 19.29 ? 51   LEU A O     1 
ATOM   317  C CB    . LEU A 1 51  ? -28.288 -11.610 10.905  1.00 18.03 ? 51   LEU A CB    1 
ATOM   318  C CG    . LEU A 1 51  ? -29.272 -11.595 9.730   1.00 19.19 ? 51   LEU A CG    1 
ATOM   319  C CD1   . LEU A 1 51  ? -29.499 -12.992 9.209   1.00 20.10 ? 51   LEU A CD1   1 
ATOM   320  C CD2   . LEU A 1 51  ? -30.597 -10.955 10.122  1.00 21.76 ? 51   LEU A CD2   1 
ATOM   321  N N     . ARG A 1 52  ? -25.931 -10.711 12.937  1.00 19.55 ? 52   ARG A N     1 
ATOM   322  C CA    . ARG A 1 52  ? -25.282 -10.750 14.253  1.00 20.58 ? 52   ARG A CA    1 
ATOM   323  C C     . ARG A 1 52  ? -25.236 -9.368  14.911  1.00 20.91 ? 52   ARG A C     1 
ATOM   324  O O     . ARG A 1 52  ? -25.282 -9.252  16.147  1.00 20.64 ? 52   ARG A O     1 
ATOM   325  C CB    . ARG A 1 52  ? -23.867 -11.328 14.150  1.00 20.98 ? 52   ARG A CB    1 
ATOM   326  C CG    . ARG A 1 52  ? -23.120 -11.350 15.481  1.00 22.81 ? 52   ARG A CG    1 
ATOM   327  C CD    . ARG A 1 52  ? -21.927 -12.262 15.444  1.00 26.31 ? 52   ARG A CD    1 
ATOM   328  N NE    . ARG A 1 52  ? -21.375 -12.455 16.779  1.00 30.10 ? 52   ARG A NE    1 
ATOM   329  C CZ    . ARG A 1 52  ? -20.304 -11.827 17.257  1.00 32.40 ? 52   ARG A CZ    1 
ATOM   330  N NH1   . ARG A 1 52  ? -19.628 -10.965 16.504  1.00 32.46 ? 52   ARG A NH1   1 
ATOM   331  N NH2   . ARG A 1 52  ? -19.897 -12.079 18.494  1.00 33.43 ? 52   ARG A NH2   1 
ATOM   332  N N     . HIS A 1 53  ? -25.167 -8.328  14.087  1.00 21.21 ? 53   HIS A N     1 
ATOM   333  C CA    . HIS A 1 53  ? -24.961 -6.962  14.588  1.00 22.54 ? 53   HIS A CA    1 
ATOM   334  C C     . HIS A 1 53  ? -26.169 -6.027  14.525  1.00 23.21 ? 53   HIS A C     1 
ATOM   335  O O     . HIS A 1 53  ? -26.005 -4.806  14.436  1.00 24.30 ? 53   HIS A O     1 
ATOM   336  C CB    . HIS A 1 53  ? -23.752 -6.324  13.894  1.00 22.45 ? 53   HIS A CB    1 
ATOM   337  C CG    . HIS A 1 53  ? -22.463 -7.007  14.211  1.00 23.48 ? 53   HIS A CG    1 
ATOM   338  N ND1   . HIS A 1 53  ? -21.796 -6.820  15.403  1.00 24.94 ? 53   HIS A ND1   1 
ATOM   339  C CD2   . HIS A 1 53  ? -21.732 -7.902  13.508  1.00 24.74 ? 53   HIS A CD2   1 
ATOM   340  C CE1   . HIS A 1 53  ? -20.704 -7.563  15.415  1.00 25.47 ? 53   HIS A CE1   1 
ATOM   341  N NE2   . HIS A 1 53  ? -20.643 -8.228  14.276  1.00 25.00 ? 53   HIS A NE2   1 
ATOM   342  N N     . GLY A 1 54  ? -27.380 -6.575  14.573  1.00 23.48 ? 54   GLY A N     1 
ATOM   343  C CA    . GLY A 1 54  ? -28.556 -5.718  14.711  1.00 23.35 ? 54   GLY A CA    1 
ATOM   344  C C     . GLY A 1 54  ? -29.696 -5.928  13.751  1.00 23.44 ? 54   GLY A C     1 
ATOM   345  O O     . GLY A 1 54  ? -30.815 -5.462  14.006  1.00 24.15 ? 54   GLY A O     1 
ATOM   346  N N     . GLY A 1 55  ? -29.432 -6.593  12.630  1.00 22.58 ? 55   GLY A N     1 
ATOM   347  C CA    . GLY A 1 55  ? -30.503 -6.891  11.686  1.00 22.00 ? 55   GLY A CA    1 
ATOM   348  C C     . GLY A 1 55  ? -30.135 -6.700  10.231  1.00 21.97 ? 55   GLY A C     1 
ATOM   349  O O     . GLY A 1 55  ? -29.070 -6.165  9.927   1.00 22.10 ? 55   GLY A O     1 
ATOM   350  N N     . PRO A 1 56  ? -31.027 -7.130  9.323   1.00 22.37 ? 56   PRO A N     1 
ATOM   351  C CA    . PRO A 1 56  ? -30.762 -7.188  7.884   1.00 22.76 ? 56   PRO A CA    1 
ATOM   352  C C     . PRO A 1 56  ? -30.561 -5.811  7.247   1.00 23.50 ? 56   PRO A C     1 
ATOM   353  O O     . PRO A 1 56  ? -29.939 -5.710  6.182   1.00 23.87 ? 56   PRO A O     1 
ATOM   354  C CB    . PRO A 1 56  ? -32.022 -7.864  7.318   1.00 22.88 ? 56   PRO A CB    1 
ATOM   355  C CG    . PRO A 1 56  ? -33.086 -7.628  8.337   1.00 22.66 ? 56   PRO A CG    1 
ATOM   356  C CD    . PRO A 1 56  ? -32.399 -7.568  9.658   1.00 22.06 ? 56   PRO A CD    1 
ATOM   357  N N     . GLN A 1 57  ? -31.087 -4.768  7.891   1.00 23.40 ? 57   GLN A N     1 
ATOM   358  C CA    . GLN A 1 57  ? -30.953 -3.399  7.393   1.00 23.68 ? 57   GLN A CA    1 
ATOM   359  C C     . GLN A 1 57  ? -29.505 -2.893  7.453   1.00 23.38 ? 57   GLN A C     1 
ATOM   360  O O     . GLN A 1 57  ? -29.180 -1.896  6.821   1.00 23.66 ? 57   GLN A O     1 
ATOM   361  C CB    . GLN A 1 57  ? -31.897 -2.432  8.134   1.00 24.02 ? 57   GLN A CB    1 
ATOM   362  C CG    . GLN A 1 57  ? -31.513 -2.120  9.586   1.00 24.03 ? 57   GLN A CG    1 
ATOM   363  C CD    . GLN A 1 57  ? -32.031 -3.147  10.608  1.00 26.57 ? 57   GLN A CD    1 
ATOM   364  O OE1   . GLN A 1 57  ? -32.396 -4.284  10.273  1.00 24.64 ? 57   GLN A OE1   1 
ATOM   365  N NE2   . GLN A 1 57  ? -32.042 -2.742  11.870  1.00 27.69 ? 57   GLN A NE2   1 
ATOM   366  N N     . TYR A 1 58  ? -28.655 -3.587  8.208   1.00 22.45 ? 58   TYR A N     1 
ATOM   367  C CA    . TYR A 1 58  ? -27.236 -3.253  8.296   1.00 22.48 ? 58   TYR A CA    1 
ATOM   368  C C     . TYR A 1 58  ? -26.370 -3.967  7.248   1.00 21.50 ? 58   TYR A C     1 
ATOM   369  O O     . TYR A 1 58  ? -25.146 -3.814  7.235   1.00 20.64 ? 58   TYR A O     1 
ATOM   370  C CB    . TYR A 1 58  ? -26.720 -3.515  9.708   1.00 23.19 ? 58   TYR A CB    1 
ATOM   371  C CG    . TYR A 1 58  ? -27.444 -2.682  10.743  1.00 25.02 ? 58   TYR A CG    1 
ATOM   372  C CD1   . TYR A 1 58  ? -27.523 -1.289  10.613  1.00 24.70 ? 58   TYR A CD1   1 
ATOM   373  C CD2   . TYR A 1 58  ? -28.055 -3.279  11.841  1.00 25.79 ? 58   TYR A CD2   1 
ATOM   374  C CE1   . TYR A 1 58  ? -28.189 -0.510  11.570  1.00 26.58 ? 58   TYR A CE1   1 
ATOM   375  C CE2   . TYR A 1 58  ? -28.726 -2.509  12.801  1.00 26.45 ? 58   TYR A CE2   1 
ATOM   376  C CZ    . TYR A 1 58  ? -28.788 -1.133  12.659  1.00 25.87 ? 58   TYR A CZ    1 
ATOM   377  O OH    . TYR A 1 58  ? -29.444 -0.374  13.609  1.00 27.79 ? 58   TYR A OH    1 
ATOM   378  N N     . CYS A 1 59  ? -27.011 -4.751  6.384   1.00 21.51 ? 59   CYS A N     1 
ATOM   379  C CA    . CYS A 1 59  ? -26.343 -5.297  5.206   1.00 21.13 ? 59   CYS A CA    1 
ATOM   380  C C     . CYS A 1 59  ? -26.473 -4.204  4.165   1.00 20.29 ? 59   CYS A C     1 
ATOM   381  O O     . CYS A 1 59  ? -27.481 -4.102  3.464   1.00 19.94 ? 59   CYS A O     1 
ATOM   382  C CB    . CYS A 1 59  ? -26.981 -6.611  4.739   1.00 21.46 ? 59   CYS A CB    1 
ATOM   383  S SG    . CYS A 1 59  ? -25.995 -7.496  3.485   1.00 24.22 ? 59   CYS A SG    1 
ATOM   384  N N     . ARG A 1 60  ? -25.461 -3.345  4.113   1.00 19.72 ? 60   ARG A N     1 
ATOM   385  C CA    . ARG A 1 60  ? -25.533 -2.140  3.300   1.00 18.91 ? 60   ARG A CA    1 
ATOM   386  C C     . ARG A 1 60  ? -24.141 -1.571  3.058   1.00 19.10 ? 60   ARG A C     1 
ATOM   387  O O     . ARG A 1 60  ? -23.213 -1.824  3.823   1.00 17.87 ? 60   ARG A O     1 
ATOM   388  C CB    . ARG A 1 60  ? -26.381 -1.070  3.992   1.00 18.72 ? 60   ARG A CB    1 
ATOM   389  C CG    . ARG A 1 60  ? -25.862 -0.676  5.362   1.00 18.79 ? 60   ARG A CG    1 
ATOM   390  C CD    . ARG A 1 60  ? -26.714 0.405   6.038   1.00 18.93 ? 60   ARG A CD    1 
ATOM   391  N NE    . ARG A 1 60  ? -26.200 0.707   7.369   1.00 19.75 ? 60   ARG A NE    1 
ATOM   392  C CZ    . ARG A 1 60  ? -26.658 1.669   8.167   1.00 21.88 ? 60   ARG A CZ    1 
ATOM   393  N NH1   . ARG A 1 60  ? -27.669 2.440   7.780   1.00 24.13 ? 60   ARG A NH1   1 
ATOM   394  N NH2   . ARG A 1 60  ? -26.111 1.857   9.357   1.00 20.26 ? 60   ARG A NH2   1 
ATOM   395  N N     . SER A 1 61  ? -24.025 -0.766  2.010   1.00 19.59 ? 61   SER A N     1 
ATOM   396  C CA    . SER A 1 61  ? -22.771 -0.082  1.727   1.00 20.86 ? 61   SER A CA    1 
ATOM   397  C C     . SER A 1 61  ? -22.684 1.218   2.518   1.00 20.64 ? 61   SER A C     1 
ATOM   398  O O     . SER A 1 61  ? -23.699 1.754   2.990   1.00 21.22 ? 61   SER A O     1 
ATOM   399  C CB    . SER A 1 61  ? -22.644 0.174   0.231   1.00 20.51 ? 61   SER A CB    1 
ATOM   400  O OG    . SER A 1 61  ? -23.659 1.063   -0.195  1.00 25.24 ? 61   SER A OG    1 
ATOM   401  N N     . ASP A 1 62  ? -21.465 1.720   2.677   1.00 20.43 ? 62   ASP A N     1 
ATOM   402  C CA    . ASP A 1 62  ? -21.219 2.949   3.405   1.00 19.89 ? 62   ASP A CA    1 
ATOM   403  C C     . ASP A 1 62  ? -20.005 3.646   2.772   1.00 19.87 ? 62   ASP A C     1 
ATOM   404  O O     . ASP A 1 62  ? -19.013 2.976   2.462   1.00 18.82 ? 62   ASP A O     1 
ATOM   405  C CB    . ASP A 1 62  ? -20.944 2.622   4.875   1.00 20.23 ? 62   ASP A CB    1 
ATOM   406  C CG    . ASP A 1 62  ? -20.599 3.844   5.689   1.00 22.01 ? 62   ASP A CG    1 
ATOM   407  O OD1   . ASP A 1 62  ? -19.401 4.197   5.767   1.00 22.50 ? 62   ASP A OD1   1 
ATOM   408  O OD2   . ASP A 1 62  ? -21.527 4.453   6.262   1.00 23.34 ? 62   ASP A OD2   1 
ATOM   409  N N     . PRO A 1 63  ? -20.074 4.984   2.578   1.00 19.52 ? 63   PRO A N     1 
ATOM   410  C CA    . PRO A 1 63  ? -18.984 5.692   1.877   1.00 19.10 ? 63   PRO A CA    1 
ATOM   411  C C     . PRO A 1 63  ? -17.649 5.611   2.603   1.00 18.15 ? 63   PRO A C     1 
ATOM   412  O O     . PRO A 1 63  ? -16.601 5.596   1.957   1.00 18.48 ? 63   PRO A O     1 
ATOM   413  C CB    . PRO A 1 63  ? -19.447 7.158   1.856   1.00 19.64 ? 63   PRO A CB    1 
ATOM   414  C CG    . PRO A 1 63  ? -20.881 7.142   2.195   1.00 20.58 ? 63   PRO A CG    1 
ATOM   415  C CD    . PRO A 1 63  ? -21.160 5.900   2.980   1.00 19.91 ? 63   PRO A CD    1 
ATOM   416  N N     . ASP A 1 64  ? -17.675 5.578   3.931   1.00 17.47 ? 64   ASP A N     1 
ATOM   417  C CA    . ASP A 1 64  ? -16.430 5.487   4.686   1.00 16.86 ? 64   ASP A CA    1 
ATOM   418  C C     . ASP A 1 64  ? -15.832 4.088   4.572   1.00 16.38 ? 64   ASP A C     1 
ATOM   419  O O     . ASP A 1 64  ? -14.622 3.955   4.461   1.00 15.52 ? 64   ASP A O     1 
ATOM   420  C CB    . ASP A 1 64  ? -16.621 5.871   6.144   1.00 17.42 ? 64   ASP A CB    1 
ATOM   421  C CG    . ASP A 1 64  ? -16.808 7.375   6.333   1.00 19.45 ? 64   ASP A CG    1 
ATOM   422  O OD1   . ASP A 1 64  ? -16.341 8.180   5.489   1.00 20.10 ? 64   ASP A OD1   1 
ATOM   423  O OD2   . ASP A 1 64  ? -17.435 7.747   7.336   1.00 22.87 ? 64   ASP A OD2   1 
ATOM   424  N N     . VAL A 1 65  ? -16.688 3.069   4.584   1.00 15.43 ? 65   VAL A N     1 
ATOM   425  C CA    . VAL A 1 65  ? -16.231 1.692   4.332   1.00 14.94 ? 65   VAL A CA    1 
ATOM   426  C C     . VAL A 1 65  ? -15.674 1.579   2.914   1.00 14.86 ? 65   VAL A C     1 
ATOM   427  O O     . VAL A 1 65  ? -14.593 1.012   2.703   1.00 15.11 ? 65   VAL A O     1 
ATOM   428  C CB    . VAL A 1 65  ? -17.353 0.652   4.564   1.00 15.04 ? 65   VAL A CB    1 
ATOM   429  C CG1   . VAL A 1 65  ? -16.882 -0.757  4.152   1.00 13.18 ? 65   VAL A CG1   1 
ATOM   430  C CG2   . VAL A 1 65  ? -17.787 0.658   6.038   1.00 14.52 ? 65   VAL A CG2   1 
ATOM   431  N N     . GLU A 1 66  ? -16.402 2.130   1.942   1.00 14.68 ? 66   GLU A N     1 
ATOM   432  C CA    . GLU A 1 66  ? -15.971 2.082   0.546   1.00 14.57 ? 66   GLU A CA    1 
ATOM   433  C C     . GLU A 1 66  ? -14.619 2.768   0.343   1.00 13.36 ? 66   GLU A C     1 
ATOM   434  O O     . GLU A 1 66  ? -13.776 2.268   -0.397  1.00 12.48 ? 66   GLU A O     1 
ATOM   435  C CB    . GLU A 1 66  ? -17.039 2.687   -0.385  1.00 15.18 ? 66   GLU A CB    1 
ATOM   436  C CG    . GLU A 1 66  ? -18.294 1.831   -0.491  1.00 16.23 ? 66   GLU A CG    1 
ATOM   437  C CD    . GLU A 1 66  ? -17.977 0.406   -0.869  1.00 18.15 ? 66   GLU A CD    1 
ATOM   438  O OE1   . GLU A 1 66  ? -17.420 0.186   -1.960  1.00 20.88 ? 66   GLU A OE1   1 
ATOM   439  O OE2   . GLU A 1 66  ? -18.258 -0.510  -0.070  1.00 20.17 ? 66   GLU A OE2   1 
ATOM   440  N N     . ARG A 1 67  ? -14.423 3.904   1.013   1.00 12.83 ? 67   ARG A N     1 
ATOM   441  C CA    . ARG A 1 67  ? -13.155 4.622   1.017   1.00 12.38 ? 67   ARG A CA    1 
ATOM   442  C C     . ARG A 1 67  ? -12.011 3.755   1.579   1.00 12.12 ? 67   ARG A C     1 
ATOM   443  O O     . ARG A 1 67  ? -10.900 3.735   1.024   1.00 10.74 ? 67   ARG A O     1 
ATOM   444  C CB    . ARG A 1 67  ? -13.292 5.920   1.832   1.00 13.14 ? 67   ARG A CB    1 
ATOM   445  C CG    . ARG A 1 67  ? -12.008 6.764   1.937   1.00 12.53 ? 67   ARG A CG    1 
ATOM   446  C CD    . ARG A 1 67  ? -12.296 8.094   2.641   1.00 13.53 ? 67   ARG A CD    1 
ATOM   447  N NE    . ARG A 1 67  ? -13.128 8.974   1.800   1.00 14.16 ? 67   ARG A NE    1 
ATOM   448  C CZ    . ARG A 1 67  ? -12.645 9.811   0.881   1.00 15.10 ? 67   ARG A CZ    1 
ATOM   449  N NH1   . ARG A 1 67  ? -11.330 9.904   0.672   1.00 13.31 ? 67   ARG A NH1   1 
ATOM   450  N NH2   . ARG A 1 67  ? -13.475 10.570  0.166   1.00 15.09 ? 67   ARG A NH2   1 
ATOM   451  N N     . CYS A 1 68  ? -12.273 3.052   2.684   1.00 11.31 ? 68   CYS A N     1 
ATOM   452  C CA    . CYS A 1 68  ? -11.262 2.178   3.279   1.00 11.20 ? 68   CYS A CA    1 
ATOM   453  C C     . CYS A 1 68  ? -10.876 1.082   2.288   1.00 10.50 ? 68   CYS A C     1 
ATOM   454  O O     . CYS A 1 68  ? -9.690  0.766   2.150   1.00 10.28 ? 68   CYS A O     1 
ATOM   455  C CB    . CYS A 1 68  ? -11.768 1.540   4.576   1.00 11.60 ? 68   CYS A CB    1 
ATOM   456  S SG    . CYS A 1 68  ? -11.863 2.675   5.989   1.00 13.87 ? 68   CYS A SG    1 
ATOM   457  N N     . LEU A 1 69  ? -11.878 0.498   1.632   1.00 10.09 ? 69   LEU A N     1 
ATOM   458  C CA    . LEU A 1 69  ? -11.651 -0.576  0.665   1.00 10.84 ? 69   LEU A CA    1 
ATOM   459  C C     . LEU A 1 69  ? -10.830 -0.088  -0.528  1.00 10.76 ? 69   LEU A C     1 
ATOM   460  O O     . LEU A 1 69  ? -9.958  -0.820  -1.017  1.00 11.00 ? 69   LEU A O     1 
ATOM   461  C CB    . LEU A 1 69  ? -12.971 -1.195  0.181   1.00 11.12 ? 69   LEU A CB    1 
ATOM   462  C CG    . LEU A 1 69  ? -13.787 -2.009  1.200   1.00 12.23 ? 69   LEU A CG    1 
ATOM   463  C CD1   . LEU A 1 69  ? -15.166 -2.308  0.635   1.00 13.84 ? 69   LEU A CD1   1 
ATOM   464  C CD2   . LEU A 1 69  ? -13.041 -3.295  1.545   1.00 13.11 ? 69   LEU A CD2   1 
ATOM   465  N N     . ARG A 1 70  ? -11.101 1.136   -0.989  1.00 9.84  ? 70   ARG A N     1 
ATOM   466  C CA    . ARG A 1 70  ? -10.309 1.735   -2.081  1.00 10.38 ? 70   ARG A CA    1 
ATOM   467  C C     . ARG A 1 70  ? -8.852  1.952   -1.683  1.00 10.25 ? 70   ARG A C     1 
ATOM   468  O O     . ARG A 1 70  ? -7.947  1.707   -2.487  1.00 10.95 ? 70   ARG A O     1 
ATOM   469  C CB    . ARG A 1 70  ? -10.912 3.075   -2.540  1.00 10.46 ? 70   ARG A CB    1 
ATOM   470  C CG    . ARG A 1 70  ? -12.221 2.940   -3.353  1.00 11.48 ? 70   ARG A CG    1 
ATOM   471  C CD    . ARG A 1 70  ? -12.592 4.261   -4.079  1.00 10.96 ? 70   ARG A CD    1 
ATOM   472  N NE    . ARG A 1 70  ? -12.826 5.401   -3.169  1.00 11.23 ? 70   ARG A NE    1 
ATOM   473  C CZ    . ARG A 1 70  ? -13.979 5.625   -2.535  1.00 14.36 ? 70   ARG A CZ    1 
ATOM   474  N NH1   . ARG A 1 70  ? -15.000 4.782   -2.690  1.00 14.38 ? 70   ARG A NH1   1 
ATOM   475  N NH2   . ARG A 1 70  ? -14.111 6.683   -1.735  1.00 13.78 ? 70   ARG A NH2   1 
ATOM   476  N N     . ALA A 1 71  ? -8.619  2.450   -0.468  1.00 9.35  ? 71   ALA A N     1 
ATOM   477  C CA    . ALA A 1 71  ? -7.246  2.626   0.027   1.00 9.53  ? 71   ALA A CA    1 
ATOM   478  C C     . ALA A 1 71  ? -6.520  1.267   0.059   1.00 9.48  ? 71   ALA A C     1 
ATOM   479  O O     . ALA A 1 71  ? -5.375  1.156   -0.382  1.00 8.99  ? 71   ALA A O     1 
ATOM   480  C CB    . ALA A 1 71  ? -7.257  3.261   1.406   1.00 9.43  ? 71   ALA A CB    1 
ATOM   481  N N     . HIS A 1 72  ? -7.220  0.241   0.540   1.00 9.12  ? 72   HIS A N     1 
ATOM   482  C CA    . HIS A 1 72  ? -6.639  -1.101  0.678   1.00 9.04  ? 72   HIS A CA    1 
ATOM   483  C C     . HIS A 1 72  ? -6.361  -1.652  -0.717  1.00 8.92  ? 72   HIS A C     1 
ATOM   484  O O     . HIS A 1 72  ? -5.291  -2.195  -0.976  1.00 9.69  ? 72   HIS A O     1 
ATOM   485  C CB    . HIS A 1 72  ? -7.586  -2.028  1.464   1.00 9.18  ? 72   HIS A CB    1 
ATOM   486  C CG    . HIS A 1 72  ? -6.905  -3.206  2.119   1.00 10.30 ? 72   HIS A CG    1 
ATOM   487  N ND1   . HIS A 1 72  ? -7.523  -3.971  3.088   1.00 11.09 ? 72   HIS A ND1   1 
ATOM   488  C CD2   . HIS A 1 72  ? -5.663  -3.726  1.968   1.00 12.10 ? 72   HIS A CD2   1 
ATOM   489  C CE1   . HIS A 1 72  ? -6.695  -4.927  3.489   1.00 11.92 ? 72   HIS A CE1   1 
ATOM   490  N NE2   . HIS A 1 72  ? -5.556  -4.799  2.827   1.00 11.80 ? 72   HIS A NE2   1 
ATOM   491  N N     A ARG A 1 73  ? -7.306  -1.483  -1.638  0.50 8.72  ? 73   ARG A N     1 
ATOM   492  N N     B ARG A 1 73  ? -7.283  -1.454  -1.652  0.50 8.72  ? 73   ARG A N     1 
ATOM   493  C CA    A ARG A 1 73  ? -7.073  -1.945  -2.998  0.50 8.91  ? 73   ARG A CA    1 
ATOM   494  C CA    B ARG A 1 73  ? -7.082  -1.930  -2.993  0.50 8.91  ? 73   ARG A CA    1 
ATOM   495  C C     A ARG A 1 73  ? -5.888  -1.236  -3.660  0.50 8.59  ? 73   ARG A C     1 
ATOM   496  C C     B ARG A 1 73  ? -5.900  -1.227  -3.657  0.50 8.59  ? 73   ARG A C     1 
ATOM   497  O O     A ARG A 1 73  ? -5.071  -1.864  -4.341  0.50 7.94  ? 73   ARG A O     1 
ATOM   498  O O     B ARG A 1 73  ? -5.054  -1.868  -4.175  0.50 7.94  ? 73   ARG A O     1 
ATOM   499  C CB    A ARG A 1 73  ? -8.346  -1.841  -3.872  0.50 8.84  ? 73   ARG A CB    1 
ATOM   500  C CB    B ARG A 1 73  ? -8.323  -1.807  -3.872  0.50 8.84  ? 73   ARG A CB    1 
ATOM   501  C CG    A ARG A 1 73  ? -8.048  -2.250  -5.301  0.50 11.11 ? 73   ARG A CG    1 
ATOM   502  C CG    B ARG A 1 73  ? -7.982  -2.127  -5.325  0.50 11.11 ? 73   ARG A CG    1 
ATOM   503  C CD    A ARG A 1 73  ? -9.287  -2.454  -6.132  0.50 11.32 ? 73   ARG A CD    1 
ATOM   504  C CD    B ARG A 1 73  ? -9.121  -1.994  -6.316  0.50 11.32 ? 73   ARG A CD    1 
ATOM   505  N NE    A ARG A 1 73  ? -8.886  -2.486  -7.534  0.50 13.51 ? 73   ARG A NE    1 
ATOM   506  N NE    B ARG A 1 73  ? -9.873  -0.734  -6.201  0.50 13.51 ? 73   ARG A NE    1 
ATOM   507  C CZ    A ARG A 1 73  ? -9.613  -3.004  -8.519  0.50 11.93 ? 73   ARG A CZ    1 
ATOM   508  C CZ    B ARG A 1 73  ? -9.436  0.494   -6.512  0.50 11.93 ? 73   ARG A CZ    1 
ATOM   509  N NH1   A ARG A 1 73  ? -10.811 -3.532  -8.272  0.50 10.98 ? 73   ARG A NH1   1 
ATOM   510  N NH1   B ARG A 1 73  ? -8.203  0.709   -6.923  0.50 9.85  ? 73   ARG A NH1   1 
ATOM   511  N NH2   A ARG A 1 73  ? -9.137  -2.968  -9.746  0.50 9.85  ? 73   ARG A NH2   1 
ATOM   512  N NH2   B ARG A 1 73  ? -10.251 1.528   -6.361  0.50 10.98 ? 73   ARG A NH2   1 
ATOM   513  N N     . ASN A 1 74  ? -5.789  0.072   -3.462  1.00 8.60  ? 74   ASN A N     1 
ATOM   514  C CA    . ASN A 1 74  ? -4.680  0.823   -4.027  1.00 9.01  ? 74   ASN A CA    1 
ATOM   515  C C     . ASN A 1 74  ? -3.329  0.360   -3.468  1.00 9.22  ? 74   ASN A C     1 
ATOM   516  O O     . ASN A 1 74  ? -2.351  0.262   -4.218  1.00 8.85  ? 74   ASN A O     1 
ATOM   517  C CB    . ASN A 1 74  ? -4.880  2.335   -3.833  1.00 8.62  ? 74   ASN A CB    1 
ATOM   518  C CG    . ASN A 1 74  ? -3.889  3.152   -4.647  1.00 9.02  ? 74   ASN A CG    1 
ATOM   519  O OD1   . ASN A 1 74  ? -2.740  3.328   -4.246  1.00 9.20  ? 74   ASN A OD1   1 
ATOM   520  N ND2   . ASN A 1 74  ? -4.343  3.677   -5.794  1.00 8.96  ? 74   ASN A ND2   1 
ATOM   521  N N     . ASP A 1 75  ? -3.285  0.055   -2.168  1.00 9.52  ? 75   ASP A N     1 
ATOM   522  C CA    . ASP A 1 75  ? -2.128  -0.606  -1.559  1.00 10.05 ? 75   ASP A CA    1 
ATOM   523  C C     . ASP A 1 75  ? -1.768  -1.902  -2.312  1.00 10.09 ? 75   ASP A C     1 
ATOM   524  O O     . ASP A 1 75  ? -0.598  -2.142  -2.631  1.00 9.65  ? 75   ASP A O     1 
ATOM   525  C CB    . ASP A 1 75  ? -2.414  -0.970  -0.098  1.00 10.46 ? 75   ASP A CB    1 
ATOM   526  C CG    . ASP A 1 75  ? -2.353  0.213   0.851   1.00 12.16 ? 75   ASP A CG    1 
ATOM   527  O OD1   . ASP A 1 75  ? -2.057  1.370   0.451   1.00 12.33 ? 75   ASP A OD1   1 
ATOM   528  O OD2   . ASP A 1 75  ? -2.614  -0.042  2.047   1.00 12.42 ? 75   ASP A OD2   1 
ATOM   529  N N     . MET A 1 76  ? -2.767  -2.752  -2.579  1.00 10.13 ? 76   MET A N     1 
ATOM   530  C CA    . MET A 1 76  ? -2.516  -4.007  -3.304  1.00 10.80 ? 76   MET A CA    1 
ATOM   531  C C     . MET A 1 76  ? -2.006  -3.771  -4.717  1.00 10.49 ? 76   MET A C     1 
ATOM   532  O O     . MET A 1 76  ? -1.193  -4.553  -5.237  1.00 10.29 ? 76   MET A O     1 
ATOM   533  C CB    . MET A 1 76  ? -3.762  -4.902  -3.331  1.00 10.60 ? 76   MET A CB    1 
ATOM   534  C CG    . MET A 1 76  ? -4.217  -5.338  -1.917  1.00 11.49 ? 76   MET A CG    1 
ATOM   535  S SD    . MET A 1 76  ? -5.355  -6.726  -2.004  1.00 13.86 ? 76   MET A SD    1 
ATOM   536  C CE    . MET A 1 76  ? -6.882  -5.883  -2.430  1.00 15.96 ? 76   MET A CE    1 
ATOM   537  N N     . GLU A 1 77  ? -2.488  -2.703  -5.347  1.00 10.00 ? 77   GLU A N     1 
ATOM   538  C CA    . GLU A 1 77  ? -2.028  -2.340  -6.689  1.00 10.03 ? 77   GLU A CA    1 
ATOM   539  C C     . GLU A 1 77  ? -0.574  -1.875  -6.753  1.00 9.82  ? 77   GLU A C     1 
ATOM   540  O O     . GLU A 1 77  ? 0.052   -1.936  -7.830  1.00 9.58  ? 77   GLU A O     1 
ATOM   541  C CB    . GLU A 1 77  ? -2.971  -1.287  -7.315  1.00 10.08 ? 77   GLU A CB    1 
ATOM   542  C CG    . GLU A 1 77  ? -4.363  -1.854  -7.636  1.00 9.11  ? 77   GLU A CG    1 
ATOM   543  C CD    . GLU A 1 77  ? -5.387  -0.793  -8.046  1.00 11.74 ? 77   GLU A CD    1 
ATOM   544  O OE1   . GLU A 1 77  ? -5.039  0.411   -8.165  1.00 12.52 ? 77   GLU A OE1   1 
ATOM   545  O OE2   . GLU A 1 77  ? -6.550  -1.176  -8.281  1.00 11.05 ? 77   GLU A OE2   1 
ATOM   546  N N     . THR A 1 78  ? -0.029  -1.406  -5.624  1.00 9.55  ? 78   THR A N     1 
ATOM   547  C CA    . THR A 1 78  ? 1.293   -0.755  -5.622  1.00 9.52  ? 78   THR A CA    1 
ATOM   548  C C     . THR A 1 78  ? 2.332   -1.396  -4.701  1.00 9.56  ? 78   THR A C     1 
ATOM   549  O O     . THR A 1 78  ? 3.501   -1.592  -5.094  1.00 9.09  ? 78   THR A O     1 
ATOM   550  C CB    . THR A 1 78  ? 1.167   0.738   -5.226  1.00 9.93  ? 78   THR A CB    1 
ATOM   551  O OG1   . THR A 1 78  ? 0.464   0.833   -3.981  1.00 9.95  ? 78   THR A OG1   1 
ATOM   552  C CG2   . THR A 1 78  ? 0.398   1.492   -6.303  1.00 9.84  ? 78   THR A CG2   1 
ATOM   553  N N     . ILE A 1 79  ? 1.915   -1.725  -3.480  1.00 9.51  ? 79   ILE A N     1 
ATOM   554  C CA    . ILE A 1 79  ? 2.843   -2.292  -2.485  1.00 9.29  ? 79   ILE A CA    1 
ATOM   555  C C     . ILE A 1 79  ? 3.234   -3.712  -2.873  1.00 9.53  ? 79   ILE A C     1 
ATOM   556  O O     . ILE A 1 79  ? 4.396   -4.090  -2.738  1.00 9.03  ? 79   ILE A O     1 
ATOM   557  C CB    . ILE A 1 79  ? 2.256   -2.230  -1.044  1.00 9.43  ? 79   ILE A CB    1 
ATOM   558  C CG1   . ILE A 1 79  ? 2.131   -0.761  -0.601  1.00 10.48 ? 79   ILE A CG1   1 
ATOM   559  C CG2   . ILE A 1 79  ? 3.140   -3.011  -0.044  1.00 9.58  ? 79   ILE A CG2   1 
ATOM   560  C CD1   . ILE A 1 79  ? 1.302   -0.555  0.655   1.00 9.53  ? 79   ILE A CD1   1 
ATOM   561  N N     . TYR A 1 80  ? 2.280   -4.497  -3.380  1.00 9.28  ? 80   TYR A N     1 
ATOM   562  C CA    . TYR A 1 80  ? 2.619   -5.866  -3.778  1.00 10.28 ? 80   TYR A CA    1 
ATOM   563  C C     . TYR A 1 80  ? 3.723   -5.932  -4.852  1.00 10.67 ? 80   TYR A C     1 
ATOM   564  O O     . TYR A 1 80  ? 4.695   -6.685  -4.664  1.00 11.53 ? 80   TYR A O     1 
ATOM   565  C CB    . TYR A 1 80  ? 1.378   -6.695  -4.152  1.00 9.95  ? 80   TYR A CB    1 
ATOM   566  C CG    . TYR A 1 80  ? 0.409   -6.967  -3.004  1.00 9.86  ? 80   TYR A CG    1 
ATOM   567  C CD1   . TYR A 1 80  ? 0.792   -6.802  -1.674  1.00 9.79  ? 80   TYR A CD1   1 
ATOM   568  C CD2   . TYR A 1 80  ? -0.874  -7.447  -3.261  1.00 10.71 ? 80   TYR A CD2   1 
ATOM   569  C CE1   . TYR A 1 80  ? -0.102  -7.073  -0.628  1.00 8.85  ? 80   TYR A CE1   1 
ATOM   570  C CE2   . TYR A 1 80  ? -1.772  -7.701  -2.240  1.00 9.91  ? 80   TYR A CE2   1 
ATOM   571  C CZ    . TYR A 1 80  ? -1.372  -7.530  -0.926  1.00 10.74 ? 80   TYR A CZ    1 
ATOM   572  O OH    . TYR A 1 80  ? -2.261  -7.807  0.082   1.00 10.46 ? 80   TYR A OH    1 
ATOM   573  N N     . PRO A 1 81  ? 3.585   -5.177  -5.981  1.00 10.52 ? 81   PRO A N     1 
ATOM   574  C CA    . PRO A 1 81  ? 4.721   -5.100  -6.923  1.00 10.69 ? 81   PRO A CA    1 
ATOM   575  C C     . PRO A 1 81  ? 6.039   -4.618  -6.313  1.00 10.41 ? 81   PRO A C     1 
ATOM   576  O O     . PRO A 1 81  ? 7.084   -5.134  -6.683  1.00 9.84  ? 81   PRO A O     1 
ATOM   577  C CB    . PRO A 1 81  ? 4.262   -4.082  -7.978  1.00 11.25 ? 81   PRO A CB    1 
ATOM   578  C CG    . PRO A 1 81  ? 2.766   -4.142  -7.941  1.00 11.28 ? 81   PRO A CG    1 
ATOM   579  C CD    . PRO A 1 81  ? 2.404   -4.460  -6.501  1.00 10.99 ? 81   PRO A CD    1 
ATOM   580  N N     . PHE A 1 82  ? 5.999   -3.635  -5.416  1.00 10.43 ? 82   PHE A N     1 
ATOM   581  C CA    . PHE A 1 82  ? 7.232   -3.200  -4.720  1.00 10.66 ? 82   PHE A CA    1 
ATOM   582  C C     . PHE A 1 82  ? 7.916   -4.347  -3.960  1.00 10.82 ? 82   PHE A C     1 
ATOM   583  O O     . PHE A 1 82  ? 9.149   -4.460  -3.969  1.00 11.30 ? 82   PHE A O     1 
ATOM   584  C CB    . PHE A 1 82  ? 6.930   -2.029  -3.781  1.00 10.58 ? 82   PHE A CB    1 
ATOM   585  C CG    . PHE A 1 82  ? 8.096   -1.638  -2.883  1.00 11.27 ? 82   PHE A CG    1 
ATOM   586  C CD1   . PHE A 1 82  ? 9.056   -0.725  -3.319  1.00 10.50 ? 82   PHE A CD1   1 
ATOM   587  C CD2   . PHE A 1 82  ? 8.192   -2.155  -1.589  1.00 11.14 ? 82   PHE A CD2   1 
ATOM   588  C CE1   . PHE A 1 82  ? 10.130  -0.333  -2.465  1.00 10.35 ? 82   PHE A CE1   1 
ATOM   589  C CE2   . PHE A 1 82  ? 9.251   -1.796  -0.739  1.00 13.40 ? 82   PHE A CE2   1 
ATOM   590  C CZ    . PHE A 1 82  ? 10.225  -0.881  -1.185  1.00 11.82 ? 82   PHE A CZ    1 
ATOM   591  N N     . LEU A 1 83  ? 7.118   -5.186  -3.292  1.00 10.24 ? 83   LEU A N     1 
ATOM   592  C CA    . LEU A 1 83  ? 7.641   -6.351  -2.571  1.00 10.67 ? 83   LEU A CA    1 
ATOM   593  C C     . LEU A 1 83  ? 8.475   -7.253  -3.478  1.00 11.77 ? 83   LEU A C     1 
ATOM   594  O O     . LEU A 1 83  ? 9.539   -7.748  -3.077  1.00 12.65 ? 83   LEU A O     1 
ATOM   595  C CB    . LEU A 1 83  ? 6.504   -7.146  -1.901  1.00 10.65 ? 83   LEU A CB    1 
ATOM   596  C CG    . LEU A 1 83  ? 5.667   -6.423  -0.819  1.00 10.48 ? 83   LEU A CG    1 
ATOM   597  C CD1   . LEU A 1 83  ? 4.577   -7.318  -0.223  1.00 9.95  ? 83   LEU A CD1   1 
ATOM   598  C CD2   . LEU A 1 83  ? 6.550   -5.885  0.300   1.00 12.50 ? 83   LEU A CD2   1 
ATOM   599  N N     . PHE A 1 84  ? 8.006   -7.443  -4.710  1.00 11.31 ? 84   PHE A N     1 
ATOM   600  C CA    . PHE A 1 84  ? 8.739   -8.239  -5.706  1.00 11.67 ? 84   PHE A CA    1 
ATOM   601  C C     . PHE A 1 84  ? 9.958   -7.484  -6.249  1.00 11.68 ? 84   PHE A C     1 
ATOM   602  O O     . PHE A 1 84  ? 11.095  -7.981  -6.181  1.00 11.90 ? 84   PHE A O     1 
ATOM   603  C CB    . PHE A 1 84  ? 7.799   -8.623  -6.861  1.00 11.61 ? 84   PHE A CB    1 
ATOM   604  C CG    . PHE A 1 84  ? 8.489   -9.346  -7.970  1.00 13.04 ? 84   PHE A CG    1 
ATOM   605  C CD1   . PHE A 1 84  ? 8.851   -10.695 -7.821  1.00 13.60 ? 84   PHE A CD1   1 
ATOM   606  C CD2   . PHE A 1 84  ? 8.814   -8.683  -9.146  1.00 13.52 ? 84   PHE A CD2   1 
ATOM   607  C CE1   . PHE A 1 84  ? 9.511   -11.370 -8.855  1.00 15.49 ? 84   PHE A CE1   1 
ATOM   608  C CE2   . PHE A 1 84  ? 9.484   -9.350  -10.177 1.00 14.34 ? 84   PHE A CE2   1 
ATOM   609  C CZ    . PHE A 1 84  ? 9.824   -10.684 -10.032 1.00 13.34 ? 84   PHE A CZ    1 
ATOM   610  N N     . LEU A 1 85  ? 9.715   -6.279  -6.761  1.00 10.72 ? 85   LEU A N     1 
ATOM   611  C CA    . LEU A 1 85  ? 10.761  -5.455  -7.382  1.00 11.75 ? 85   LEU A CA    1 
ATOM   612  C C     . LEU A 1 85  ? 11.906  -5.118  -6.433  1.00 11.97 ? 85   LEU A C     1 
ATOM   613  O O     . LEU A 1 85  ? 13.078  -5.268  -6.796  1.00 11.50 ? 85   LEU A O     1 
ATOM   614  C CB    . LEU A 1 85  ? 10.171  -4.144  -7.932  1.00 11.07 ? 85   LEU A CB    1 
ATOM   615  C CG    . LEU A 1 85  ? 9.162   -4.235  -9.097  1.00 11.74 ? 85   LEU A CG    1 
ATOM   616  C CD1   . LEU A 1 85  ? 8.583   -2.857  -9.353  1.00 11.11 ? 85   LEU A CD1   1 
ATOM   617  C CD2   . LEU A 1 85  ? 9.801   -4.782  -10.370 1.00 11.79 ? 85   LEU A CD2   1 
ATOM   618  N N     . GLY A 1 86  ? 11.555  -4.629  -5.243  1.00 12.48 ? 86   GLY A N     1 
ATOM   619  C CA    . GLY A 1 86  ? 12.549  -4.237  -4.231  1.00 12.65 ? 86   GLY A CA    1 
ATOM   620  C C     . GLY A 1 86  ? 13.410  -5.405  -3.778  1.00 13.50 ? 86   GLY A C     1 
ATOM   621  O O     . GLY A 1 86  ? 14.613  -5.246  -3.541  1.00 13.73 ? 86   GLY A O     1 
ATOM   622  N N     . PHE A 1 87  ? 12.800  -6.581  -3.655  1.00 13.47 ? 87   PHE A N     1 
ATOM   623  C CA    . PHE A 1 87  ? 13.524  -7.791  -3.244  1.00 14.29 ? 87   PHE A CA    1 
ATOM   624  C C     . PHE A 1 87  ? 14.574  -8.192  -4.289  1.00 14.30 ? 87   PHE A C     1 
ATOM   625  O O     . PHE A 1 87  ? 15.756  -8.377  -3.962  1.00 13.67 ? 87   PHE A O     1 
ATOM   626  C CB    . PHE A 1 87  ? 12.560  -8.945  -2.964  1.00 15.28 ? 87   PHE A CB    1 
ATOM   627  C CG    . PHE A 1 87  ? 13.241  -10.187 -2.411  1.00 17.76 ? 87   PHE A CG    1 
ATOM   628  C CD1   . PHE A 1 87  ? 13.561  -10.281 -1.055  1.00 20.51 ? 87   PHE A CD1   1 
ATOM   629  C CD2   . PHE A 1 87  ? 13.587  -11.246 -3.259  1.00 21.54 ? 87   PHE A CD2   1 
ATOM   630  C CE1   . PHE A 1 87  ? 14.197  -11.423 -0.530  1.00 22.09 ? 87   PHE A CE1   1 
ATOM   631  C CE2   . PHE A 1 87  ? 14.236  -12.402 -2.755  1.00 22.39 ? 87   PHE A CE2   1 
ATOM   632  C CZ    . PHE A 1 87  ? 14.531  -12.491 -1.381  1.00 21.24 ? 87   PHE A CZ    1 
ATOM   633  N N     . VAL A 1 88  ? 14.141  -8.296  -5.545  1.00 14.06 ? 88   VAL A N     1 
ATOM   634  C CA    . VAL A 1 88  ? 15.044  -8.599  -6.675  1.00 14.05 ? 88   VAL A CA    1 
ATOM   635  C C     . VAL A 1 88  ? 16.144  -7.527  -6.799  1.00 14.56 ? 88   VAL A C     1 
ATOM   636  O O     . VAL A 1 88  ? 17.335  -7.845  -6.886  1.00 14.90 ? 88   VAL A O     1 
ATOM   637  C CB    . VAL A 1 88  ? 14.243  -8.720  -7.999  1.00 14.02 ? 88   VAL A CB    1 
ATOM   638  C CG1   . VAL A 1 88  ? 15.179  -8.830  -9.219  1.00 13.24 ? 88   VAL A CG1   1 
ATOM   639  C CG2   . VAL A 1 88  ? 13.287  -9.925  -7.941  1.00 12.04 ? 88   VAL A CG2   1 
ATOM   640  N N     . TYR A 1 89  ? 15.734  -6.261  -6.782  1.00 14.96 ? 89   TYR A N     1 
ATOM   641  C CA    . TYR A 1 89  ? 16.655  -5.131  -6.888  1.00 15.67 ? 89   TYR A CA    1 
ATOM   642  C C     . TYR A 1 89  ? 17.728  -5.157  -5.792  1.00 16.43 ? 89   TYR A C     1 
ATOM   643  O O     . TYR A 1 89  ? 18.903  -4.862  -6.055  1.00 17.08 ? 89   TYR A O     1 
ATOM   644  C CB    . TYR A 1 89  ? 15.837  -3.846  -6.843  1.00 15.58 ? 89   TYR A CB    1 
ATOM   645  C CG    . TYR A 1 89  ? 16.586  -2.542  -6.725  1.00 16.63 ? 89   TYR A CG    1 
ATOM   646  C CD1   . TYR A 1 89  ? 17.223  -1.959  -7.838  1.00 16.76 ? 89   TYR A CD1   1 
ATOM   647  C CD2   . TYR A 1 89  ? 16.618  -1.859  -5.512  1.00 16.28 ? 89   TYR A CD2   1 
ATOM   648  C CE1   . TYR A 1 89  ? 17.892  -0.718  -7.722  1.00 17.13 ? 89   TYR A CE1   1 
ATOM   649  C CE2   . TYR A 1 89  ? 17.269  -0.636  -5.389  1.00 17.98 ? 89   TYR A CE2   1 
ATOM   650  C CZ    . TYR A 1 89  ? 17.908  -0.075  -6.488  1.00 17.00 ? 89   TYR A CZ    1 
ATOM   651  O OH    . TYR A 1 89  ? 18.540  1.146   -6.337  1.00 18.63 ? 89   TYR A OH    1 
ATOM   652  N N     . SER A 1 90  ? 17.334  -5.524  -4.576  1.00 16.71 ? 90   SER A N     1 
ATOM   653  C CA    . SER A 1 90  ? 18.282  -5.612  -3.456  1.00 17.98 ? 90   SER A CA    1 
ATOM   654  C C     . SER A 1 90  ? 19.420  -6.603  -3.714  1.00 19.90 ? 90   SER A C     1 
ATOM   655  O O     . SER A 1 90  ? 20.505  -6.472  -3.133  1.00 20.10 ? 90   SER A O     1 
ATOM   656  C CB    . SER A 1 90  ? 17.560  -5.999  -2.172  1.00 17.52 ? 90   SER A CB    1 
ATOM   657  O OG    . SER A 1 90  ? 16.715  -4.949  -1.778  1.00 16.18 ? 90   SER A OG    1 
ATOM   658  N N     . PHE A 1 91  ? 19.175  -7.586  -4.577  1.00 21.41 ? 91   PHE A N     1 
ATOM   659  C CA    . PHE A 1 91  ? 20.192  -8.606  -4.873  1.00 23.34 ? 91   PHE A CA    1 
ATOM   660  C C     . PHE A 1 91  ? 21.046  -8.340  -6.104  1.00 24.46 ? 91   PHE A C     1 
ATOM   661  O O     . PHE A 1 91  ? 21.945  -9.124  -6.426  1.00 25.31 ? 91   PHE A O     1 
ATOM   662  C CB    . PHE A 1 91  ? 19.548  -9.986  -4.965  1.00 23.49 ? 91   PHE A CB    1 
ATOM   663  C CG    . PHE A 1 91  ? 19.225  -10.577 -3.638  1.00 24.13 ? 91   PHE A CG    1 
ATOM   664  C CD1   . PHE A 1 91  ? 20.215  -11.200 -2.889  1.00 25.84 ? 91   PHE A CD1   1 
ATOM   665  C CD2   . PHE A 1 91  ? 17.944  -10.493 -3.119  1.00 24.59 ? 91   PHE A CD2   1 
ATOM   666  C CE1   . PHE A 1 91  ? 19.925  -11.741 -1.639  1.00 26.31 ? 91   PHE A CE1   1 
ATOM   667  C CE2   . PHE A 1 91  ? 17.645  -11.027 -1.876  1.00 24.68 ? 91   PHE A CE2   1 
ATOM   668  C CZ    . PHE A 1 91  ? 18.632  -11.659 -1.138  1.00 25.09 ? 91   PHE A CZ    1 
ATOM   669  N N     . LEU A 1 92  ? 20.779  -7.236  -6.788  1.00 25.12 ? 92   LEU A N     1 
ATOM   670  C CA    . LEU A 1 92  ? 21.472  -6.943  -8.041  1.00 25.72 ? 92   LEU A CA    1 
ATOM   671  C C     . LEU A 1 92  ? 22.628  -5.950  -7.870  1.00 26.16 ? 92   LEU A C     1 
ATOM   672  O O     . LEU A 1 92  ? 23.174  -5.458  -8.852  1.00 26.62 ? 92   LEU A O     1 
ATOM   673  C CB    . LEU A 1 92  ? 20.478  -6.455  -9.102  1.00 25.32 ? 92   LEU A CB    1 
ATOM   674  C CG    . LEU A 1 92  ? 19.406  -7.452  -9.564  1.00 25.98 ? 92   LEU A CG    1 
ATOM   675  C CD1   . LEU A 1 92  ? 18.410  -6.764  -10.494 1.00 26.09 ? 92   LEU A CD1   1 
ATOM   676  C CD2   . LEU A 1 92  ? 20.008  -8.687  -10.231 1.00 26.76 ? 92   LEU A CD2   1 
ATOM   677  N N     . GLY A 1 93  ? 22.986  -5.658  -6.622  1.00 26.75 ? 93   GLY A N     1 
ATOM   678  C CA    . GLY A 1 93  ? 24.144  -4.813  -6.324  1.00 27.17 ? 93   GLY A CA    1 
ATOM   679  C C     . GLY A 1 93  ? 23.986  -3.323  -6.551  1.00 27.35 ? 93   GLY A C     1 
ATOM   680  O O     . GLY A 1 93  ? 24.893  -2.685  -7.098  1.00 27.90 ? 93   GLY A O     1 
ATOM   681  N N     . PRO A 1 94  ? 22.853  -2.734  -6.113  1.00 27.21 ? 94   PRO A N     1 
ATOM   682  C CA    . PRO A 1 94  ? 22.736  -1.290  -6.307  1.00 27.23 ? 94   PRO A CA    1 
ATOM   683  C C     . PRO A 1 94  ? 23.623  -0.554  -5.299  1.00 27.40 ? 94   PRO A C     1 
ATOM   684  O O     . PRO A 1 94  ? 23.971  -1.134  -4.270  1.00 27.76 ? 94   PRO A O     1 
ATOM   685  C CB    . PRO A 1 94  ? 21.259  -1.022  -6.005  1.00 27.18 ? 94   PRO A CB    1 
ATOM   686  C CG    . PRO A 1 94  ? 20.881  -2.077  -5.035  1.00 26.96 ? 94   PRO A CG    1 
ATOM   687  C CD    . PRO A 1 94  ? 21.680  -3.295  -5.412  1.00 26.99 ? 94   PRO A CD    1 
ATOM   688  N N     . ASN A 1 95  ? 23.997  0.692   -5.582  1.00 27.69 ? 95   ASN A N     1 
ATOM   689  C CA    . ASN A 1 95  ? 24.615  1.523   -4.547  1.00 28.28 ? 95   ASN A CA    1 
ATOM   690  C C     . ASN A 1 95  ? 23.644  1.562   -3.369  1.00 28.25 ? 95   ASN A C     1 
ATOM   691  O O     . ASN A 1 95  ? 22.467  1.863   -3.570  1.00 28.33 ? 95   ASN A O     1 
ATOM   692  C CB    . ASN A 1 95  ? 24.901  2.942   -5.052  1.00 28.23 ? 95   ASN A CB    1 
ATOM   693  C CG    . ASN A 1 95  ? 25.417  3.866   -3.950  1.00 29.92 ? 95   ASN A CG    1 
ATOM   694  O OD1   . ASN A 1 95  ? 24.640  4.543   -3.271  1.00 29.63 ? 95   ASN A OD1   1 
ATOM   695  N ND2   . ASN A 1 95  ? 26.737  3.890   -3.764  1.00 30.61 ? 95   ASN A ND2   1 
ATOM   696  N N     . PRO A 1 96  ? 24.124  1.247   -2.148  1.00 28.26 ? 96   PRO A N     1 
ATOM   697  C CA    . PRO A 1 96  ? 23.240  1.143   -0.988  1.00 28.09 ? 96   PRO A CA    1 
ATOM   698  C C     . PRO A 1 96  ? 22.494  2.435   -0.663  1.00 27.76 ? 96   PRO A C     1 
ATOM   699  O O     . PRO A 1 96  ? 21.336  2.368   -0.252  1.00 27.01 ? 96   PRO A O     1 
ATOM   700  C CB    . PRO A 1 96  ? 24.188  0.767   0.155   1.00 28.38 ? 96   PRO A CB    1 
ATOM   701  C CG    . PRO A 1 96  ? 25.382  0.188   -0.516  1.00 28.72 ? 96   PRO A CG    1 
ATOM   702  C CD    . PRO A 1 96  ? 25.524  0.964   -1.784  1.00 28.46 ? 96   PRO A CD    1 
ATOM   703  N N     . PHE A 1 97  ? 23.137  3.591   -0.850  1.00 27.52 ? 97   PHE A N     1 
ATOM   704  C CA    . PHE A 1 97  ? 22.468  4.866   -0.603  1.00 27.43 ? 97   PHE A CA    1 
ATOM   705  C C     . PHE A 1 97  ? 21.354  5.128   -1.612  1.00 26.39 ? 97   PHE A C     1 
ATOM   706  O O     . PHE A 1 97  ? 20.271  5.580   -1.243  1.00 26.24 ? 97   PHE A O     1 
ATOM   707  C CB    . PHE A 1 97  ? 23.442  6.047   -0.580  1.00 28.55 ? 97   PHE A CB    1 
ATOM   708  C CG    . PHE A 1 97  ? 22.765  7.370   -0.350  1.00 30.16 ? 97   PHE A CG    1 
ATOM   709  C CD1   . PHE A 1 97  ? 22.413  7.773   0.940   1.00 32.63 ? 97   PHE A CD1   1 
ATOM   710  C CD2   . PHE A 1 97  ? 22.446  8.201   -1.419  1.00 32.67 ? 97   PHE A CD2   1 
ATOM   711  C CE1   . PHE A 1 97  ? 21.771  8.990   1.161   1.00 32.19 ? 97   PHE A CE1   1 
ATOM   712  C CE2   . PHE A 1 97  ? 21.801  9.423   -1.207  1.00 33.30 ? 97   PHE A CE2   1 
ATOM   713  C CZ    . PHE A 1 97  ? 21.466  9.814   0.092   1.00 32.95 ? 97   PHE A CZ    1 
ATOM   714  N N     . VAL A 1 98  ? 21.639  4.860   -2.884  1.00 25.36 ? 98   VAL A N     1 
ATOM   715  C CA    . VAL A 1 98  ? 20.636  4.979   -3.947  1.00 23.98 ? 98   VAL A CA    1 
ATOM   716  C C     . VAL A 1 98  ? 19.462  4.031   -3.653  1.00 23.15 ? 98   VAL A C     1 
ATOM   717  O O     . VAL A 1 98  ? 18.300  4.436   -3.761  1.00 22.21 ? 98   VAL A O     1 
ATOM   718  C CB    . VAL A 1 98  ? 21.249  4.694   -5.333  1.00 24.16 ? 98   VAL A CB    1 
ATOM   719  C CG1   . VAL A 1 98  ? 20.179  4.703   -6.427  1.00 24.27 ? 98   VAL A CG1   1 
ATOM   720  C CG2   . VAL A 1 98  ? 22.327  5.723   -5.647  1.00 24.13 ? 98   VAL A CG2   1 
ATOM   721  N N     . ALA A 1 99  ? 19.773  2.793   -3.250  1.00 22.00 ? 99   ALA A N     1 
ATOM   722  C CA    . ALA A 1 99  ? 18.735  1.826   -2.854  1.00 21.96 ? 99   ALA A CA    1 
ATOM   723  C C     . ALA A 1 99  ? 17.898  2.355   -1.689  1.00 21.67 ? 99   ALA A C     1 
ATOM   724  O O     . ALA A 1 99  ? 16.671  2.328   -1.752  1.00 20.56 ? 99   ALA A O     1 
ATOM   725  C CB    . ALA A 1 99  ? 19.339  0.476   -2.516  1.00 21.75 ? 99   ALA A CB    1 
ATOM   726  N N     . TRP A 1 100 ? 18.568  2.849   -0.640  1.00 21.84 ? 100  TRP A N     1 
ATOM   727  C CA    . TRP A 1 100 ? 17.898  3.474   0.504   1.00 22.42 ? 100  TRP A CA    1 
ATOM   728  C C     . TRP A 1 100 ? 16.916  4.562   0.080   1.00 21.48 ? 100  TRP A C     1 
ATOM   729  O O     . TRP A 1 100 ? 15.791  4.610   0.574   1.00 20.78 ? 100  TRP A O     1 
ATOM   730  C CB    . TRP A 1 100 ? 18.915  4.076   1.477   1.00 24.75 ? 100  TRP A CB    1 
ATOM   731  C CG    . TRP A 1 100 ? 19.079  3.346   2.781   1.00 27.77 ? 100  TRP A CG    1 
ATOM   732  C CD1   . TRP A 1 100 ? 20.232  2.761   3.263   1.00 30.93 ? 100  TRP A CD1   1 
ATOM   733  C CD2   . TRP A 1 100 ? 18.080  3.160   3.806   1.00 31.00 ? 100  TRP A CD2   1 
ATOM   734  N NE1   . TRP A 1 100 ? 20.001  2.215   4.512   1.00 31.30 ? 100  TRP A NE1   1 
ATOM   735  C CE2   . TRP A 1 100 ? 18.694  2.444   4.865   1.00 31.49 ? 100  TRP A CE2   1 
ATOM   736  C CE3   . TRP A 1 100 ? 16.724  3.516   3.925   1.00 30.23 ? 100  TRP A CE3   1 
ATOM   737  C CZ2   . TRP A 1 100 ? 17.996  2.083   6.027   1.00 30.77 ? 100  TRP A CZ2   1 
ATOM   738  C CZ3   . TRP A 1 100 ? 16.034  3.155   5.071   1.00 29.94 ? 100  TRP A CZ3   1 
ATOM   739  C CH2   . TRP A 1 100 ? 16.670  2.446   6.111   1.00 30.07 ? 100  TRP A CH2   1 
ATOM   740  N N     . MET A 1 101 ? 17.340  5.424   -0.842  1.00 20.11 ? 101  MET A N     1 
ATOM   741  C CA    . MET A 1 101 ? 16.483  6.499   -1.331  1.00 20.11 ? 101  MET A CA    1 
ATOM   742  C C     . MET A 1 101 ? 15.234  5.989   -2.050  1.00 18.59 ? 101  MET A C     1 
ATOM   743  O O     . MET A 1 101 ? 14.161  6.546   -1.856  1.00 17.96 ? 101  MET A O     1 
ATOM   744  C CB    . MET A 1 101 ? 17.253  7.480   -2.219  1.00 21.04 ? 101  MET A CB    1 
ATOM   745  C CG    . MET A 1 101 ? 18.217  8.432   -1.462  1.00 25.99 ? 101  MET A CG    1 
ATOM   746  S SD    . MET A 1 101 ? 17.512  9.274   -0.005  1.00 36.86 ? 101  MET A SD    1 
ATOM   747  C CE    . MET A 1 101 ? 18.163  8.273   1.339   1.00 34.21 ? 101  MET A CE    1 
ATOM   748  N N     . HIS A 1 102 ? 15.390  4.948   -2.873  1.00 17.09 ? 102  HIS A N     1 
ATOM   749  C CA    . HIS A 1 102 ? 14.249  4.311   -3.564  1.00 16.79 ? 102  HIS A CA    1 
ATOM   750  C C     . HIS A 1 102 ? 13.241  3.804   -2.538  1.00 15.73 ? 102  HIS A C     1 
ATOM   751  O O     . HIS A 1 102 ? 12.036  4.064   -2.651  1.00 15.15 ? 102  HIS A O     1 
ATOM   752  C CB    . HIS A 1 102 ? 14.721  3.115   -4.411  1.00 16.42 ? 102  HIS A CB    1 
ATOM   753  C CG    . HIS A 1 102 ? 15.257  3.485   -5.760  1.00 18.23 ? 102  HIS A CG    1 
ATOM   754  N ND1   . HIS A 1 102 ? 16.530  3.981   -5.948  1.00 19.36 ? 102  HIS A ND1   1 
ATOM   755  C CD2   . HIS A 1 102 ? 14.707  3.387   -6.993  1.00 16.22 ? 102  HIS A CD2   1 
ATOM   756  C CE1   . HIS A 1 102 ? 16.731  4.199   -7.236  1.00 18.12 ? 102  HIS A CE1   1 
ATOM   757  N NE2   . HIS A 1 102 ? 15.641  3.842   -7.892  1.00 18.63 ? 102  HIS A NE2   1 
ATOM   758  N N     . PHE A 1 103 ? 13.746  3.071   -1.544  1.00 14.94 ? 103  PHE A N     1 
ATOM   759  C CA    . PHE A 1 103 ? 12.897  2.448   -0.526  1.00 14.87 ? 103  PHE A CA    1 
ATOM   760  C C     . PHE A 1 103 ? 12.232  3.474   0.372   1.00 14.98 ? 103  PHE A C     1 
ATOM   761  O O     . PHE A 1 103 ? 11.064  3.318   0.723   1.00 14.06 ? 103  PHE A O     1 
ATOM   762  C CB    . PHE A 1 103 ? 13.664  1.446   0.355   1.00 14.41 ? 103  PHE A CB    1 
ATOM   763  C CG    . PHE A 1 103 ? 14.420  0.396   -0.409  1.00 14.28 ? 103  PHE A CG    1 
ATOM   764  C CD1   . PHE A 1 103 ? 13.950  -0.098  -1.633  1.00 12.87 ? 103  PHE A CD1   1 
ATOM   765  C CD2   . PHE A 1 103 ? 15.594  -0.137  0.123   1.00 13.11 ? 103  PHE A CD2   1 
ATOM   766  C CE1   . PHE A 1 103 ? 14.662  -1.082  -2.333  1.00 14.44 ? 103  PHE A CE1   1 
ATOM   767  C CE2   . PHE A 1 103 ? 16.311  -1.110  -0.565  1.00 13.81 ? 103  PHE A CE2   1 
ATOM   768  C CZ    . PHE A 1 103 ? 15.841  -1.596  -1.797  1.00 13.69 ? 103  PHE A CZ    1 
ATOM   769  N N     . LEU A 1 104 ? 12.984  4.504   0.761   1.00 15.12 ? 104  LEU A N     1 
ATOM   770  C CA    . LEU A 1 104 ? 12.442  5.567   1.603   1.00 15.06 ? 104  LEU A CA    1 
ATOM   771  C C     . LEU A 1 104 ? 11.363  6.401   0.913   1.00 14.44 ? 104  LEU A C     1 
ATOM   772  O O     . LEU A 1 104 ? 10.353  6.730   1.530   1.00 14.49 ? 104  LEU A O     1 
ATOM   773  C CB    . LEU A 1 104 ? 13.552  6.488   2.120   1.00 15.34 ? 104  LEU A CB    1 
ATOM   774  C CG    . LEU A 1 104 ? 14.321  6.038   3.368   1.00 16.26 ? 104  LEU A CG    1 
ATOM   775  C CD1   . LEU A 1 104 ? 15.306  7.119   3.782   1.00 18.12 ? 104  LEU A CD1   1 
ATOM   776  C CD2   . LEU A 1 104 ? 13.396  5.691   4.529   1.00 17.67 ? 104  LEU A CD2   1 
ATOM   777  N N     . VAL A 1 105 ? 11.585  6.765   -0.347  1.00 13.88 ? 105  VAL A N     1 
ATOM   778  C CA    . VAL A 1 105 ? 10.587  7.524   -1.111  1.00 13.98 ? 105  VAL A CA    1 
ATOM   779  C C     . VAL A 1 105 ? 9.288   6.698   -1.215  1.00 13.89 ? 105  VAL A C     1 
ATOM   780  O O     . VAL A 1 105 ? 8.185   7.233   -1.047  1.00 13.35 ? 105  VAL A O     1 
ATOM   781  C CB    . VAL A 1 105 ? 11.102  7.896   -2.525  1.00 13.88 ? 105  VAL A CB    1 
ATOM   782  C CG1   . VAL A 1 105 ? 9.971   8.416   -3.411  1.00 14.46 ? 105  VAL A CG1   1 
ATOM   783  C CG2   . VAL A 1 105 ? 12.210  8.957   -2.445  1.00 15.57 ? 105  VAL A CG2   1 
ATOM   784  N N     . PHE A 1 106 ? 9.429   5.399   -1.487  1.00 13.12 ? 106  PHE A N     1 
ATOM   785  C CA    . PHE A 1 106 ? 8.252   4.513   -1.506  1.00 13.30 ? 106  PHE A CA    1 
ATOM   786  C C     . PHE A 1 106 ? 7.535   4.438   -0.161  1.00 13.49 ? 106  PHE A C     1 
ATOM   787  O O     . PHE A 1 106 ? 6.320   4.642   -0.088  1.00 13.73 ? 106  PHE A O     1 
ATOM   788  C CB    . PHE A 1 106 ? 8.580   3.105   -2.007  1.00 12.28 ? 106  PHE A CB    1 
ATOM   789  C CG    . PHE A 1 106 ? 7.348   2.312   -2.340  1.00 11.90 ? 106  PHE A CG    1 
ATOM   790  C CD1   . PHE A 1 106 ? 6.582   2.647   -3.466  1.00 10.42 ? 106  PHE A CD1   1 
ATOM   791  C CD2   . PHE A 1 106 ? 6.926   1.277   -1.518  1.00 9.89  ? 106  PHE A CD2   1 
ATOM   792  C CE1   . PHE A 1 106 ? 5.433   1.936   -3.785  1.00 12.74 ? 106  PHE A CE1   1 
ATOM   793  C CE2   . PHE A 1 106 ? 5.758   0.563   -1.824  1.00 11.20 ? 106  PHE A CE2   1 
ATOM   794  C CZ    . PHE A 1 106 ? 5.018   0.893   -2.961  1.00 11.75 ? 106  PHE A CZ    1 
ATOM   795  N N     . LEU A 1 107 ? 8.281   4.168   0.906   1.00 13.44 ? 107  LEU A N     1 
ATOM   796  C CA    . LEU A 1 107 ? 7.686   4.094   2.233   1.00 13.31 ? 107  LEU A CA    1 
ATOM   797  C C     . LEU A 1 107 ? 6.944   5.383   2.605   1.00 13.16 ? 107  LEU A C     1 
ATOM   798  O O     . LEU A 1 107 ? 5.784   5.339   3.034   1.00 12.25 ? 107  LEU A O     1 
ATOM   799  C CB    . LEU A 1 107 ? 8.762   3.757   3.279   1.00 13.53 ? 107  LEU A CB    1 
ATOM   800  C CG    . LEU A 1 107 ? 8.357   3.827   4.751   1.00 14.55 ? 107  LEU A CG    1 
ATOM   801  C CD1   . LEU A 1 107 ? 7.347   2.740   5.062   1.00 14.74 ? 107  LEU A CD1   1 
ATOM   802  C CD2   . LEU A 1 107 ? 9.605   3.679   5.651   1.00 14.52 ? 107  LEU A CD2   1 
ATOM   803  N N     . VAL A 1 108 ? 7.608   6.528   2.443   1.00 13.15 ? 108  VAL A N     1 
ATOM   804  C CA    . VAL A 1 108 ? 7.013   7.818   2.837   1.00 13.62 ? 108  VAL A CA    1 
ATOM   805  C C     . VAL A 1 108 ? 5.814   8.166   1.947   1.00 13.06 ? 108  VAL A C     1 
ATOM   806  O O     . VAL A 1 108 ? 4.755   8.564   2.448   1.00 13.66 ? 108  VAL A O     1 
ATOM   807  C CB    . VAL A 1 108 ? 8.051   8.941   2.829   1.00 13.71 ? 108  VAL A CB    1 
ATOM   808  C CG1   . VAL A 1 108 ? 7.385   10.327  3.037   1.00 16.12 ? 108  VAL A CG1   1 
ATOM   809  C CG2   . VAL A 1 108 ? 9.098   8.668   3.919   1.00 14.18 ? 108  VAL A CG2   1 
ATOM   810  N N     . GLY A 1 109 ? 5.989   7.995   0.638   1.00 12.15 ? 109  GLY A N     1 
ATOM   811  C CA    . GLY A 1 109 ? 4.897   8.203   -0.323  1.00 11.02 ? 109  GLY A CA    1 
ATOM   812  C C     . GLY A 1 109 ? 3.664   7.353   -0.020  1.00 10.86 ? 109  GLY A C     1 
ATOM   813  O O     . GLY A 1 109 ? 2.535   7.846   -0.067  1.00 10.45 ? 109  GLY A O     1 
ATOM   814  N N     . ARG A 1 110 ? 3.871   6.068   0.277   1.00 9.93  ? 110  ARG A N     1 
ATOM   815  C CA    . ARG A 1 110 ? 2.750   5.176   0.585   1.00 9.79  ? 110  ARG A CA    1 
ATOM   816  C C     . ARG A 1 110 ? 2.059   5.477   1.903   1.00 10.07 ? 110  ARG A C     1 
ATOM   817  O O     . ARG A 1 110 ? 0.824   5.423   1.978   1.00 9.64  ? 110  ARG A O     1 
ATOM   818  C CB    . ARG A 1 110 ? 3.182   3.701   0.519   1.00 9.45  ? 110  ARG A CB    1 
ATOM   819  C CG    . ARG A 1 110 ? 3.492   3.245   -0.928  1.00 8.87  ? 110  ARG A CG    1 
ATOM   820  C CD    . ARG A 1 110 ? 2.404   3.672   -1.949  1.00 9.38  ? 110  ARG A CD    1 
ATOM   821  N NE    . ARG A 1 110 ? 1.053   3.157   -1.616  1.00 9.25  ? 110  ARG A NE    1 
ATOM   822  C CZ    . ARG A 1 110 ? -0.023  3.308   -2.394  1.00 10.27 ? 110  ARG A CZ    1 
ATOM   823  N NH1   . ARG A 1 110 ? 0.075   3.929   -3.578  1.00 10.39 ? 110  ARG A NH1   1 
ATOM   824  N NH2   . ARG A 1 110 ? -1.202  2.815   -2.009  1.00 10.40 ? 110  ARG A NH2   1 
ATOM   825  N N     . VAL A 1 111 ? 2.836   5.767   2.951   1.00 10.86 ? 111  VAL A N     1 
ATOM   826  C CA    . VAL A 1 111 ? 2.229   6.145   4.230   1.00 11.79 ? 111  VAL A CA    1 
ATOM   827  C C     . VAL A 1 111 ? 1.415   7.442   4.069   1.00 12.06 ? 111  VAL A C     1 
ATOM   828  O O     . VAL A 1 111 ? 0.279   7.540   4.547   1.00 12.53 ? 111  VAL A O     1 
ATOM   829  C CB    . VAL A 1 111 ? 3.266   6.274   5.391   1.00 12.05 ? 111  VAL A CB    1 
ATOM   830  C CG1   . VAL A 1 111 ? 2.593   6.813   6.638   1.00 12.41 ? 111  VAL A CG1   1 
ATOM   831  C CG2   . VAL A 1 111 ? 3.922   4.912   5.710   1.00 12.75 ? 111  VAL A CG2   1 
ATOM   832  N N     . ALA A 1 112 ? 2.008   8.423   3.398   1.00 12.19 ? 112  ALA A N     1 
ATOM   833  C CA    . ALA A 1 112 ? 1.328   9.668   3.073   1.00 12.55 ? 112  ALA A CA    1 
ATOM   834  C C     . ALA A 1 112 ? 0.058   9.436   2.241   1.00 12.76 ? 112  ALA A C     1 
ATOM   835  O O     . ALA A 1 112 ? -0.955  10.105  2.473   1.00 12.77 ? 112  ALA A O     1 
ATOM   836  C CB    . ALA A 1 112 ? 2.289   10.628  2.348   1.00 12.99 ? 112  ALA A CB    1 
ATOM   837  N N     . HIS A 1 113 ? 0.114   8.498   1.278   1.00 11.90 ? 113  HIS A N     1 
ATOM   838  C CA    . HIS A 1 113 ? -1.065  8.153   0.464   1.00 11.35 ? 113  HIS A CA    1 
ATOM   839  C C     . HIS A 1 113 ? -2.224  7.689   1.331   1.00 11.07 ? 113  HIS A C     1 
ATOM   840  O O     . HIS A 1 113 ? -3.357  8.167   1.182   1.00 10.29 ? 113  HIS A O     1 
ATOM   841  C CB    . HIS A 1 113 ? -0.727  7.081   -0.608  1.00 10.73 ? 113  HIS A CB    1 
ATOM   842  C CG    . HIS A 1 113 ? -1.864  6.770   -1.541  1.00 11.47 ? 113  HIS A CG    1 
ATOM   843  N ND1   . HIS A 1 113 ? -2.833  5.826   -1.252  1.00 11.56 ? 113  HIS A ND1   1 
ATOM   844  C CD2   . HIS A 1 113 ? -2.165  7.254   -2.768  1.00 10.33 ? 113  HIS A CD2   1 
ATOM   845  C CE1   . HIS A 1 113 ? -3.688  5.753   -2.258  1.00 12.10 ? 113  HIS A CE1   1 
ATOM   846  N NE2   . HIS A 1 113 ? -3.309  6.616   -3.189  1.00 11.47 ? 113  HIS A NE2   1 
ATOM   847  N N     . THR A 1 114 ? -1.954  6.763   2.248   1.00 10.88 ? 114  THR A N     1 
ATOM   848  C CA    . THR A 1 114 ? -3.011  6.266   3.125   1.00 11.66 ? 114  THR A CA    1 
ATOM   849  C C     . THR A 1 114 ? -3.561  7.377   4.055   1.00 12.14 ? 114  THR A C     1 
ATOM   850  O O     . THR A 1 114 ? -4.769  7.482   4.257   1.00 11.98 ? 114  THR A O     1 
ATOM   851  C CB    . THR A 1 114 ? -2.529  5.060   3.964   1.00 11.59 ? 114  THR A CB    1 
ATOM   852  O OG1   . THR A 1 114 ? -2.093  4.011   3.078   1.00 12.61 ? 114  THR A OG1   1 
ATOM   853  C CG2   . THR A 1 114 ? -3.676  4.524   4.825   1.00 12.31 ? 114  THR A CG2   1 
ATOM   854  N N     . VAL A 1 115 ? -2.679  8.196   4.617   1.00 12.25 ? 115  VAL A N     1 
ATOM   855  C CA    . VAL A 1 115 ? -3.141  9.370   5.400   1.00 13.47 ? 115  VAL A CA    1 
ATOM   856  C C     . VAL A 1 115 ? -4.021  10.313  4.562   1.00 13.58 ? 115  VAL A C     1 
ATOM   857  O O     . VAL A 1 115 ? -5.098  10.745  5.012   1.00 14.43 ? 115  VAL A O     1 
ATOM   858  C CB    . VAL A 1 115 ? -1.945  10.127  6.058   1.00 13.27 ? 115  VAL A CB    1 
ATOM   859  C CG1   . VAL A 1 115 ? -2.420  11.416  6.767   1.00 15.16 ? 115  VAL A CG1   1 
ATOM   860  C CG2   . VAL A 1 115 ? -1.253  9.222   7.065   1.00 14.50 ? 115  VAL A CG2   1 
ATOM   861  N N     . ALA A 1 116 ? -3.576  10.610  3.339   1.00 13.46 ? 116  ALA A N     1 
ATOM   862  C CA    . ALA A 1 116 ? -4.326  11.473  2.436   1.00 13.39 ? 116  ALA A CA    1 
ATOM   863  C C     . ALA A 1 116 ? -5.680  10.868  2.048   1.00 13.80 ? 116  ALA A C     1 
ATOM   864  O O     . ALA A 1 116 ? -6.694  11.588  1.933   1.00 13.60 ? 116  ALA A O     1 
ATOM   865  C CB    . ALA A 1 116 ? -3.503  11.779  1.179   1.00 13.84 ? 116  ALA A CB    1 
ATOM   866  N N     . TYR A 1 117 ? -5.704  9.548   1.865   1.00 12.48 ? 117  TYR A N     1 
ATOM   867  C CA    . TYR A 1 117 ? -6.922  8.874   1.422   1.00 12.73 ? 117  TYR A CA    1 
ATOM   868  C C     . TYR A 1 117 ? -7.954  8.798   2.550   1.00 13.10 ? 117  TYR A C     1 
ATOM   869  O O     . TYR A 1 117 ? -9.098  9.261   2.404   1.00 13.22 ? 117  TYR A O     1 
ATOM   870  C CB    . TYR A 1 117 ? -6.621  7.441   0.910   1.00 12.12 ? 117  TYR A CB    1 
ATOM   871  C CG    . TYR A 1 117 ? -7.503  7.026   -0.259  1.00 12.55 ? 117  TYR A CG    1 
ATOM   872  C CD1   . TYR A 1 117 ? -8.689  7.713   -0.531  1.00 12.21 ? 117  TYR A CD1   1 
ATOM   873  C CD2   . TYR A 1 117 ? -7.141  5.979   -1.110  1.00 9.94  ? 117  TYR A CD2   1 
ATOM   874  C CE1   . TYR A 1 117 ? -9.493  7.375   -1.607  1.00 12.57 ? 117  TYR A CE1   1 
ATOM   875  C CE2   . TYR A 1 117 ? -7.959  5.629   -2.201  1.00 11.42 ? 117  TYR A CE2   1 
ATOM   876  C CZ    . TYR A 1 117 ? -9.133  6.352   -2.428  1.00 11.47 ? 117  TYR A CZ    1 
ATOM   877  O OH    . TYR A 1 117 ? -9.955  6.081   -3.487  1.00 12.51 ? 117  TYR A OH    1 
ATOM   878  N N     . LEU A 1 118 ? -7.560  8.184   3.666   1.00 13.56 ? 118  LEU A N     1 
ATOM   879  C CA    . LEU A 1 118 ? -8.488  7.980   4.778   1.00 14.36 ? 118  LEU A CA    1 
ATOM   880  C C     . LEU A 1 118 ? -8.821  9.292   5.460   1.00 14.95 ? 118  LEU A C     1 
ATOM   881  O O     . LEU A 1 118 ? -9.902  9.425   6.029   1.00 15.10 ? 118  LEU A O     1 
ATOM   882  C CB    . LEU A 1 118 ? -7.939  6.976   5.791   1.00 13.74 ? 118  LEU A CB    1 
ATOM   883  C CG    . LEU A 1 118 ? -7.599  5.588   5.224   1.00 14.87 ? 118  LEU A CG    1 
ATOM   884  C CD1   . LEU A 1 118 ? -7.140  4.663   6.330   1.00 14.16 ? 118  LEU A CD1   1 
ATOM   885  C CD2   . LEU A 1 118 ? -8.767  4.981   4.459   1.00 14.12 ? 118  LEU A CD2   1 
ATOM   886  N N     . GLY A 1 119 ? -7.893  10.249  5.396   1.00 15.80 ? 119  GLY A N     1 
ATOM   887  C CA    . GLY A 1 119 ? -8.093  11.570  6.004   1.00 17.11 ? 119  GLY A CA    1 
ATOM   888  C C     . GLY A 1 119 ? -8.850  12.554  5.133   1.00 18.17 ? 119  GLY A C     1 
ATOM   889  O O     . GLY A 1 119 ? -9.096  13.707  5.547   1.00 18.54 ? 119  GLY A O     1 
ATOM   890  N N     . LYS A 1 120 ? -9.221  12.100  3.935   1.00 18.34 ? 120  LYS A N     1 
ATOM   891  C CA    . LYS A 1 120 ? -10.005 12.884  2.973   1.00 19.34 ? 120  LYS A CA    1 
ATOM   892  C C     . LYS A 1 120 ? -9.367  14.237  2.657   1.00 19.07 ? 120  LYS A C     1 
ATOM   893  O O     . LYS A 1 120 ? -10.059 15.260  2.594   1.00 19.22 ? 120  LYS A O     1 
ATOM   894  C CB    . LYS A 1 120 ? -11.459 13.048  3.446   1.00 19.10 ? 120  LYS A CB    1 
ATOM   895  C CG    . LYS A 1 120 ? -12.119 11.738  3.859   1.00 20.06 ? 120  LYS A CG    1 
ATOM   896  C CD    . LYS A 1 120 ? -13.543 11.933  4.350   1.00 21.42 ? 120  LYS A CD    1 
ATOM   897  C CE    . LYS A 1 120 ? -14.060 10.665  5.012   1.00 24.55 ? 120  LYS A CE    1 
ATOM   898  N NZ    . LYS A 1 120 ? -15.433 10.858  5.560   1.00 26.72 ? 120  LYS A NZ    1 
ATOM   899  N N     . LEU A 1 121 ? -8.048  14.233  2.464   1.00 18.38 ? 121  LEU A N     1 
ATOM   900  C CA    . LEU A 1 121 ? -7.318  15.462  2.170   1.00 18.34 ? 121  LEU A CA    1 
ATOM   901  C C     . LEU A 1 121 ? -7.625  15.929  0.757   1.00 18.20 ? 121  LEU A C     1 
ATOM   902  O O     . LEU A 1 121 ? -7.897  15.119  -0.127  1.00 17.11 ? 121  LEU A O     1 
ATOM   903  C CB    . LEU A 1 121 ? -5.807  15.282  2.365   1.00 18.19 ? 121  LEU A CB    1 
ATOM   904  C CG    . LEU A 1 121 ? -5.338  14.899  3.777   1.00 18.74 ? 121  LEU A CG    1 
ATOM   905  C CD1   . LEU A 1 121 ? -3.815  15.035  3.869   1.00 19.49 ? 121  LEU A CD1   1 
ATOM   906  C CD2   . LEU A 1 121 ? -6.025  15.703  4.874   1.00 20.38 ? 121  LEU A CD2   1 
ATOM   907  N N     . ARG A 1 122 ? -7.586  17.247  0.555   1.00 18.14 ? 122  ARG A N     1 
ATOM   908  C CA    . ARG A 1 122 ? -7.984  17.819  -0.727  1.00 18.45 ? 122  ARG A CA    1 
ATOM   909  C C     . ARG A 1 122 ? -7.101  17.312  -1.865  1.00 18.07 ? 122  ARG A C     1 
ATOM   910  O O     . ARG A 1 122 ? -5.926  16.981  -1.661  1.00 17.40 ? 122  ARG A O     1 
ATOM   911  C CB    . ARG A 1 122 ? -7.962  19.350  -0.674  1.00 19.03 ? 122  ARG A CB    1 
ATOM   912  C CG    . ARG A 1 122 ? -6.583  19.929  -0.479  1.00 21.89 ? 122  ARG A CG    1 
ATOM   913  C CD    . ARG A 1 122 ? -6.615  21.450  -0.585  1.00 28.77 ? 122  ARG A CD    1 
ATOM   914  N NE    . ARG A 1 122 ? -5.265  21.995  -0.689  1.00 33.38 ? 122  ARG A NE    1 
ATOM   915  C CZ    . ARG A 1 122 ? -4.472  22.251  0.352   1.00 37.49 ? 122  ARG A CZ    1 
ATOM   916  N NH1   . ARG A 1 122 ? -4.887  22.015  1.595   1.00 38.24 ? 122  ARG A NH1   1 
ATOM   917  N NH2   . ARG A 1 122 ? -3.255  22.741  0.146   1.00 39.25 ? 122  ARG A NH2   1 
ATOM   918  N N     . ALA A 1 123 ? -7.676  17.235  -3.060  1.00 17.71 ? 123  ALA A N     1 
ATOM   919  C CA    . ALA A 1 123 ? -6.905  16.895  -4.240  1.00 17.70 ? 123  ALA A CA    1 
ATOM   920  C C     . ALA A 1 123 ? -6.009  18.089  -4.596  1.00 18.07 ? 123  ALA A C     1 
ATOM   921  O O     . ALA A 1 123 ? -6.358  19.242  -4.292  1.00 18.69 ? 123  ALA A O     1 
ATOM   922  C CB    . ALA A 1 123 ? -7.839  16.523  -5.415  1.00 17.76 ? 123  ALA A CB    1 
ATOM   923  N N     . PRO A 1 124 ? -4.841  17.824  -5.214  1.00 17.93 ? 124  PRO A N     1 
ATOM   924  C CA    . PRO A 1 124 ? -4.322  16.516  -5.630  1.00 16.83 ? 124  PRO A CA    1 
ATOM   925  C C     . PRO A 1 124 ? -3.289  15.906  -4.662  1.00 16.59 ? 124  PRO A C     1 
ATOM   926  O O     . PRO A 1 124 ? -2.318  15.290  -5.117  1.00 16.72 ? 124  PRO A O     1 
ATOM   927  C CB    . PRO A 1 124 ? -3.632  16.869  -6.943  1.00 17.50 ? 124  PRO A CB    1 
ATOM   928  C CG    . PRO A 1 124 ? -2.989  18.226  -6.619  1.00 17.60 ? 124  PRO A CG    1 
ATOM   929  C CD    . PRO A 1 124 ? -3.922  18.910  -5.616  1.00 17.87 ? 124  PRO A CD    1 
ATOM   930  N N     . ILE A 1 125 ? -3.486  16.070  -3.358  1.00 15.12 ? 125  ILE A N     1 
ATOM   931  C CA    . ILE A 1 125 ? -2.522  15.564  -2.378  1.00 15.14 ? 125  ILE A CA    1 
ATOM   932  C C     . ILE A 1 125 ? -2.333  14.040  -2.511  1.00 14.76 ? 125  ILE A C     1 
ATOM   933  O O     . ILE A 1 125 ? -1.209  13.570  -2.649  1.00 13.99 ? 125  ILE A O     1 
ATOM   934  C CB    . ILE A 1 125 ? -2.886  15.982  -0.941  1.00 14.79 ? 125  ILE A CB    1 
ATOM   935  C CG1   . ILE A 1 125 ? -2.717  17.503  -0.792  1.00 15.56 ? 125  ILE A CG1   1 
ATOM   936  C CG2   . ILE A 1 125 ? -2.037  15.205  0.119   1.00 15.26 ? 125  ILE A CG2   1 
ATOM   937  C CD1   . ILE A 1 125 ? -3.292  18.082  0.504   1.00 16.25 ? 125  ILE A CD1   1 
ATOM   938  N N     . ARG A 1 126 ? -3.431  13.284  -2.499  1.00 14.17 ? 126  ARG A N     1 
ATOM   939  C CA    . ARG A 1 126 ? -3.335  11.836  -2.678  1.00 14.19 ? 126  ARG A CA    1 
ATOM   940  C C     . ARG A 1 126 ? -2.643  11.462  -4.002  1.00 14.36 ? 126  ARG A C     1 
ATOM   941  O O     . ARG A 1 126 ? -1.727  10.617  -4.016  1.00 14.65 ? 126  ARG A O     1 
ATOM   942  C CB    . ARG A 1 126 ? -4.719  11.186  -2.577  1.00 13.81 ? 126  ARG A CB    1 
ATOM   943  C CG    . ARG A 1 126 ? -4.674  9.662   -2.430  1.00 15.11 ? 126  ARG A CG    1 
ATOM   944  C CD    . ARG A 1 126 ? -6.060  9.055   -2.635  1.00 14.17 ? 126  ARG A CD    1 
ATOM   945  N NE    . ARG A 1 126 ? -6.483  9.102   -4.041  1.00 15.95 ? 126  ARG A NE    1 
ATOM   946  C CZ    . ARG A 1 126 ? -7.416  9.925   -4.513  1.00 16.77 ? 126  ARG A CZ    1 
ATOM   947  N NH1   . ARG A 1 126 ? -8.045  10.774  -3.700  1.00 14.66 ? 126  ARG A NH1   1 
ATOM   948  N NH2   . ARG A 1 126 ? -7.723  9.893   -5.797  1.00 19.12 ? 126  ARG A NH2   1 
ATOM   949  N N     . SER A 1 127 ? -3.054  12.088  -5.106  1.00 14.70 ? 127  SER A N     1 
ATOM   950  C CA    . SER A 1 127 ? -2.490  11.743  -6.410  1.00 14.95 ? 127  SER A CA    1 
ATOM   951  C C     . SER A 1 127 ? -0.998  12.065  -6.531  1.00 15.25 ? 127  SER A C     1 
ATOM   952  O O     . SER A 1 127 ? -0.248  11.314  -7.160  1.00 15.05 ? 127  SER A O     1 
ATOM   953  C CB    . SER A 1 127 ? -3.303  12.363  -7.559  1.00 15.41 ? 127  SER A CB    1 
ATOM   954  O OG    . SER A 1 127 ? -3.299  13.777  -7.491  1.00 18.20 ? 127  SER A OG    1 
ATOM   955  N N     . VAL A 1 128 ? -0.565  13.163  -5.917  1.00 15.11 ? 128  VAL A N     1 
ATOM   956  C CA    . VAL A 1 128 ? 0.871   13.488  -5.850  1.00 15.36 ? 128  VAL A CA    1 
ATOM   957  C C     . VAL A 1 128 ? 1.664   12.407  -5.092  1.00 14.85 ? 128  VAL A C     1 
ATOM   958  O O     . VAL A 1 128 ? 2.701   11.944  -5.570  1.00 13.92 ? 128  VAL A O     1 
ATOM   959  C CB    . VAL A 1 128 ? 1.099   14.883  -5.195  1.00 15.85 ? 128  VAL A CB    1 
ATOM   960  C CG1   . VAL A 1 128 ? 2.572   15.086  -4.804  1.00 16.41 ? 128  VAL A CG1   1 
ATOM   961  C CG2   . VAL A 1 128 ? 0.624   15.981  -6.129  1.00 16.52 ? 128  VAL A CG2   1 
ATOM   962  N N     . THR A 1 129 ? 1.175   12.011  -3.918  1.00 14.29 ? 129  THR A N     1 
ATOM   963  C CA    . THR A 1 129 ? 1.867   10.992  -3.109  1.00 14.57 ? 129  THR A CA    1 
ATOM   964  C C     . THR A 1 129 ? 1.919   9.650   -3.853  1.00 14.12 ? 129  THR A C     1 
ATOM   965  O O     . THR A 1 129 ? 2.934   8.946   -3.813  1.00 13.85 ? 129  THR A O     1 
ATOM   966  C CB    . THR A 1 129 ? 1.208   10.789  -1.709  1.00 14.90 ? 129  THR A CB    1 
ATOM   967  O OG1   . THR A 1 129 ? -0.098  10.241  -1.874  1.00 16.81 ? 129  THR A OG1   1 
ATOM   968  C CG2   . THR A 1 129 ? 1.094   12.113  -0.939  1.00 15.98 ? 129  THR A CG2   1 
ATOM   969  N N     . TYR A 1 130 ? 0.833   9.313   -4.547  1.00 13.11 ? 130  TYR A N     1 
ATOM   970  C CA    . TYR A 1 130 ? 0.794   8.101   -5.360  1.00 13.07 ? 130  TYR A CA    1 
ATOM   971  C C     . TYR A 1 130 ? 1.879   8.121   -6.429  1.00 13.16 ? 130  TYR A C     1 
ATOM   972  O O     . TYR A 1 130 ? 2.633   7.151   -6.601  1.00 11.64 ? 130  TYR A O     1 
ATOM   973  C CB    . TYR A 1 130 ? -0.555  7.954   -6.046  1.00 13.60 ? 130  TYR A CB    1 
ATOM   974  C CG    . TYR A 1 130 ? -0.637  6.714   -6.906  1.00 13.78 ? 130  TYR A CG    1 
ATOM   975  C CD1   . TYR A 1 130 ? -0.205  6.727   -8.230  1.00 15.04 ? 130  TYR A CD1   1 
ATOM   976  C CD2   . TYR A 1 130 ? -1.131  5.521   -6.379  1.00 14.29 ? 130  TYR A CD2   1 
ATOM   977  C CE1   . TYR A 1 130 ? -0.279  5.585   -9.016  1.00 16.64 ? 130  TYR A CE1   1 
ATOM   978  C CE2   . TYR A 1 130 ? -1.216  4.380   -7.156  1.00 13.16 ? 130  TYR A CE2   1 
ATOM   979  C CZ    . TYR A 1 130 ? -0.787  4.420   -8.465  1.00 14.25 ? 130  TYR A CZ    1 
ATOM   980  O OH    . TYR A 1 130 ? -0.875  3.291   -9.236  1.00 16.08 ? 130  TYR A OH    1 
ATOM   981  N N     . THR A 1 131 ? 1.934   9.233   -7.151  1.00 12.93 ? 131  THR A N     1 
ATOM   982  C CA    . THR A 1 131 ? 2.860   9.388   -8.280  1.00 14.07 ? 131  THR A CA    1 
ATOM   983  C C     . THR A 1 131 ? 4.314   9.382   -7.803  1.00 14.54 ? 131  THR A C     1 
ATOM   984  O O     . THR A 1 131 ? 5.181   8.715   -8.397  1.00 14.80 ? 131  THR A O     1 
ATOM   985  C CB    . THR A 1 131 ? 2.521   10.671  -9.097  1.00 14.57 ? 131  THR A CB    1 
ATOM   986  O OG1   . THR A 1 131 ? 1.170   10.576  -9.568  1.00 14.09 ? 131  THR A OG1   1 
ATOM   987  C CG2   . THR A 1 131 ? 3.461   10.829  -10.303 1.00 15.48 ? 131  THR A CG2   1 
ATOM   988  N N     . LEU A 1 132 ? 4.579   10.121  -6.733  1.00 14.52 ? 132  LEU A N     1 
ATOM   989  C CA    . LEU A 1 132 ? 5.897   10.122  -6.106  1.00 14.70 ? 132  LEU A CA    1 
ATOM   990  C C     . LEU A 1 132 ? 6.363   8.725   -5.707  1.00 13.49 ? 132  LEU A C     1 
ATOM   991  O O     . LEU A 1 132 ? 7.501   8.363   -5.989  1.00 13.06 ? 132  LEU A O     1 
ATOM   992  C CB    . LEU A 1 132 ? 5.907   11.023  -4.877  1.00 15.17 ? 132  LEU A CB    1 
ATOM   993  C CG    . LEU A 1 132 ? 5.898   12.540  -5.126  1.00 15.33 ? 132  LEU A CG    1 
ATOM   994  C CD1   . LEU A 1 132 ? 6.126   13.237  -3.809  1.00 16.65 ? 132  LEU A CD1   1 
ATOM   995  C CD2   . LEU A 1 132 ? 6.948   12.971  -6.157  1.00 16.86 ? 132  LEU A CD2   1 
ATOM   996  N N     . ALA A 1 133 ? 5.494   7.962   -5.040  1.00 12.64 ? 133  ALA A N     1 
ATOM   997  C CA    . ALA A 1 133 ? 5.818   6.572   -4.658  1.00 11.99 ? 133  ALA A CA    1 
ATOM   998  C C     . ALA A 1 133 ? 6.054   5.650   -5.853  1.00 11.77 ? 133  ALA A C     1 
ATOM   999  O O     . ALA A 1 133 ? 6.883   4.735   -5.770  1.00 11.36 ? 133  ALA A O     1 
ATOM   1000 C CB    . ALA A 1 133 ? 4.751   5.984   -3.729  1.00 11.80 ? 133  ALA A CB    1 
ATOM   1001 N N     . GLN A 1 134 ? 5.346   5.872   -6.964  1.00 11.32 ? 134  GLN A N     1 
ATOM   1002 C CA    . GLN A 1 134 ? 5.526   5.007   -8.144  1.00 11.80 ? 134  GLN A CA    1 
ATOM   1003 C C     . GLN A 1 134 ? 6.851   5.241   -8.872  1.00 12.47 ? 134  GLN A C     1 
ATOM   1004 O O     . GLN A 1 134 ? 7.349   4.356   -9.572  1.00 12.42 ? 134  GLN A O     1 
ATOM   1005 C CB    . GLN A 1 134 ? 4.361   5.136   -9.142  1.00 11.42 ? 134  GLN A CB    1 
ATOM   1006 C CG    . GLN A 1 134 ? 3.059   4.508   -8.668  1.00 12.42 ? 134  GLN A CG    1 
ATOM   1007 C CD    . GLN A 1 134 ? 3.267   3.096   -8.106  1.00 13.26 ? 134  GLN A CD    1 
ATOM   1008 O OE1   . GLN A 1 134 ? 3.494   2.921   -6.909  1.00 16.10 ? 134  GLN A OE1   1 
ATOM   1009 N NE2   . GLN A 1 134 ? 3.218   2.101   -8.976  1.00 16.21 ? 134  GLN A NE2   1 
ATOM   1010 N N     . LEU A 1 135 ? 7.408   6.434   -8.716  1.00 13.73 ? 135  LEU A N     1 
ATOM   1011 C CA    . LEU A 1 135 ? 8.710   6.744   -9.336  1.00 14.67 ? 135  LEU A CA    1 
ATOM   1012 C C     . LEU A 1 135 ? 9.833   5.748   -9.034  1.00 14.12 ? 135  LEU A C     1 
ATOM   1013 O O     . LEU A 1 135 ? 10.422  5.216   -9.978  1.00 14.12 ? 135  LEU A O     1 
ATOM   1014 C CB    . LEU A 1 135 ? 9.146   8.179   -9.021  1.00 15.82 ? 135  LEU A CB    1 
ATOM   1015 C CG    . LEU A 1 135 ? 8.263   9.288   -9.619  1.00 19.18 ? 135  LEU A CG    1 
ATOM   1016 C CD1   . LEU A 1 135 ? 8.851   10.653  -9.297  1.00 23.14 ? 135  LEU A CD1   1 
ATOM   1017 C CD2   . LEU A 1 135 ? 8.035   9.132   -11.130 1.00 23.64 ? 135  LEU A CD2   1 
ATOM   1018 N N     . PRO A 1 136 ? 10.145  5.491   -7.738  1.00 14.12 ? 136  PRO A N     1 
ATOM   1019 C CA    . PRO A 1 136 ? 11.173  4.486   -7.455  1.00 13.70 ? 136  PRO A CA    1 
ATOM   1020 C C     . PRO A 1 136 ? 10.812  3.072   -7.920  1.00 13.34 ? 136  PRO A C     1 
ATOM   1021 O O     . PRO A 1 136 ? 11.710  2.293   -8.220  1.00 12.48 ? 136  PRO A O     1 
ATOM   1022 C CB    . PRO A 1 136 ? 11.305  4.528   -5.925  1.00 14.47 ? 136  PRO A CB    1 
ATOM   1023 C CG    . PRO A 1 136 ? 10.017  5.123   -5.430  1.00 14.05 ? 136  PRO A CG    1 
ATOM   1024 C CD    . PRO A 1 136 ? 9.642   6.111   -6.495  1.00 14.03 ? 136  PRO A CD    1 
ATOM   1025 N N     . CYS A 1 137 ? 9.515   2.757   -7.983  1.00 12.39 ? 137  CYS A N     1 
ATOM   1026 C CA    . CYS A 1 137 ? 9.056   1.466   -8.495  1.00 12.15 ? 137  CYS A CA    1 
ATOM   1027 C C     . CYS A 1 137 ? 9.341   1.336   -9.982  1.00 11.96 ? 137  CYS A C     1 
ATOM   1028 O O     . CYS A 1 137 ? 9.875   0.315   -10.423 1.00 11.09 ? 137  CYS A O     1 
ATOM   1029 C CB    . CYS A 1 137 ? 7.561   1.287   -8.235  1.00 12.24 ? 137  CYS A CB    1 
ATOM   1030 S SG    . CYS A 1 137 ? 7.221   1.070   -6.488  1.00 14.19 ? 137  CYS A SG    1 
ATOM   1031 N N     . ALA A 1 138 ? 9.003   2.379   -10.744 1.00 12.35 ? 138  ALA A N     1 
ATOM   1032 C CA    . ALA A 1 138 ? 9.297   2.417   -12.171 1.00 13.03 ? 138  ALA A CA    1 
ATOM   1033 C C     . ALA A 1 138 ? 10.807  2.311   -12.409 1.00 13.79 ? 138  ALA A C     1 
ATOM   1034 O O     . ALA A 1 138 ? 11.243  1.557   -13.280 1.00 14.65 ? 138  ALA A O     1 
ATOM   1035 C CB    . ALA A 1 138 ? 8.729   3.712   -12.818 1.00 13.32 ? 138  ALA A CB    1 
ATOM   1036 N N     . SER A 1 139 ? 11.593  3.043   -11.624 1.00 14.47 ? 139  SER A N     1 
ATOM   1037 C CA    . SER A 1 139 ? 13.066  2.969   -11.707 1.00 14.87 ? 139  SER A CA    1 
ATOM   1038 C C     . SER A 1 139 ? 13.602  1.557   -11.488 1.00 14.59 ? 139  SER A C     1 
ATOM   1039 O O     . SER A 1 139 ? 14.393  1.058   -12.295 1.00 14.18 ? 139  SER A O     1 
ATOM   1040 C CB    . SER A 1 139 ? 13.722  3.946   -10.720 1.00 15.55 ? 139  SER A CB    1 
ATOM   1041 O OG    . SER A 1 139 ? 15.141  3.754   -10.670 1.00 15.86 ? 139  SER A OG    1 
ATOM   1042 N N     . MET A 1 140 ? 13.163  0.901   -10.410 1.00 14.12 ? 140  MET A N     1 
ATOM   1043 C CA    . MET A 1 140 ? 13.637  -0.449  -10.110 1.00 13.82 ? 140  MET A CA    1 
ATOM   1044 C C     . MET A 1 140 ? 13.222  -1.416  -11.212 1.00 13.87 ? 140  MET A C     1 
ATOM   1045 O O     . MET A 1 140 ? 14.010  -2.275  -11.616 1.00 14.55 ? 140  MET A O     1 
ATOM   1046 C CB    . MET A 1 140 ? 13.124  -0.945  -8.751  1.00 13.17 ? 140  MET A CB    1 
ATOM   1047 C CG    . MET A 1 140 ? 13.750  -0.236  -7.550  1.00 13.14 ? 140  MET A CG    1 
ATOM   1048 S SD    . MET A 1 140 ? 13.250  -0.934  -5.966  1.00 14.61 ? 140  MET A SD    1 
ATOM   1049 C CE    . MET A 1 140 ? 11.470  -0.629  -6.000  1.00 14.88 ? 140  MET A CE    1 
ATOM   1050 N N     . ALA A 1 141 ? 11.995  -1.277  -11.704 1.00 13.59 ? 141  ALA A N     1 
ATOM   1051 C CA    . ALA A 1 141 ? 11.498  -2.161  -12.769 1.00 13.75 ? 141  ALA A CA    1 
ATOM   1052 C C     . ALA A 1 141 ? 12.375  -2.085  -14.028 1.00 14.34 ? 141  ALA A C     1 
ATOM   1053 O O     . ALA A 1 141 ? 12.738  -3.118  -14.590 1.00 14.21 ? 141  ALA A O     1 
ATOM   1054 C CB    . ALA A 1 141 ? 10.029  -1.868  -13.095 1.00 13.76 ? 141  ALA A CB    1 
ATOM   1055 N N     . LEU A 1 142 ? 12.717  -0.876  -14.454 1.00 14.24 ? 142  LEU A N     1 
ATOM   1056 C CA    . LEU A 1 142 ? 13.579  -0.703  -15.630 1.00 15.38 ? 142  LEU A CA    1 
ATOM   1057 C C     . LEU A 1 142 ? 14.990  -1.245  -15.397 1.00 15.32 ? 142  LEU A C     1 
ATOM   1058 O O     . LEU A 1 142 ? 15.563  -1.885  -16.272 1.00 15.65 ? 142  LEU A O     1 
ATOM   1059 C CB    . LEU A 1 142 ? 13.635  0.764   -16.060 1.00 15.64 ? 142  LEU A CB    1 
ATOM   1060 C CG    . LEU A 1 142 ? 12.318  1.324   -16.629 1.00 17.88 ? 142  LEU A CG    1 
ATOM   1061 C CD1   . LEU A 1 142 ? 12.446  2.833   -16.832 1.00 20.37 ? 142  LEU A CD1   1 
ATOM   1062 C CD2   . LEU A 1 142 ? 11.925  0.640   -17.934 1.00 19.90 ? 142  LEU A CD2   1 
ATOM   1063 N N     . GLN A 1 143 ? 15.544  -0.998  -14.218 1.00 15.30 ? 143  GLN A N     1 
ATOM   1064 C CA    . GLN A 1 143 ? 16.885  -1.494  -13.903 1.00 16.07 ? 143  GLN A CA    1 
ATOM   1065 C C     . GLN A 1 143 ? 16.911  -3.020  -13.932 1.00 15.47 ? 143  GLN A C     1 
ATOM   1066 O O     . GLN A 1 143 ? 17.837  -3.615  -14.487 1.00 14.99 ? 143  GLN A O     1 
ATOM   1067 C CB    . GLN A 1 143 ? 17.362  -0.958  -12.549 1.00 15.92 ? 143  GLN A CB    1 
ATOM   1068 C CG    . GLN A 1 143 ? 17.574  0.569   -12.523 1.00 17.55 ? 143  GLN A CG    1 
ATOM   1069 C CD    . GLN A 1 143 ? 18.074  1.043   -11.178 1.00 18.23 ? 143  GLN A CD    1 
ATOM   1070 O OE1   . GLN A 1 143 ? 19.171  0.676   -10.748 1.00 20.32 ? 143  GLN A OE1   1 
ATOM   1071 N NE2   . GLN A 1 143 ? 17.274  1.864   -10.500 1.00 20.59 ? 143  GLN A NE2   1 
ATOM   1072 N N     . ILE A 1 144 ? 15.875  -3.646  -13.371 1.00 14.69 ? 144  ILE A N     1 
ATOM   1073 C CA    . ILE A 1 144 ? 15.743  -5.113  -13.388 1.00 14.14 ? 144  ILE A CA    1 
ATOM   1074 C C     . ILE A 1 144 ? 15.572  -5.626  -14.806 1.00 14.60 ? 144  ILE A C     1 
ATOM   1075 O O     . ILE A 1 144 ? 16.127  -6.671  -15.177 1.00 14.73 ? 144  ILE A O     1 
ATOM   1076 C CB    . ILE A 1 144 ? 14.549  -5.617  -12.514 1.00 14.11 ? 144  ILE A CB    1 
ATOM   1077 C CG1   . ILE A 1 144 ? 14.834  -5.380  -11.023 1.00 13.38 ? 144  ILE A CG1   1 
ATOM   1078 C CG2   . ILE A 1 144 ? 14.277  -7.126  -12.776 1.00 14.76 ? 144  ILE A CG2   1 
ATOM   1079 C CD1   . ILE A 1 144 ? 13.550  -5.365  -10.120 1.00 14.31 ? 144  ILE A CD1   1 
ATOM   1080 N N     . LEU A 1 145 ? 14.790  -4.904  -15.598 1.00 14.30 ? 145  LEU A N     1 
ATOM   1081 C CA    . LEU A 1 145 ? 14.550  -5.293  -16.977 1.00 15.93 ? 145  LEU A CA    1 
ATOM   1082 C C     . LEU A 1 145 ? 15.876  -5.405  -17.749 1.00 16.13 ? 145  LEU A C     1 
ATOM   1083 O O     . LEU A 1 145 ? 16.120  -6.401  -18.441 1.00 15.72 ? 145  LEU A O     1 
ATOM   1084 C CB    . LEU A 1 145 ? 13.597  -4.278  -17.642 1.00 15.99 ? 145  LEU A CB    1 
ATOM   1085 C CG    . LEU A 1 145 ? 13.043  -4.546  -19.040 1.00 18.11 ? 145  LEU A CG    1 
ATOM   1086 C CD1   . LEU A 1 145 ? 12.294  -5.876  -19.106 1.00 20.74 ? 145  LEU A CD1   1 
ATOM   1087 C CD2   . LEU A 1 145 ? 12.122  -3.407  -19.435 1.00 17.68 ? 145  LEU A CD2   1 
ATOM   1088 N N     . TRP A 1 146 ? 16.718  -4.381  -17.625 1.00 16.40 ? 146  TRP A N     1 
ATOM   1089 C CA    . TRP A 1 146 ? 18.019  -4.368  -18.319 1.00 16.85 ? 146  TRP A CA    1 
ATOM   1090 C C     . TRP A 1 146 ? 18.962  -5.448  -17.823 1.00 16.52 ? 146  TRP A C     1 
ATOM   1091 O O     . TRP A 1 146 ? 19.639  -6.082  -18.630 1.00 16.93 ? 146  TRP A O     1 
ATOM   1092 C CB    . TRP A 1 146 ? 18.726  -3.018  -18.185 1.00 17.72 ? 146  TRP A CB    1 
ATOM   1093 C CG    . TRP A 1 146 ? 17.892  -1.817  -18.465 1.00 18.33 ? 146  TRP A CG    1 
ATOM   1094 C CD1   . TRP A 1 146 ? 17.963  -0.623  -17.816 1.00 19.86 ? 146  TRP A CD1   1 
ATOM   1095 C CD2   . TRP A 1 146 ? 16.874  -1.673  -19.464 1.00 18.47 ? 146  TRP A CD2   1 
ATOM   1096 N NE1   . TRP A 1 146 ? 17.056  0.255   -18.342 1.00 20.26 ? 146  TRP A NE1   1 
ATOM   1097 C CE2   . TRP A 1 146 ? 16.370  -0.364  -19.352 1.00 19.53 ? 146  TRP A CE2   1 
ATOM   1098 C CE3   . TRP A 1 146 ? 16.337  -2.522  -20.438 1.00 19.06 ? 146  TRP A CE3   1 
ATOM   1099 C CZ2   . TRP A 1 146 ? 15.357  0.121   -20.174 1.00 19.29 ? 146  TRP A CZ2   1 
ATOM   1100 C CZ3   . TRP A 1 146 ? 15.327  -2.038  -21.257 1.00 20.38 ? 146  TRP A CZ3   1 
ATOM   1101 C CH2   . TRP A 1 146 ? 14.848  -0.724  -21.117 1.00 19.39 ? 146  TRP A CH2   1 
ATOM   1102 N N     . GLU A 1 147 ? 19.013  -5.649  -16.504 1.00 15.98 ? 147  GLU A N     1 
ATOM   1103 C CA    . GLU A 1 147 ? 19.847  -6.700  -15.913 1.00 16.03 ? 147  GLU A CA    1 
ATOM   1104 C C     . GLU A 1 147 ? 19.410  -8.089  -16.384 1.00 15.97 ? 147  GLU A C     1 
ATOM   1105 O O     . GLU A 1 147 ? 20.251  -8.908  -16.772 1.00 16.11 ? 147  GLU A O     1 
ATOM   1106 C CB    . GLU A 1 147 ? 19.866  -6.582  -14.379 1.00 16.04 ? 147  GLU A CB    1 
ATOM   1107 C CG    . GLU A 1 147 ? 20.952  -7.391  -13.663 1.00 16.45 ? 147  GLU A CG    1 
ATOM   1108 C CD    . GLU A 1 147 ? 22.381  -6.972  -14.004 1.00 17.13 ? 147  GLU A CD    1 
ATOM   1109 O OE1   . GLU A 1 147 ? 22.592  -5.870  -14.556 1.00 18.42 ? 147  GLU A OE1   1 
ATOM   1110 O OE2   . GLU A 1 147 ? 23.306  -7.758  -13.706 1.00 17.26 ? 147  GLU A OE2   1 
ATOM   1111 N N     . ALA A 1 148 ? 18.103  -8.342  -16.367 1.00 15.17 ? 148  ALA A N     1 
ATOM   1112 C CA    . ALA A 1 148 ? 17.562  -9.605  -16.869 1.00 15.49 ? 148  ALA A CA    1 
ATOM   1113 C C     . ALA A 1 148 ? 17.852  -9.807  -18.357 1.00 15.21 ? 148  ALA A C     1 
ATOM   1114 O O     . ALA A 1 148 ? 18.357  -10.866 -18.769 1.00 14.87 ? 148  ALA A O     1 
ATOM   1115 C CB    . ALA A 1 148 ? 16.045  -9.685  -16.605 1.00 14.98 ? 148  ALA A CB    1 
ATOM   1116 N N     . ALA A 1 149 ? 17.538  -8.786  -19.153 1.00 15.15 ? 149  ALA A N     1 
ATOM   1117 C CA    . ALA A 1 149 ? 17.745  -8.832  -20.597 1.00 15.93 ? 149  ALA A CA    1 
ATOM   1118 C C     . ALA A 1 149 ? 19.187  -9.209  -20.964 1.00 16.49 ? 149  ALA A C     1 
ATOM   1119 O O     . ALA A 1 149 ? 19.420  -10.051 -21.853 1.00 17.17 ? 149  ALA A O     1 
ATOM   1120 C CB    . ALA A 1 149 ? 17.362  -7.497  -21.238 1.00 15.72 ? 149  ALA A CB    1 
ATOM   1121 N N     . ARG A 1 150 ? 20.144  -8.611  -20.267 1.00 16.58 ? 150  ARG A N     1 
ATOM   1122 C CA    . ARG A 1 150 ? 21.557  -8.777  -20.621 1.00 17.43 ? 150  ARG A CA    1 
ATOM   1123 C C     . ARG A 1 150 ? 22.135  -10.142 -20.219 1.00 18.23 ? 150  ARG A C     1 
ATOM   1124 O O     . ARG A 1 150 ? 23.206  -10.525 -20.689 1.00 16.94 ? 150  ARG A O     1 
ATOM   1125 C CB    . ARG A 1 150 ? 22.396  -7.611  -20.078 1.00 17.57 ? 150  ARG A CB    1 
ATOM   1126 C CG    . ARG A 1 150 ? 22.760  -7.689  -18.614 1.00 16.62 ? 150  ARG A CG    1 
ATOM   1127 C CD    . ARG A 1 150 ? 23.491  -6.426  -18.209 1.00 16.61 ? 150  ARG A CD    1 
ATOM   1128 N NE    . ARG A 1 150 ? 24.079  -6.527  -16.877 1.00 16.99 ? 150  ARG A NE    1 
ATOM   1129 C CZ    . ARG A 1 150 ? 25.264  -7.069  -16.614 1.00 18.65 ? 150  ARG A CZ    1 
ATOM   1130 N NH1   . ARG A 1 150 ? 26.011  -7.582  -17.588 1.00 18.40 ? 150  ARG A NH1   1 
ATOM   1131 N NH2   . ARG A 1 150 ? 25.696  -7.116  -15.364 1.00 20.18 ? 150  ARG A NH2   1 
ATOM   1132 N N     . HIS A 1 151 ? 21.407  -10.865 -19.361 1.00 18.90 ? 151  HIS A N     1 
ATOM   1133 C CA    . HIS A 1 151 ? 21.801  -12.208 -18.925 1.00 20.66 ? 151  HIS A CA    1 
ATOM   1134 C C     . HIS A 1 151 ? 21.089  -13.322 -19.687 1.00 22.28 ? 151  HIS A C     1 
ATOM   1135 O O     . HIS A 1 151 ? 21.284  -14.511 -19.380 1.00 22.67 ? 151  HIS A O     1 
ATOM   1136 C CB    . HIS A 1 151 ? 21.544  -12.395 -17.422 1.00 20.36 ? 151  HIS A CB    1 
ATOM   1137 C CG    . HIS A 1 151 ? 22.564  -11.740 -16.541 1.00 20.33 ? 151  HIS A CG    1 
ATOM   1138 N ND1   . HIS A 1 151 ? 22.469  -10.424 -16.149 1.00 20.61 ? 151  HIS A ND1   1 
ATOM   1139 C CD2   . HIS A 1 151 ? 23.689  -12.226 -15.960 1.00 20.39 ? 151  HIS A CD2   1 
ATOM   1140 C CE1   . HIS A 1 151 ? 23.493  -10.122 -15.371 1.00 20.91 ? 151  HIS A CE1   1 
ATOM   1141 N NE2   . HIS A 1 151 ? 24.249  -11.197 -15.240 1.00 21.80 ? 151  HIS A NE2   1 
ATOM   1142 N N     . LEU A 1 152 ? 20.256  -12.950 -20.657 1.00 23.85 ? 152  LEU A N     1 
ATOM   1143 C CA    . LEU A 1 152 ? 19.458  -13.926 -21.396 1.00 26.08 ? 152  LEU A CA    1 
ATOM   1144 C C     . LEU A 1 152 ? 20.351  -14.826 -22.228 1.00 27.62 ? 152  LEU A C     1 
ATOM   1145 O O     . LEU A 1 152 ? 20.153  -16.054 -22.231 1.00 28.44 ? 152  LEU A O     1 
ATOM   1146 C CB    . LEU A 1 152 ? 18.426  -13.246 -22.297 1.00 26.32 ? 152  LEU A CB    1 
ATOM   1147 C CG    . LEU A 1 152 ? 17.179  -12.660 -21.634 1.00 27.21 ? 152  LEU A CG    1 
ATOM   1148 C CD1   . LEU A 1 152 ? 16.264  -12.019 -22.681 1.00 27.70 ? 152  LEU A CD1   1 
ATOM   1149 C CD2   . LEU A 1 152 ? 16.431  -13.710 -20.840 1.00 28.95 ? 152  LEU A CD2   1 
HETATM 1150 C C1    . BOG B 2 .   ? -5.956  12.108  -12.469 1.00 61.33 ? 201  BOG A C1    1 
HETATM 1151 O O1    . BOG B 2 .   ? -4.869  11.464  -13.143 1.00 60.73 ? 201  BOG A O1    1 
HETATM 1152 C C2    . BOG B 2 .   ? -6.817  11.035  -11.789 1.00 61.63 ? 201  BOG A C2    1 
HETATM 1153 O O2    . BOG B 2 .   ? -7.534  10.273  -12.764 1.00 61.28 ? 201  BOG A O2    1 
HETATM 1154 C C3    . BOG B 2 .   ? -7.825  11.621  -10.804 1.00 62.12 ? 201  BOG A C3    1 
HETATM 1155 O O3    . BOG B 2 .   ? -8.425  10.573  -10.035 1.00 62.56 ? 201  BOG A O3    1 
HETATM 1156 C C4    . BOG B 2 .   ? -7.151  12.599  -9.856  1.00 62.12 ? 201  BOG A C4    1 
HETATM 1157 O O4    . BOG B 2 .   ? -8.165  13.221  -9.061  1.00 62.69 ? 201  BOG A O4    1 
HETATM 1158 C C5    . BOG B 2 .   ? -6.363  13.653  -10.639 1.00 61.92 ? 201  BOG A C5    1 
HETATM 1159 O O5    . BOG B 2 .   ? -5.408  13.009  -11.494 1.00 61.70 ? 201  BOG A O5    1 
HETATM 1160 C C6    . BOG B 2 .   ? -5.626  14.628  -9.719  1.00 62.18 ? 201  BOG A C6    1 
HETATM 1161 O O6    . BOG B 2 .   ? -6.528  15.287  -8.814  1.00 61.32 ? 201  BOG A O6    1 
HETATM 1162 C "C1'" . BOG B 2 .   ? -4.947  11.512  -14.569 1.00 59.66 ? 201  BOG A "C1'" 1 
HETATM 1163 C "C2'" . BOG B 2 .   ? -3.560  11.317  -15.178 1.00 58.66 ? 201  BOG A "C2'" 1 
HETATM 1164 C "C3'" . BOG B 2 .   ? -3.075  9.877   -15.064 1.00 57.57 ? 201  BOG A "C3'" 1 
HETATM 1165 C "C4'" . BOG B 2 .   ? -1.903  9.626   -16.005 1.00 57.13 ? 201  BOG A "C4'" 1 
HETATM 1166 C "C5'" . BOG B 2 .   ? -0.655  9.220   -15.233 1.00 56.87 ? 201  BOG A "C5'" 1 
HETATM 1167 C "C6'" . BOG B 2 .   ? 0.616   9.577   -15.996 1.00 56.87 ? 201  BOG A "C6'" 1 
HETATM 1168 C "C7'" . BOG B 2 .   ? 1.785   9.801   -15.043 1.00 57.15 ? 201  BOG A "C7'" 1 
HETATM 1169 C "C8'" . BOG B 2 .   ? 3.011   9.049   -15.514 1.00 56.93 ? 201  BOG A "C8'" 1 
HETATM 1170 C C1    . PLM C 3 .   ? -11.320 10.756  8.470   1.00 40.32 ? 202  PLM A C1    1 
HETATM 1171 O O1    . PLM C 3 .   ? -11.743 11.087  7.380   1.00 36.74 ? 202  PLM A O1    1 
HETATM 1172 C C2    . PLM C 3 .   ? -10.598 11.748  9.349   1.00 42.09 ? 202  PLM A C2    1 
HETATM 1173 C C3    . PLM C 3 .   ? -9.854  10.958  10.418  1.00 43.31 ? 202  PLM A C3    1 
HETATM 1174 C C4    . PLM C 3 .   ? -8.454  11.513  10.668  1.00 43.79 ? 202  PLM A C4    1 
HETATM 1175 C C5    . PLM C 3 .   ? -7.449  11.132  9.584   1.00 43.00 ? 202  PLM A C5    1 
HETATM 1176 C C6    . PLM C 3 .   ? -7.444  9.637   9.284   1.00 42.65 ? 202  PLM A C6    1 
HETATM 1177 C C7    . PLM C 3 .   ? -6.037  9.179   8.928   1.00 42.52 ? 202  PLM A C7    1 
HETATM 1178 C C8    . PLM C 3 .   ? -5.935  7.663   8.979   1.00 42.33 ? 202  PLM A C8    1 
HETATM 1179 C C9    . PLM C 3 .   ? -4.598  7.227   9.556   1.00 42.30 ? 202  PLM A C9    1 
HETATM 1180 C CA    . PLM C 3 .   ? -3.771  6.493   8.512   1.00 42.42 ? 202  PLM A CA    1 
HETATM 1181 C CB    . PLM C 3 .   ? -3.278  5.157   9.040   1.00 42.34 ? 202  PLM A CB    1 
HETATM 1182 C CC    . PLM C 3 .   ? -1.898  4.861   8.473   1.00 42.57 ? 202  PLM A CC    1 
HETATM 1183 C CD    . PLM C 3 .   ? -1.631  3.368   8.522   1.00 42.68 ? 202  PLM A CD    1 
HETATM 1184 C C1    . PLM D 3 .   ? -12.456 6.534   7.588   1.00 42.14 ? 203  PLM A C1    1 
HETATM 1185 O O1    . PLM D 3 .   ? -12.594 6.733   6.394   1.00 42.49 ? 203  PLM A O1    1 
HETATM 1186 C C2    . PLM D 3 .   ? -11.071 6.388   8.151   1.00 42.83 ? 203  PLM A C2    1 
HETATM 1187 C C3    . PLM D 3 .   ? -11.085 6.684   9.644   1.00 44.57 ? 203  PLM A C3    1 
HETATM 1188 C C4    . PLM D 3 .   ? -9.685  6.526   10.231  1.00 45.96 ? 203  PLM A C4    1 
HETATM 1189 C C5    . PLM D 3 .   ? -9.736  6.240   11.730  1.00 46.87 ? 203  PLM A C5    1 
HETATM 1190 C C6    . PLM D 3 .   ? -8.330  6.153   12.318  1.00 47.81 ? 203  PLM A C6    1 
HETATM 1191 C C7    . PLM D 3 .   ? -8.165  7.089   13.510  1.00 48.79 ? 203  PLM A C7    1 
HETATM 1192 S S     . SO4 E 4 .   ? -4.691  22.585  -7.428  1.00 76.49 ? 204  SO4 A S     1 
HETATM 1193 O O1    . SO4 E 4 .   ? -5.462  23.335  -8.419  1.00 76.68 ? 204  SO4 A O1    1 
HETATM 1194 O O2    . SO4 E 4 .   ? -3.656  21.804  -8.100  1.00 76.45 ? 204  SO4 A O2    1 
HETATM 1195 O O3    . SO4 E 4 .   ? -4.064  23.509  -6.486  1.00 76.75 ? 204  SO4 A O3    1 
HETATM 1196 O O4    . SO4 E 4 .   ? -5.585  21.694  -6.693  1.00 76.63 ? 204  SO4 A O4    1 
HETATM 1197 N N1    . 48T F 5 .   ? -7.248  1.694   -9.539  1.00 9.80  ? 1153 48T A N1    1 
HETATM 1198 C CA1   . 48T F 5 .   ? -6.796  3.098   -9.493  1.00 11.56 ? 1153 48T A CA1   1 
HETATM 1199 C C1    . 48T F 5 .   ? -7.988  4.031   -9.628  1.00 12.81 ? 1153 48T A C1    1 
HETATM 1200 O O11   . 48T F 5 .   ? -7.903  5.285   -9.160  1.00 13.25 ? 1153 48T A O11   1 
HETATM 1201 C CB1   . 48T F 5 .   ? -5.711  3.315   -10.560 1.00 11.55 ? 1153 48T A CB1   1 
HETATM 1202 C CG1   . 48T F 5 .   ? -5.188  4.761   -10.653 1.00 11.59 ? 1153 48T A CG1   1 
HETATM 1203 C CD1   . 48T F 5 .   ? -4.681  5.285   -9.332  1.00 12.65 ? 1153 48T A CD1   1 
HETATM 1204 O OE1   . 48T F 5 .   ? -4.211  4.509   -8.515  1.00 11.36 ? 1153 48T A OE1   1 
HETATM 1205 O O12   . 48T F 5 .   ? -9.027  3.652   -10.130 1.00 14.60 ? 1153 48T A O12   1 
HETATM 1206 N N2    . 48T F 5 .   ? -4.762  6.619   -9.076  1.00 13.36 ? 1153 48T A N2    1 
HETATM 1207 C CA2   . 48T F 5 .   ? -4.291  7.210   -7.813  1.00 15.05 ? 1153 48T A CA2   1 
HETATM 1208 C C2    . 48T F 5 .   ? -5.255  6.934   -6.681  1.00 14.85 ? 1153 48T A C2    1 
HETATM 1209 O O2    . 48T F 5 .   ? -4.947  7.232   -5.534  1.00 14.46 ? 1153 48T A O2    1 
HETATM 1210 C CB2   . 48T F 5 .   ? -4.187  8.733   -7.974  1.00 15.38 ? 1153 48T A CB2   1 
HETATM 1211 S SG2   . 48T F 5 .   ? -2.710  9.128   -8.947  1.00 16.59 ? 1153 48T A SG2   1 
HETATM 1212 C CZ4   . 48T F 5 .   ? 2.955   6.333   -12.962 1.00 17.50 ? 1153 48T A CZ4   1 
HETATM 1213 C CE4   . 48T F 5 .   ? 4.113   5.590   -13.141 1.00 17.92 ? 1153 48T A CE4   1 
HETATM 1214 C CD4   . 48T F 5 .   ? 4.120   4.226   -12.894 1.00 17.33 ? 1153 48T A CD4   1 
HETATM 1215 C CG4   . 48T F 5 .   ? 2.967   3.589   -12.461 1.00 18.39 ? 1153 48T A CG4   1 
HETATM 1216 C CB4   . 48T F 5 .   ? 1.803   4.315   -12.280 1.00 17.16 ? 1153 48T A CB4   1 
HETATM 1217 C CH4   . 48T F 5 .   ? 1.785   5.695   -12.540 1.00 16.31 ? 1153 48T A CH4   1 
HETATM 1218 C CH5   . 48T F 5 .   ? 0.528   6.445   -12.306 1.00 15.05 ? 1153 48T A CH5   1 
HETATM 1219 C CB5   . 48T F 5 .   ? 0.559   7.733   -11.753 1.00 13.63 ? 1153 48T A CB5   1 
HETATM 1220 C CG5   . 48T F 5 .   ? -0.616  8.409   -11.513 1.00 14.23 ? 1153 48T A CG5   1 
HETATM 1221 C CD5   . 48T F 5 .   ? -1.856  7.811   -11.818 1.00 14.90 ? 1153 48T A CD5   1 
HETATM 1222 C CE5   . 48T F 5 .   ? -1.879  6.515   -12.360 1.00 13.83 ? 1153 48T A CE5   1 
HETATM 1223 C CZ5   . 48T F 5 .   ? -0.705  5.843   -12.598 1.00 14.32 ? 1153 48T A CZ5   1 
HETATM 1224 O O5    . 48T F 5 .   ? -4.169  8.070   -12.035 1.00 17.79 ? 1153 48T A O5    1 
HETATM 1225 N N3    . 48T F 5 .   ? -6.458  6.377   -6.942  1.00 15.49 ? 1153 48T A N3    1 
HETATM 1226 C CA3   . 48T F 5 .   ? -7.405  6.132   -5.852  1.00 15.13 ? 1153 48T A CA3   1 
HETATM 1227 C C3    . 48T F 5 .   ? -7.761  4.668   -5.725  1.00 16.04 ? 1153 48T A C3    1 
HETATM 1228 C C13   . 48T F 5 .   ? -3.221  9.666   -10.603 1.00 16.68 ? 1153 48T A C13   1 
HETATM 1229 O O31   . 48T F 5 .   ? -7.064  3.790   -6.177  1.00 18.40 ? 1153 48T A O31   1 
HETATM 1230 C C14   . 48T F 5 .   ? -3.137  8.492   -11.550 1.00 16.36 ? 1153 48T A C14   1 
HETATM 1231 O O32   . 48T F 5 .   ? -8.876  4.332   -5.089  1.00 15.89 ? 1153 48T A O32   1 
HETATM 1232 O O     . HOH G 6 .   ? 23.078  -6.460  -3.987  1.00 43.43 ? 2001 HOH A O     1 
HETATM 1233 O O     . HOH G 6 .   ? 22.309  -4.740  -1.884  1.00 38.55 ? 2002 HOH A O     1 
HETATM 1234 O O     . HOH G 6 .   ? 20.400  -1.807  4.074   1.00 19.92 ? 2003 HOH A O     1 
HETATM 1235 O O     . HOH G 6 .   ? 22.578  -1.783  5.584   1.00 53.55 ? 2004 HOH A O     1 
HETATM 1236 O O     . HOH G 6 .   ? 25.586  -8.231  -4.114  1.00 57.60 ? 2005 HOH A O     1 
HETATM 1237 O O     . HOH G 6 .   ? 0.013   2.968   1.106   1.00 9.84  ? 2006 HOH A O     1 
HETATM 1238 O O     . HOH G 6 .   ? -21.429 -4.147  0.281   1.00 30.70 ? 2007 HOH A O     1 
HETATM 1239 O O     . HOH G 6 .   ? -23.390 6.096   11.514  1.00 51.65 ? 2008 HOH A O     1 
HETATM 1240 O O     . HOH G 6 .   ? -1.546  -11.785 5.953   1.00 12.26 ? 2009 HOH A O     1 
HETATM 1241 O O     . HOH G 6 .   ? -30.154 -14.843 3.392   1.00 51.91 ? 2010 HOH A O     1 
HETATM 1242 O O     . HOH G 6 .   ? -10.115 -3.268  3.724   1.00 16.47 ? 2011 HOH A O     1 
HETATM 1243 O O     . HOH G 6 .   ? -27.840 3.472   3.862   1.00 51.04 ? 2012 HOH A O     1 
HETATM 1244 O O     . HOH G 6 .   ? -20.736 -2.901  2.990   1.00 15.83 ? 2013 HOH A O     1 
HETATM 1245 O O     . HOH G 6 .   ? -18.297 -4.098  0.790   1.00 19.81 ? 2014 HOH A O     1 
HETATM 1246 O O     . HOH G 6 .   ? -22.008 0.166   16.374  1.00 57.82 ? 2015 HOH A O     1 
HETATM 1247 O O     . HOH G 6 .   ? -22.058 -2.640  15.115  1.00 54.19 ? 2016 HOH A O     1 
HETATM 1248 O O     . HOH G 6 .   ? -24.739 3.386   13.346  1.00 44.06 ? 2017 HOH A O     1 
HETATM 1249 O O     . HOH G 6 .   ? -23.847 3.684   8.038   1.00 42.61 ? 2018 HOH A O     1 
HETATM 1250 O O     . HOH G 6 .   ? -19.163 -7.567  6.419   1.00 14.19 ? 2019 HOH A O     1 
HETATM 1251 O O     . HOH G 6 .   ? -22.729 -6.651  0.052   1.00 42.98 ? 2020 HOH A O     1 
HETATM 1252 O O     . HOH G 6 .   ? 19.214  4.978   -9.830  1.00 44.17 ? 2021 HOH A O     1 
HETATM 1253 O O     . HOH G 6 .   ? -24.755 -14.865 11.512  1.00 15.98 ? 2022 HOH A O     1 
HETATM 1254 O O     . HOH G 6 .   ? -25.752 -15.437 4.679   1.00 30.83 ? 2023 HOH A O     1 
HETATM 1255 O O     . HOH G 6 .   ? -19.287 -16.077 6.343   1.00 17.65 ? 2024 HOH A O     1 
HETATM 1256 O O     . HOH G 6 .   ? -28.890 -8.391  16.220  1.00 88.56 ? 2025 HOH A O     1 
HETATM 1257 O O     . HOH G 6 .   ? -27.199 -7.764  18.197  1.00 42.06 ? 2026 HOH A O     1 
HETATM 1258 O O     . HOH G 6 .   ? -26.149 -11.073 17.938  1.00 27.54 ? 2027 HOH A O     1 
HETATM 1259 O O     . HOH G 6 .   ? -8.243  18.238  6.139   1.00 52.33 ? 2028 HOH A O     1 
HETATM 1260 O O     . HOH G 6 .   ? -30.194 -8.996  3.676   1.00 61.52 ? 2029 HOH A O     1 
HETATM 1261 O O     . HOH G 6 .   ? -30.572 -0.535  4.925   1.00 45.80 ? 2030 HOH A O     1 
HETATM 1262 O O     . HOH G 6 .   ? -29.961 -2.708  2.172   1.00 48.23 ? 2031 HOH A O     1 
HETATM 1263 O O     . HOH G 6 .   ? 0.326   12.544  -13.593 1.00 83.54 ? 2032 HOH A O     1 
HETATM 1264 O O     . HOH G 6 .   ? -0.391  14.970  -10.101 1.00 46.12 ? 2033 HOH A O     1 
HETATM 1265 O O     . HOH G 6 .   ? -24.752 3.284   5.226   1.00 40.05 ? 2034 HOH A O     1 
HETATM 1266 O O     . HOH G 6 .   ? -29.663 2.207   5.332   1.00 34.43 ? 2035 HOH A O     1 
HETATM 1267 O O     . HOH G 6 .   ? -28.190 4.773   10.696  1.00 43.90 ? 2036 HOH A O     1 
HETATM 1268 O O     . HOH G 6 .   ? -26.588 -0.301  0.155   1.00 34.46 ? 2037 HOH A O     1 
HETATM 1269 O O     . HOH G 6 .   ? -26.216 2.323   1.884   1.00 41.25 ? 2038 HOH A O     1 
HETATM 1270 O O     . HOH G 6 .   ? -22.050 4.135   -0.347  1.00 48.56 ? 2039 HOH A O     1 
HETATM 1271 O O     . HOH G 6 .   ? -19.590 -0.362  2.104   1.00 21.38 ? 2040 HOH A O     1 
HETATM 1272 O O     . HOH G 6 .   ? -16.648 7.004   -0.391  1.00 25.14 ? 2041 HOH A O     1 
HETATM 1273 O O     . HOH G 6 .   ? -15.757 8.587   2.803   1.00 20.00 ? 2042 HOH A O     1 
HETATM 1274 O O     . HOH G 6 .   ? -14.578 0.523   -2.497  1.00 15.62 ? 2043 HOH A O     1 
HETATM 1275 O O     . HOH G 6 .   ? -20.614 -1.575  -1.734  1.00 43.16 ? 2044 HOH A O     1 
HETATM 1276 O O     . HOH G 6 .   ? -18.651 -0.164  -4.214  1.00 48.16 ? 2045 HOH A O     1 
HETATM 1277 O O     . HOH G 6 .   ? -17.887 2.352   -4.853  1.00 38.32 ? 2046 HOH A O     1 
HETATM 1278 O O     . HOH G 6 .   ? -16.620 -1.876  -2.533  1.00 41.91 ? 2047 HOH A O     1 
HETATM 1279 O O     . HOH G 6 .   ? -18.336 -2.269  -0.346  1.00 46.08 ? 2048 HOH A O     1 
HETATM 1280 O O     . HOH G 6 .   ? -16.799 11.077  1.184   1.00 40.31 ? 2049 HOH A O     1 
HETATM 1281 O O     . HOH G 6 .   ? -12.355 -0.936  -3.706  1.00 19.79 ? 2050 HOH A O     1 
HETATM 1282 O O     . HOH G 6 .   ? -15.401 2.357   -4.515  1.00 20.55 ? 2051 HOH A O     1 
HETATM 1283 O O     . HOH G 6 .   ? -17.819 5.665   -1.977  1.00 31.69 ? 2052 HOH A O     1 
HETATM 1284 O O     . HOH G 6 .   ? -3.507  3.904   0.735   1.00 11.00 ? 2053 HOH A O     1 
HETATM 1285 O O     . HOH G 6 .   ? -11.956 -4.989  -5.706  0.33 14.87 ? 2054 HOH A O     1 
HETATM 1286 O O     . HOH G 6 .   ? -13.263 2.061   -6.639  1.00 24.40 ? 2055 HOH A O     1 
HETATM 1287 O O     . HOH G 6 .   ? -13.618 -1.743  -7.602  1.00 36.36 ? 2056 HOH A O     1 
HETATM 1288 O O     . HOH G 6 .   ? -3.031  1.988   -8.760  1.00 14.74 ? 2057 HOH A O     1 
HETATM 1289 O O     . HOH G 6 .   ? -0.496  -3.340  -10.044 1.00 20.64 ? 2058 HOH A O     1 
HETATM 1290 O O     . HOH G 6 .   ? 19.896  1.849   -8.504  1.00 24.37 ? 2059 HOH A O     1 
HETATM 1291 O O     . HOH G 6 .   ? 24.093  -3.314  -2.943  1.00 38.31 ? 2060 HOH A O     1 
HETATM 1292 O O     . HOH G 6 .   ? 22.875  2.097   -8.035  1.00 27.19 ? 2061 HOH A O     1 
HETATM 1293 O O     . HOH G 6 .   ? 2.181   4.702   -5.257  1.00 11.71 ? 2062 HOH A O     1 
HETATM 1294 O O     . HOH G 6 .   ? -11.883 16.572  1.145   1.00 23.92 ? 2063 HOH A O     1 
HETATM 1295 O O     . HOH G 6 .   ? -9.919  17.895  3.888   1.00 75.79 ? 2064 HOH A O     1 
HETATM 1296 O O     . HOH G 6 .   ? -6.345  13.982  -2.137  1.00 16.61 ? 2065 HOH A O     1 
HETATM 1297 O O     . HOH G 6 .   ? -7.760  19.186  3.027   1.00 28.83 ? 2066 HOH A O     1 
HETATM 1298 O O     . HOH G 6 .   ? -5.247  21.778  -3.628  1.00 44.22 ? 2067 HOH A O     1 
HETATM 1299 O O     . HOH G 6 .   ? -5.751  13.618  -4.983  1.00 15.97 ? 2068 HOH A O     1 
HETATM 1300 O O     . HOH G 6 .   ? -8.174  8.350   -8.335  1.00 66.42 ? 2069 HOH A O     1 
HETATM 1301 O O     . HOH G 6 .   ? 0.606   1.442   -10.439 1.00 39.03 ? 2070 HOH A O     1 
HETATM 1302 O O     . HOH G 6 .   ? -0.396  12.604  -11.112 1.00 53.29 ? 2071 HOH A O     1 
HETATM 1303 O O     . HOH G 6 .   ? 19.912  -2.277  -14.893 1.00 35.83 ? 2072 HOH A O     1 
HETATM 1304 O O     . HOH G 6 .   ? 20.813  0.726   -13.701 1.00 43.51 ? 2073 HOH A O     1 
HETATM 1305 O O     . HOH G 6 .   ? 21.946  -3.242  -15.776 1.00 18.85 ? 2074 HOH A O     1 
HETATM 1306 O O     . HOH G 6 .   ? 24.632  -8.836  -22.260 1.00 18.37 ? 2075 HOH A O     1 
HETATM 1307 O O     . HOH G 6 .   ? 23.946  -13.120 -22.011 1.00 45.26 ? 2076 HOH A O     1 
HETATM 1308 O O     . HOH G 6 .   ? 26.596  -11.402 -13.593 1.00 45.66 ? 2077 HOH A O     1 
HETATM 1309 O O     . HOH G 6 .   ? -7.022  8.026   -10.717 1.00 31.73 ? 2078 HOH A O     1 
HETATM 1310 O O     . HOH G 6 .   ? -7.308  13.453  -6.753  1.00 46.58 ? 2079 HOH A O     1 
HETATM 1311 O O     . HOH G 6 .   ? -10.110 6.569   -7.712  1.00 35.47 ? 2080 HOH A O     1 
# 
loop_
_pdbx_poly_seq_scheme.asym_id 
_pdbx_poly_seq_scheme.entity_id 
_pdbx_poly_seq_scheme.seq_id 
_pdbx_poly_seq_scheme.mon_id 
_pdbx_poly_seq_scheme.ndb_seq_num 
_pdbx_poly_seq_scheme.pdb_seq_num 
_pdbx_poly_seq_scheme.auth_seq_num 
_pdbx_poly_seq_scheme.pdb_mon_id 
_pdbx_poly_seq_scheme.auth_mon_id 
_pdbx_poly_seq_scheme.pdb_strand_id 
_pdbx_poly_seq_scheme.pdb_ins_code 
_pdbx_poly_seq_scheme.hetero 
A 1 1   MET 1   1   ?   ?   ?   A . n 
A 1 2   PRO 2   2   ?   ?   ?   A . n 
A 1 3   ALA 3   3   ?   ?   ?   A . n 
A 1 4   HIS 4   4   ?   ?   ?   A . n 
A 1 5   SER 5   5   ?   ?   ?   A . n 
A 1 6   LEU 6   6   ?   ?   ?   A . n 
A 1 7   VAL 7   7   ?   ?   ?   A . n 
A 1 8   MET 8   8   ?   ?   ?   A . n 
A 1 9   SER 9   9   ?   ?   ?   A . n 
A 1 10  SER 10  10  10  SER SER A . n 
A 1 11  PRO 11  11  11  PRO PRO A . n 
A 1 12  ALA 12  12  12  ALA ALA A . n 
A 1 13  LEU 13  13  13  LEU LEU A . n 
A 1 14  PRO 14  14  14  PRO PRO A . n 
A 1 15  ALA 15  15  15  ALA ALA A . n 
A 1 16  PHE 16  16  16  PHE PHE A . n 
A 1 17  LEU 17  17  17  LEU LEU A . n 
A 1 18  LEU 18  18  18  LEU LEU A . n 
A 1 19  CYS 19  19  19  CYS CYS A . n 
A 1 20  SER 20  20  20  SER SER A . n 
A 1 21  THR 21  21  21  THR THR A . n 
A 1 22  LEU 22  22  22  LEU LEU A . n 
A 1 23  LEU 23  23  23  LEU LEU A . n 
A 1 24  VAL 24  24  24  VAL VAL A . n 
A 1 25  ILE 25  25  25  ILE ILE A . n 
A 1 26  LYS 26  26  26  LYS LYS A . n 
A 1 27  MET 27  27  27  MET MET A . n 
A 1 28  TYR 28  28  28  TYR TYR A . n 
A 1 29  VAL 29  29  29  VAL VAL A . n 
A 1 30  VAL 30  30  30  VAL VAL A . n 
A 1 31  ALA 31  31  31  ALA ALA A . n 
A 1 32  ILE 32  32  32  ILE ILE A . n 
A 1 33  ILE 33  33  33  ILE ILE A . n 
A 1 34  THR 34  34  34  THR THR A . n 
A 1 35  GLY 35  35  35  GLY GLY A . n 
A 1 36  GLN 36  36  36  GLN GLN A . n 
A 1 37  VAL 37  37  37  VAL VAL A . n 
A 1 38  ARG 38  38  38  ARG ARG A . n 
A 1 39  LEU 39  39  39  LEU LEU A . n 
A 1 40  ARG 40  40  40  ARG ARG A . n 
A 1 41  LYS 41  41  41  LYS LYS A . n 
A 1 42  LYS 42  42  42  LYS LYS A . n 
A 1 43  ALA 43  43  43  ALA ALA A . n 
A 1 44  PHE 44  44  44  PHE PHE A . n 
A 1 45  ALA 45  45  45  ALA ALA A . n 
A 1 46  ASN 46  46  46  ASN ASN A . n 
A 1 47  PRO 47  47  47  PRO PRO A . n 
A 1 48  GLU 48  48  48  GLU GLU A . n 
A 1 49  ASP 49  49  49  ASP ASP A . n 
A 1 50  ALA 50  50  50  ALA ALA A . n 
A 1 51  LEU 51  51  51  LEU LEU A . n 
A 1 52  ARG 52  52  52  ARG ARG A . n 
A 1 53  HIS 53  53  53  HIS HIS A . n 
A 1 54  GLY 54  54  54  GLY GLY A . n 
A 1 55  GLY 55  55  55  GLY GLY A . n 
A 1 56  PRO 56  56  56  PRO PRO A . n 
A 1 57  GLN 57  57  57  GLN GLN A . n 
A 1 58  TYR 58  58  58  TYR TYR A . n 
A 1 59  CYS 59  59  59  CYS CYS A . n 
A 1 60  ARG 60  60  60  ARG ARG A . n 
A 1 61  SER 61  61  61  SER SER A . n 
A 1 62  ASP 62  62  62  ASP ASP A . n 
A 1 63  PRO 63  63  63  PRO PRO A . n 
A 1 64  ASP 64  64  64  ASP ASP A . n 
A 1 65  VAL 65  65  65  VAL VAL A . n 
A 1 66  GLU 66  66  66  GLU GLU A . n 
A 1 67  ARG 67  67  67  ARG ARG A . n 
A 1 68  CYS 68  68  68  CYS CYS A . n 
A 1 69  LEU 69  69  69  LEU LEU A . n 
A 1 70  ARG 70  70  70  ARG ARG A . n 
A 1 71  ALA 71  71  71  ALA ALA A . n 
A 1 72  HIS 72  72  72  HIS HIS A . n 
A 1 73  ARG 73  73  73  ARG ARG A . n 
A 1 74  ASN 74  74  74  ASN ASN A . n 
A 1 75  ASP 75  75  75  ASP ASP A . n 
A 1 76  MET 76  76  76  MET MET A . n 
A 1 77  GLU 77  77  77  GLU GLU A . n 
A 1 78  THR 78  78  78  THR THR A . n 
A 1 79  ILE 79  79  79  ILE ILE A . n 
A 1 80  TYR 80  80  80  TYR TYR A . n 
A 1 81  PRO 81  81  81  PRO PRO A . n 
A 1 82  PHE 82  82  82  PHE PHE A . n 
A 1 83  LEU 83  83  83  LEU LEU A . n 
A 1 84  PHE 84  84  84  PHE PHE A . n 
A 1 85  LEU 85  85  85  LEU LEU A . n 
A 1 86  GLY 86  86  86  GLY GLY A . n 
A 1 87  PHE 87  87  87  PHE PHE A . n 
A 1 88  VAL 88  88  88  VAL VAL A . n 
A 1 89  TYR 89  89  89  TYR TYR A . n 
A 1 90  SER 90  90  90  SER SER A . n 
A 1 91  PHE 91  91  91  PHE PHE A . n 
A 1 92  LEU 92  92  92  LEU LEU A . n 
A 1 93  GLY 93  93  93  GLY GLY A . n 
A 1 94  PRO 94  94  94  PRO PRO A . n 
A 1 95  ASN 95  95  95  ASN ASN A . n 
A 1 96  PRO 96  96  96  PRO PRO A . n 
A 1 97  PHE 97  97  97  PHE PHE A . n 
A 1 98  VAL 98  98  98  VAL VAL A . n 
A 1 99  ALA 99  99  99  ALA ALA A . n 
A 1 100 TRP 100 100 100 TRP TRP A . n 
A 1 101 MET 101 101 101 MET MET A . n 
A 1 102 HIS 102 102 102 HIS HIS A . n 
A 1 103 PHE 103 103 103 PHE PHE A . n 
A 1 104 LEU 104 104 104 LEU LEU A . n 
A 1 105 VAL 105 105 105 VAL VAL A . n 
A 1 106 PHE 106 106 106 PHE PHE A . n 
A 1 107 LEU 107 107 107 LEU LEU A . n 
A 1 108 VAL 108 108 108 VAL VAL A . n 
A 1 109 GLY 109 109 109 GLY GLY A . n 
A 1 110 ARG 110 110 110 ARG ARG A . n 
A 1 111 VAL 111 111 111 VAL VAL A . n 
A 1 112 ALA 112 112 112 ALA ALA A . n 
A 1 113 HIS 113 113 113 HIS HIS A . n 
A 1 114 THR 114 114 114 THR THR A . n 
A 1 115 VAL 115 115 115 VAL VAL A . n 
A 1 116 ALA 116 116 116 ALA ALA A . n 
A 1 117 TYR 117 117 117 TYR TYR A . n 
A 1 118 LEU 118 118 118 LEU LEU A . n 
A 1 119 GLY 119 119 119 GLY GLY A . n 
A 1 120 LYS 120 120 120 LYS LYS A . n 
A 1 121 LEU 121 121 121 LEU LEU A . n 
A 1 122 ARG 122 122 122 ARG ARG A . n 
A 1 123 ALA 123 123 123 ALA ALA A . n 
A 1 124 PRO 124 124 124 PRO PRO A . n 
A 1 125 ILE 125 125 125 ILE ILE A . n 
A 1 126 ARG 126 126 126 ARG ARG A . n 
A 1 127 SER 127 127 127 SER SER A . n 
A 1 128 VAL 128 128 128 VAL VAL A . n 
A 1 129 THR 129 129 129 THR THR A . n 
A 1 130 TYR 130 130 130 TYR TYR A . n 
A 1 131 THR 131 131 131 THR THR A . n 
A 1 132 LEU 132 132 132 LEU LEU A . n 
A 1 133 ALA 133 133 133 ALA ALA A . n 
A 1 134 GLN 134 134 134 GLN GLN A . n 
A 1 135 LEU 135 135 135 LEU LEU A . n 
A 1 136 PRO 136 136 136 PRO PRO A . n 
A 1 137 CYS 137 137 137 CYS CYS A . n 
A 1 138 ALA 138 138 138 ALA ALA A . n 
A 1 139 SER 139 139 139 SER SER A . n 
A 1 140 MET 140 140 140 MET MET A . n 
A 1 141 ALA 141 141 141 ALA ALA A . n 
A 1 142 LEU 142 142 142 LEU LEU A . n 
A 1 143 GLN 143 143 143 GLN GLN A . n 
A 1 144 ILE 144 144 144 ILE ILE A . n 
A 1 145 LEU 145 145 145 LEU LEU A . n 
A 1 146 TRP 146 146 146 TRP TRP A . n 
A 1 147 GLU 147 147 147 GLU GLU A . n 
A 1 148 ALA 148 148 148 ALA ALA A . n 
A 1 149 ALA 149 149 149 ALA ALA A . n 
A 1 150 ARG 150 150 150 ARG ARG A . n 
A 1 151 HIS 151 151 151 HIS HIS A . n 
A 1 152 LEU 152 152 152 LEU LEU A . n 
# 
loop_
_pdbx_nonpoly_scheme.asym_id 
_pdbx_nonpoly_scheme.entity_id 
_pdbx_nonpoly_scheme.mon_id 
_pdbx_nonpoly_scheme.ndb_seq_num 
_pdbx_nonpoly_scheme.pdb_seq_num 
_pdbx_nonpoly_scheme.auth_seq_num 
_pdbx_nonpoly_scheme.pdb_mon_id 
_pdbx_nonpoly_scheme.auth_mon_id 
_pdbx_nonpoly_scheme.pdb_strand_id 
_pdbx_nonpoly_scheme.pdb_ins_code 
B 2 BOG 1  201  201  BOG BOG A . 
C 3 PLM 1  202  202  PLM PLM A . 
D 3 PLM 1  203  203  PLM PLM A . 
E 4 SO4 1  204  204  SO4 SO4 A . 
F 5 48T 1  1153 1153 48T 48T A . 
G 6 HOH 1  2001 2001 HOH HOH A . 
G 6 HOH 2  2002 2002 HOH HOH A . 
G 6 HOH 3  2003 2003 HOH HOH A . 
G 6 HOH 4  2004 2004 HOH HOH A . 
G 6 HOH 5  2005 2005 HOH HOH A . 
G 6 HOH 6  2006 2006 HOH HOH A . 
G 6 HOH 7  2007 2007 HOH HOH A . 
G 6 HOH 8  2008 2008 HOH HOH A . 
G 6 HOH 9  2009 2009 HOH HOH A . 
G 6 HOH 10 2010 2010 HOH HOH A . 
G 6 HOH 11 2011 2011 HOH HOH A . 
G 6 HOH 12 2012 2012 HOH HOH A . 
G 6 HOH 13 2013 2013 HOH HOH A . 
G 6 HOH 14 2014 2014 HOH HOH A . 
G 6 HOH 15 2015 2015 HOH HOH A . 
G 6 HOH 16 2016 2016 HOH HOH A . 
G 6 HOH 17 2017 2017 HOH HOH A . 
G 6 HOH 18 2018 2018 HOH HOH A . 
G 6 HOH 19 2019 2019 HOH HOH A . 
G 6 HOH 20 2020 2020 HOH HOH A . 
G 6 HOH 21 2021 2021 HOH HOH A . 
G 6 HOH 22 2022 2022 HOH HOH A . 
G 6 HOH 23 2023 2023 HOH HOH A . 
G 6 HOH 24 2024 2024 HOH HOH A . 
G 6 HOH 25 2025 2025 HOH HOH A . 
G 6 HOH 26 2026 2026 HOH HOH A . 
G 6 HOH 27 2027 2027 HOH HOH A . 
G 6 HOH 28 2028 2028 HOH HOH A . 
G 6 HOH 29 2029 2029 HOH HOH A . 
G 6 HOH 30 2030 2030 HOH HOH A . 
G 6 HOH 31 2031 2031 HOH HOH A . 
G 6 HOH 32 2032 2032 HOH HOH A . 
G 6 HOH 33 2033 2033 HOH HOH A . 
G 6 HOH 34 2034 2034 HOH HOH A . 
G 6 HOH 35 2035 2035 HOH HOH A . 
G 6 HOH 36 2036 2036 HOH HOH A . 
G 6 HOH 37 2037 2037 HOH HOH A . 
G 6 HOH 38 2038 2038 HOH HOH A . 
G 6 HOH 39 2039 2039 HOH HOH A . 
G 6 HOH 40 2040 2040 HOH HOH A . 
G 6 HOH 41 2041 2041 HOH HOH A . 
G 6 HOH 42 2042 2042 HOH HOH A . 
G 6 HOH 43 2043 2043 HOH HOH A . 
G 6 HOH 44 2044 2044 HOH HOH A . 
G 6 HOH 45 2045 2045 HOH HOH A . 
G 6 HOH 46 2046 2046 HOH HOH A . 
G 6 HOH 47 2047 2047 HOH HOH A . 
G 6 HOH 48 2048 2048 HOH HOH A . 
G 6 HOH 49 2049 2049 HOH HOH A . 
G 6 HOH 50 2050 2050 HOH HOH A . 
G 6 HOH 51 2051 2051 HOH HOH A . 
G 6 HOH 52 2052 2052 HOH HOH A . 
G 6 HOH 53 2053 2053 HOH HOH A . 
G 6 HOH 54 2054 2054 HOH HOH A . 
G 6 HOH 55 2055 2055 HOH HOH A . 
G 6 HOH 56 2056 2056 HOH HOH A . 
G 6 HOH 57 2057 2057 HOH HOH A . 
G 6 HOH 58 2058 2058 HOH HOH A . 
G 6 HOH 59 2059 2059 HOH HOH A . 
G 6 HOH 60 2060 2060 HOH HOH A . 
G 6 HOH 61 2061 2061 HOH HOH A . 
G 6 HOH 62 2062 2062 HOH HOH A . 
G 6 HOH 63 2063 2063 HOH HOH A . 
G 6 HOH 64 2064 2064 HOH HOH A . 
G 6 HOH 65 2065 2065 HOH HOH A . 
G 6 HOH 66 2066 2066 HOH HOH A . 
G 6 HOH 67 2067 2067 HOH HOH A . 
G 6 HOH 68 2068 2068 HOH HOH A . 
G 6 HOH 69 2069 2069 HOH HOH A . 
G 6 HOH 70 2070 2070 HOH HOH A . 
G 6 HOH 71 2071 2071 HOH HOH A . 
G 6 HOH 72 2072 2072 HOH HOH A . 
G 6 HOH 73 2073 2073 HOH HOH A . 
G 6 HOH 74 2074 2074 HOH HOH A . 
G 6 HOH 75 2075 2075 HOH HOH A . 
G 6 HOH 76 2076 2076 HOH HOH A . 
G 6 HOH 77 2077 2077 HOH HOH A . 
G 6 HOH 78 2078 2078 HOH HOH A . 
G 6 HOH 79 2079 2079 HOH HOH A . 
G 6 HOH 80 2080 2080 HOH HOH A . 
# 
_pdbx_struct_assembly.id                   1 
_pdbx_struct_assembly.details              author_and_software_defined_assembly 
_pdbx_struct_assembly.method_details       PISA 
_pdbx_struct_assembly.oligomeric_details   trimeric 
_pdbx_struct_assembly.oligomeric_count     3 
# 
_pdbx_struct_assembly_gen.assembly_id       1 
_pdbx_struct_assembly_gen.oper_expression   1,2,3 
_pdbx_struct_assembly_gen.asym_id_list      A,B,C,D,E,F,G 
# 
loop_
_pdbx_struct_assembly_prop.biol_id 
_pdbx_struct_assembly_prop.type 
_pdbx_struct_assembly_prop.value 
_pdbx_struct_assembly_prop.details 
1 'ABSA (A^2)' 13240 ? 
1 MORE         -51.6 ? 
1 'SSA (A^2)'  16500 ? 
# 
loop_
_pdbx_struct_oper_list.id 
_pdbx_struct_oper_list.type 
_pdbx_struct_oper_list.name 
_pdbx_struct_oper_list.symmetry_operation 
_pdbx_struct_oper_list.matrix[1][1] 
_pdbx_struct_oper_list.matrix[1][2] 
_pdbx_struct_oper_list.matrix[1][3] 
_pdbx_struct_oper_list.vector[1] 
_pdbx_struct_oper_list.matrix[2][1] 
_pdbx_struct_oper_list.matrix[2][2] 
_pdbx_struct_oper_list.matrix[2][3] 
_pdbx_struct_oper_list.vector[2] 
_pdbx_struct_oper_list.matrix[3][1] 
_pdbx_struct_oper_list.matrix[3][2] 
_pdbx_struct_oper_list.matrix[3][3] 
_pdbx_struct_oper_list.vector[3] 
1 'identity operation'         1_555 x,y,z     1.0000000000 0.0000000000  0.0000000000  0.0000000000  0.0000000000  1.0000000000  0.0000000000  0.0000000000   0.0000000000  0.0000000000  1.0000000000  0.0000000000   
2 'crystal symmetry operation' 3_555 -x+y,-x,z 0.7943164864 -0.4083315580 0.4498073568  -1.9356904519 -0.5840942017 -0.3097627399 0.7502539627  -9.2628073030  -0.1670188102 -0.8586689605 -0.4845537465 -14.7879272197 
3 'crystal symmetry operation' 2_555 -y,x-y,z  0.7943164864 -0.5840942017 -0.1670188102 -6.3426632085 -0.4083315580 -0.3097627399 -0.8586689605 -16.3576101609 0.4498073568  0.7502539627  -0.4845537465 0.6546001528 
# 
_pdbx_struct_special_symmetry.id              1 
_pdbx_struct_special_symmetry.PDB_model_num   1 
_pdbx_struct_special_symmetry.auth_asym_id    A 
_pdbx_struct_special_symmetry.auth_comp_id    HOH 
_pdbx_struct_special_symmetry.auth_seq_id     2054 
_pdbx_struct_special_symmetry.PDB_ins_code    ? 
_pdbx_struct_special_symmetry.label_asym_id   G 
_pdbx_struct_special_symmetry.label_comp_id   HOH 
_pdbx_struct_special_symmetry.label_seq_id    . 
# 
loop_
_pdbx_audit_revision_history.ordinal 
_pdbx_audit_revision_history.data_content_type 
_pdbx_audit_revision_history.major_revision 
_pdbx_audit_revision_history.minor_revision 
_pdbx_audit_revision_history.revision_date 
1 'Structure model' 1 0 2013-02-06 
2 'Structure model' 1 1 2013-02-27 
3 'Structure model' 1 2 2013-04-03 
4 'Structure model' 1 3 2020-07-29 
5 'Structure model' 1 4 2023-12-20 
# 
loop_
_pdbx_audit_revision_details.ordinal 
_pdbx_audit_revision_details.revision_ordinal 
_pdbx_audit_revision_details.data_content_type 
_pdbx_audit_revision_details.provider 
_pdbx_audit_revision_details.type 
_pdbx_audit_revision_details.description 
_pdbx_audit_revision_details.details 
1 1 'Structure model' repository 'Initial release' ?                          ? 
2 4 'Structure model' repository Remediation       'Carbohydrate remediation' ? 
# 
loop_
_pdbx_audit_revision_group.ordinal 
_pdbx_audit_revision_group.revision_ordinal 
_pdbx_audit_revision_group.data_content_type 
_pdbx_audit_revision_group.group 
1  2 'Structure model' 'Database references'    
2  3 'Structure model' 'Database references'    
3  4 'Structure model' 'Data collection'        
4  4 'Structure model' 'Derived calculations'   
5  4 'Structure model' Other                    
6  4 'Structure model' 'Structure summary'      
7  5 'Structure model' 'Data collection'        
8  5 'Structure model' 'Database references'    
9  5 'Structure model' 'Refinement description' 
10 5 'Structure model' 'Structure summary'      
# 
loop_
_pdbx_audit_revision_category.ordinal 
_pdbx_audit_revision_category.revision_ordinal 
_pdbx_audit_revision_category.data_content_type 
_pdbx_audit_revision_category.category 
1  4 'Structure model' chem_comp                     
2  4 'Structure model' entity                        
3  4 'Structure model' pdbx_chem_comp_identifier     
4  4 'Structure model' pdbx_database_status          
5  4 'Structure model' pdbx_entity_nonpoly           
6  4 'Structure model' struct_site                   
7  4 'Structure model' struct_site_gen               
8  5 'Structure model' chem_comp                     
9  5 'Structure model' chem_comp_atom                
10 5 'Structure model' chem_comp_bond                
11 5 'Structure model' database_2                    
12 5 'Structure model' pdbx_initial_refinement_model 
# 
loop_
_pdbx_audit_revision_item.ordinal 
_pdbx_audit_revision_item.revision_ordinal 
_pdbx_audit_revision_item.data_content_type 
_pdbx_audit_revision_item.item 
1 4 'Structure model' '_chem_comp.mon_nstd_flag'             
2 4 'Structure model' '_chem_comp.name'                      
3 4 'Structure model' '_chem_comp.type'                      
4 4 'Structure model' '_entity.pdbx_description'             
5 4 'Structure model' '_pdbx_database_status.status_code_sf' 
6 4 'Structure model' '_pdbx_entity_nonpoly.name'            
7 5 'Structure model' '_chem_comp.pdbx_synonyms'             
8 5 'Structure model' '_database_2.pdbx_DOI'                 
9 5 'Structure model' '_database_2.pdbx_database_accession'  
# 
loop_
_software.name 
_software.classification 
_software.version 
_software.citation_id 
_software.pdbx_ordinal 
REFMAC refinement       5.2.0005 ? 1 
MOSFLM 'data reduction' .        ? 2 
SCALA  'data scaling'   .        ? 3 
MOLREP phasing          .        ? 4 
# 
loop_
_pdbx_validate_close_contact.id 
_pdbx_validate_close_contact.PDB_model_num 
_pdbx_validate_close_contact.auth_atom_id_1 
_pdbx_validate_close_contact.auth_asym_id_1 
_pdbx_validate_close_contact.auth_comp_id_1 
_pdbx_validate_close_contact.auth_seq_id_1 
_pdbx_validate_close_contact.PDB_ins_code_1 
_pdbx_validate_close_contact.label_alt_id_1 
_pdbx_validate_close_contact.auth_atom_id_2 
_pdbx_validate_close_contact.auth_asym_id_2 
_pdbx_validate_close_contact.auth_comp_id_2 
_pdbx_validate_close_contact.auth_seq_id_2 
_pdbx_validate_close_contact.PDB_ins_code_2 
_pdbx_validate_close_contact.label_alt_id_2 
_pdbx_validate_close_contact.dist 
1 1 OE2 A GLU 66   ? ? O A HOH 2048 ? ? 1.78 
2 1 O   A HOH 2014 ? ? O A HOH 2048 ? ? 2.15 
# 
_pdbx_validate_torsion.id              1 
_pdbx_validate_torsion.PDB_model_num   1 
_pdbx_validate_torsion.auth_comp_id    PRO 
_pdbx_validate_torsion.auth_asym_id    A 
_pdbx_validate_torsion.auth_seq_id     124 
_pdbx_validate_torsion.PDB_ins_code    ? 
_pdbx_validate_torsion.label_alt_id    ? 
_pdbx_validate_torsion.phi             -99.48 
_pdbx_validate_torsion.psi             38.16 
# 
_pdbx_distant_solvent_atoms.id                                1 
_pdbx_distant_solvent_atoms.PDB_model_num                     1 
_pdbx_distant_solvent_atoms.auth_atom_id                      O 
_pdbx_distant_solvent_atoms.label_alt_id                      ? 
_pdbx_distant_solvent_atoms.auth_asym_id                      A 
_pdbx_distant_solvent_atoms.auth_comp_id                      HOH 
_pdbx_distant_solvent_atoms.auth_seq_id                       2010 
_pdbx_distant_solvent_atoms.PDB_ins_code                      ? 
_pdbx_distant_solvent_atoms.neighbor_macromolecule_distance   6.68 
_pdbx_distant_solvent_atoms.neighbor_ligand_distance          . 
# 
loop_
_pdbx_unobs_or_zero_occ_atoms.id 
_pdbx_unobs_or_zero_occ_atoms.PDB_model_num 
_pdbx_unobs_or_zero_occ_atoms.polymer_flag 
_pdbx_unobs_or_zero_occ_atoms.occupancy_flag 
_pdbx_unobs_or_zero_occ_atoms.auth_asym_id 
_pdbx_unobs_or_zero_occ_atoms.auth_comp_id 
_pdbx_unobs_or_zero_occ_atoms.auth_seq_id 
_pdbx_unobs_or_zero_occ_atoms.PDB_ins_code 
_pdbx_unobs_or_zero_occ_atoms.auth_atom_id 
_pdbx_unobs_or_zero_occ_atoms.label_alt_id 
_pdbx_unobs_or_zero_occ_atoms.label_asym_id 
_pdbx_unobs_or_zero_occ_atoms.label_comp_id 
_pdbx_unobs_or_zero_occ_atoms.label_seq_id 
_pdbx_unobs_or_zero_occ_atoms.label_atom_id 
1  1 N 1 A PLM 202 ? O2 ? C PLM 1 O2 
2  1 N 1 A PLM 202 ? CE ? C PLM 1 CE 
3  1 N 1 A PLM 202 ? CF ? C PLM 1 CF 
4  1 N 1 A PLM 202 ? CG ? C PLM 1 CG 
5  1 N 1 A PLM 203 ? O2 ? D PLM 1 O2 
6  1 N 1 A PLM 203 ? C8 ? D PLM 1 C8 
7  1 N 1 A PLM 203 ? C9 ? D PLM 1 C9 
8  1 N 1 A PLM 203 ? CA ? D PLM 1 CA 
9  1 N 1 A PLM 203 ? CB ? D PLM 1 CB 
10 1 N 1 A PLM 203 ? CC ? D PLM 1 CC 
11 1 N 1 A PLM 203 ? CD ? D PLM 1 CD 
12 1 N 1 A PLM 203 ? CE ? D PLM 1 CE 
13 1 N 1 A PLM 203 ? CF ? D PLM 1 CF 
14 1 N 1 A PLM 203 ? CG ? D PLM 1 CG 
# 
loop_
_pdbx_unobs_or_zero_occ_residues.id 
_pdbx_unobs_or_zero_occ_residues.PDB_model_num 
_pdbx_unobs_or_zero_occ_residues.polymer_flag 
_pdbx_unobs_or_zero_occ_residues.occupancy_flag 
_pdbx_unobs_or_zero_occ_residues.auth_asym_id 
_pdbx_unobs_or_zero_occ_residues.auth_comp_id 
_pdbx_unobs_or_zero_occ_residues.auth_seq_id 
_pdbx_unobs_or_zero_occ_residues.PDB_ins_code 
_pdbx_unobs_or_zero_occ_residues.label_asym_id 
_pdbx_unobs_or_zero_occ_residues.label_comp_id 
_pdbx_unobs_or_zero_occ_residues.label_seq_id 
1 1 Y 1 A MET 1 ? A MET 1 
2 1 Y 1 A PRO 2 ? A PRO 2 
3 1 Y 1 A ALA 3 ? A ALA 3 
4 1 Y 1 A HIS 4 ? A HIS 4 
5 1 Y 1 A SER 5 ? A SER 5 
6 1 Y 1 A LEU 6 ? A LEU 6 
7 1 Y 1 A VAL 7 ? A VAL 7 
8 1 Y 1 A MET 8 ? A MET 8 
9 1 Y 1 A SER 9 ? A SER 9 
# 
loop_
_chem_comp_atom.comp_id 
_chem_comp_atom.atom_id 
_chem_comp_atom.type_symbol 
_chem_comp_atom.pdbx_aromatic_flag 
_chem_comp_atom.pdbx_stereo_config 
_chem_comp_atom.pdbx_ordinal 
48T N1     N N N 1   
48T CA1    C N S 2   
48T C1     C N N 3   
48T O11    O N N 4   
48T CB1    C N N 5   
48T CG1    C N N 6   
48T CD1    C N N 7   
48T OE1    O N N 8   
48T O12    O N N 9   
48T N2     N N N 10  
48T CA2    C N R 11  
48T C2     C N N 12  
48T O2     O N N 13  
48T CB2    C N N 14  
48T SG2    S N N 15  
48T CZ4    C Y N 16  
48T CE4    C Y N 17  
48T CD4    C Y N 18  
48T CG4    C Y N 19  
48T CB4    C Y N 20  
48T CH4    C Y N 21  
48T CH5    C Y N 22  
48T CB5    C Y N 23  
48T CG5    C Y N 24  
48T CD5    C Y N 25  
48T CE5    C Y N 26  
48T CZ5    C Y N 27  
48T O5     O N N 28  
48T N3     N N N 29  
48T CA3    C N N 30  
48T C3     C N N 31  
48T C13    C N N 32  
48T O31    O N N 33  
48T C14    C N N 34  
48T O32    O N N 35  
48T H11N   H N N 36  
48T H12N   H N N 37  
48T HA1    H N N 38  
48T HB11   H N N 39  
48T HB12   H N N 40  
48T H11    H N N 41  
48T HG11   H N N 42  
48T HG12   H N N 43  
48T H2     H N N 44  
48T HA2    H N N 45  
48T HB21   H N N 46  
48T HB22   H N N 47  
48T H3     H N N 48  
48T H131   H N N 49  
48T H132   H N N 50  
48T HB4    H N N 51  
48T HG4    H N N 52  
48T HD4    H N N 53  
48T HE4    H N N 54  
48T HZ4    H N N 55  
48T HZ5    H N N 56  
48T HB5    H N N 57  
48T HE5    H N N 58  
48T HG5    H N N 59  
48T HA31   H N N 60  
48T HA32   H N N 61  
48T H32    H N N 62  
ALA N      N N N 63  
ALA CA     C N S 64  
ALA C      C N N 65  
ALA O      O N N 66  
ALA CB     C N N 67  
ALA OXT    O N N 68  
ALA H      H N N 69  
ALA H2     H N N 70  
ALA HA     H N N 71  
ALA HB1    H N N 72  
ALA HB2    H N N 73  
ALA HB3    H N N 74  
ALA HXT    H N N 75  
ARG N      N N N 76  
ARG CA     C N S 77  
ARG C      C N N 78  
ARG O      O N N 79  
ARG CB     C N N 80  
ARG CG     C N N 81  
ARG CD     C N N 82  
ARG NE     N N N 83  
ARG CZ     C N N 84  
ARG NH1    N N N 85  
ARG NH2    N N N 86  
ARG OXT    O N N 87  
ARG H      H N N 88  
ARG H2     H N N 89  
ARG HA     H N N 90  
ARG HB2    H N N 91  
ARG HB3    H N N 92  
ARG HG2    H N N 93  
ARG HG3    H N N 94  
ARG HD2    H N N 95  
ARG HD3    H N N 96  
ARG HE     H N N 97  
ARG HH11   H N N 98  
ARG HH12   H N N 99  
ARG HH21   H N N 100 
ARG HH22   H N N 101 
ARG HXT    H N N 102 
ASN N      N N N 103 
ASN CA     C N S 104 
ASN C      C N N 105 
ASN O      O N N 106 
ASN CB     C N N 107 
ASN CG     C N N 108 
ASN OD1    O N N 109 
ASN ND2    N N N 110 
ASN OXT    O N N 111 
ASN H      H N N 112 
ASN H2     H N N 113 
ASN HA     H N N 114 
ASN HB2    H N N 115 
ASN HB3    H N N 116 
ASN HD21   H N N 117 
ASN HD22   H N N 118 
ASN HXT    H N N 119 
ASP N      N N N 120 
ASP CA     C N S 121 
ASP C      C N N 122 
ASP O      O N N 123 
ASP CB     C N N 124 
ASP CG     C N N 125 
ASP OD1    O N N 126 
ASP OD2    O N N 127 
ASP OXT    O N N 128 
ASP H      H N N 129 
ASP H2     H N N 130 
ASP HA     H N N 131 
ASP HB2    H N N 132 
ASP HB3    H N N 133 
ASP HD2    H N N 134 
ASP HXT    H N N 135 
BOG C1     C N R 136 
BOG O1     O N N 137 
BOG C2     C N R 138 
BOG O2     O N N 139 
BOG C3     C N S 140 
BOG O3     O N N 141 
BOG C4     C N S 142 
BOG O4     O N N 143 
BOG C5     C N R 144 
BOG O5     O N N 145 
BOG C6     C N N 146 
BOG O6     O N N 147 
BOG "C1'"  C N N 148 
BOG "C2'"  C N N 149 
BOG "C3'"  C N N 150 
BOG "C4'"  C N N 151 
BOG "C5'"  C N N 152 
BOG "C6'"  C N N 153 
BOG "C7'"  C N N 154 
BOG "C8'"  C N N 155 
BOG H1     H N N 156 
BOG H2     H N N 157 
BOG HO2    H N N 158 
BOG H3     H N N 159 
BOG HO3    H N N 160 
BOG H4     H N N 161 
BOG HO4    H N N 162 
BOG H5     H N N 163 
BOG H61    H N N 164 
BOG H62    H N N 165 
BOG HO6    H N N 166 
BOG "H1'1" H N N 167 
BOG "H1'2" H N N 168 
BOG "H2'1" H N N 169 
BOG "H2'2" H N N 170 
BOG "H3'1" H N N 171 
BOG "H3'2" H N N 172 
BOG "H4'1" H N N 173 
BOG "H4'2" H N N 174 
BOG "H5'1" H N N 175 
BOG "H5'2" H N N 176 
BOG "H6'1" H N N 177 
BOG "H6'2" H N N 178 
BOG "H7'1" H N N 179 
BOG "H7'2" H N N 180 
BOG "H8'1" H N N 181 
BOG "H8'2" H N N 182 
BOG "H8'3" H N N 183 
CYS N      N N N 184 
CYS CA     C N R 185 
CYS C      C N N 186 
CYS O      O N N 187 
CYS CB     C N N 188 
CYS SG     S N N 189 
CYS OXT    O N N 190 
CYS H      H N N 191 
CYS H2     H N N 192 
CYS HA     H N N 193 
CYS HB2    H N N 194 
CYS HB3    H N N 195 
CYS HG     H N N 196 
CYS HXT    H N N 197 
GLN N      N N N 198 
GLN CA     C N S 199 
GLN C      C N N 200 
GLN O      O N N 201 
GLN CB     C N N 202 
GLN CG     C N N 203 
GLN CD     C N N 204 
GLN OE1    O N N 205 
GLN NE2    N N N 206 
GLN OXT    O N N 207 
GLN H      H N N 208 
GLN H2     H N N 209 
GLN HA     H N N 210 
GLN HB2    H N N 211 
GLN HB3    H N N 212 
GLN HG2    H N N 213 
GLN HG3    H N N 214 
GLN HE21   H N N 215 
GLN HE22   H N N 216 
GLN HXT    H N N 217 
GLU N      N N N 218 
GLU CA     C N S 219 
GLU C      C N N 220 
GLU O      O N N 221 
GLU CB     C N N 222 
GLU CG     C N N 223 
GLU CD     C N N 224 
GLU OE1    O N N 225 
GLU OE2    O N N 226 
GLU OXT    O N N 227 
GLU H      H N N 228 
GLU H2     H N N 229 
GLU HA     H N N 230 
GLU HB2    H N N 231 
GLU HB3    H N N 232 
GLU HG2    H N N 233 
GLU HG3    H N N 234 
GLU HE2    H N N 235 
GLU HXT    H N N 236 
GLY N      N N N 237 
GLY CA     C N N 238 
GLY C      C N N 239 
GLY O      O N N 240 
GLY OXT    O N N 241 
GLY H      H N N 242 
GLY H2     H N N 243 
GLY HA2    H N N 244 
GLY HA3    H N N 245 
GLY HXT    H N N 246 
HIS N      N N N 247 
HIS CA     C N S 248 
HIS C      C N N 249 
HIS O      O N N 250 
HIS CB     C N N 251 
HIS CG     C Y N 252 
HIS ND1    N Y N 253 
HIS CD2    C Y N 254 
HIS CE1    C Y N 255 
HIS NE2    N Y N 256 
HIS OXT    O N N 257 
HIS H      H N N 258 
HIS H2     H N N 259 
HIS HA     H N N 260 
HIS HB2    H N N 261 
HIS HB3    H N N 262 
HIS HD1    H N N 263 
HIS HD2    H N N 264 
HIS HE1    H N N 265 
HIS HE2    H N N 266 
HIS HXT    H N N 267 
HOH O      O N N 268 
HOH H1     H N N 269 
HOH H2     H N N 270 
ILE N      N N N 271 
ILE CA     C N S 272 
ILE C      C N N 273 
ILE O      O N N 274 
ILE CB     C N S 275 
ILE CG1    C N N 276 
ILE CG2    C N N 277 
ILE CD1    C N N 278 
ILE OXT    O N N 279 
ILE H      H N N 280 
ILE H2     H N N 281 
ILE HA     H N N 282 
ILE HB     H N N 283 
ILE HG12   H N N 284 
ILE HG13   H N N 285 
ILE HG21   H N N 286 
ILE HG22   H N N 287 
ILE HG23   H N N 288 
ILE HD11   H N N 289 
ILE HD12   H N N 290 
ILE HD13   H N N 291 
ILE HXT    H N N 292 
LEU N      N N N 293 
LEU CA     C N S 294 
LEU C      C N N 295 
LEU O      O N N 296 
LEU CB     C N N 297 
LEU CG     C N N 298 
LEU CD1    C N N 299 
LEU CD2    C N N 300 
LEU OXT    O N N 301 
LEU H      H N N 302 
LEU H2     H N N 303 
LEU HA     H N N 304 
LEU HB2    H N N 305 
LEU HB3    H N N 306 
LEU HG     H N N 307 
LEU HD11   H N N 308 
LEU HD12   H N N 309 
LEU HD13   H N N 310 
LEU HD21   H N N 311 
LEU HD22   H N N 312 
LEU HD23   H N N 313 
LEU HXT    H N N 314 
LYS N      N N N 315 
LYS CA     C N S 316 
LYS C      C N N 317 
LYS O      O N N 318 
LYS CB     C N N 319 
LYS CG     C N N 320 
LYS CD     C N N 321 
LYS CE     C N N 322 
LYS NZ     N N N 323 
LYS OXT    O N N 324 
LYS H      H N N 325 
LYS H2     H N N 326 
LYS HA     H N N 327 
LYS HB2    H N N 328 
LYS HB3    H N N 329 
LYS HG2    H N N 330 
LYS HG3    H N N 331 
LYS HD2    H N N 332 
LYS HD3    H N N 333 
LYS HE2    H N N 334 
LYS HE3    H N N 335 
LYS HZ1    H N N 336 
LYS HZ2    H N N 337 
LYS HZ3    H N N 338 
LYS HXT    H N N 339 
MET N      N N N 340 
MET CA     C N S 341 
MET C      C N N 342 
MET O      O N N 343 
MET CB     C N N 344 
MET CG     C N N 345 
MET SD     S N N 346 
MET CE     C N N 347 
MET OXT    O N N 348 
MET H      H N N 349 
MET H2     H N N 350 
MET HA     H N N 351 
MET HB2    H N N 352 
MET HB3    H N N 353 
MET HG2    H N N 354 
MET HG3    H N N 355 
MET HE1    H N N 356 
MET HE2    H N N 357 
MET HE3    H N N 358 
MET HXT    H N N 359 
PHE N      N N N 360 
PHE CA     C N S 361 
PHE C      C N N 362 
PHE O      O N N 363 
PHE CB     C N N 364 
PHE CG     C Y N 365 
PHE CD1    C Y N 366 
PHE CD2    C Y N 367 
PHE CE1    C Y N 368 
PHE CE2    C Y N 369 
PHE CZ     C Y N 370 
PHE OXT    O N N 371 
PHE H      H N N 372 
PHE H2     H N N 373 
PHE HA     H N N 374 
PHE HB2    H N N 375 
PHE HB3    H N N 376 
PHE HD1    H N N 377 
PHE HD2    H N N 378 
PHE HE1    H N N 379 
PHE HE2    H N N 380 
PHE HZ     H N N 381 
PHE HXT    H N N 382 
PLM C1     C N N 383 
PLM O1     O N N 384 
PLM O2     O N N 385 
PLM C2     C N N 386 
PLM C3     C N N 387 
PLM C4     C N N 388 
PLM C5     C N N 389 
PLM C6     C N N 390 
PLM C7     C N N 391 
PLM C8     C N N 392 
PLM C9     C N N 393 
PLM CA     C N N 394 
PLM CB     C N N 395 
PLM CC     C N N 396 
PLM CD     C N N 397 
PLM CE     C N N 398 
PLM CF     C N N 399 
PLM CG     C N N 400 
PLM H      H N N 401 
PLM H21    H N N 402 
PLM H22    H N N 403 
PLM H31    H N N 404 
PLM H32    H N N 405 
PLM H41    H N N 406 
PLM H42    H N N 407 
PLM H51    H N N 408 
PLM H52    H N N 409 
PLM H61    H N N 410 
PLM H62    H N N 411 
PLM H71    H N N 412 
PLM H72    H N N 413 
PLM H81    H N N 414 
PLM H82    H N N 415 
PLM H91    H N N 416 
PLM H92    H N N 417 
PLM HA1    H N N 418 
PLM HA2    H N N 419 
PLM HB1    H N N 420 
PLM HB2    H N N 421 
PLM HC1    H N N 422 
PLM HC2    H N N 423 
PLM HD1    H N N 424 
PLM HD2    H N N 425 
PLM HE1    H N N 426 
PLM HE2    H N N 427 
PLM HF1    H N N 428 
PLM HF2    H N N 429 
PLM HG1    H N N 430 
PLM HG2    H N N 431 
PLM HG3    H N N 432 
PRO N      N N N 433 
PRO CA     C N S 434 
PRO C      C N N 435 
PRO O      O N N 436 
PRO CB     C N N 437 
PRO CG     C N N 438 
PRO CD     C N N 439 
PRO OXT    O N N 440 
PRO H      H N N 441 
PRO HA     H N N 442 
PRO HB2    H N N 443 
PRO HB3    H N N 444 
PRO HG2    H N N 445 
PRO HG3    H N N 446 
PRO HD2    H N N 447 
PRO HD3    H N N 448 
PRO HXT    H N N 449 
SER N      N N N 450 
SER CA     C N S 451 
SER C      C N N 452 
SER O      O N N 453 
SER CB     C N N 454 
SER OG     O N N 455 
SER OXT    O N N 456 
SER H      H N N 457 
SER H2     H N N 458 
SER HA     H N N 459 
SER HB2    H N N 460 
SER HB3    H N N 461 
SER HG     H N N 462 
SER HXT    H N N 463 
SO4 S      S N N 464 
SO4 O1     O N N 465 
SO4 O2     O N N 466 
SO4 O3     O N N 467 
SO4 O4     O N N 468 
THR N      N N N 469 
THR CA     C N S 470 
THR C      C N N 471 
THR O      O N N 472 
THR CB     C N R 473 
THR OG1    O N N 474 
THR CG2    C N N 475 
THR OXT    O N N 476 
THR H      H N N 477 
THR H2     H N N 478 
THR HA     H N N 479 
THR HB     H N N 480 
THR HG1    H N N 481 
THR HG21   H N N 482 
THR HG22   H N N 483 
THR HG23   H N N 484 
THR HXT    H N N 485 
TRP N      N N N 486 
TRP CA     C N S 487 
TRP C      C N N 488 
TRP O      O N N 489 
TRP CB     C N N 490 
TRP CG     C Y N 491 
TRP CD1    C Y N 492 
TRP CD2    C Y N 493 
TRP NE1    N Y N 494 
TRP CE2    C Y N 495 
TRP CE3    C Y N 496 
TRP CZ2    C Y N 497 
TRP CZ3    C Y N 498 
TRP CH2    C Y N 499 
TRP OXT    O N N 500 
TRP H      H N N 501 
TRP H2     H N N 502 
TRP HA     H N N 503 
TRP HB2    H N N 504 
TRP HB3    H N N 505 
TRP HD1    H N N 506 
TRP HE1    H N N 507 
TRP HE3    H N N 508 
TRP HZ2    H N N 509 
TRP HZ3    H N N 510 
TRP HH2    H N N 511 
TRP HXT    H N N 512 
TYR N      N N N 513 
TYR CA     C N S 514 
TYR C      C N N 515 
TYR O      O N N 516 
TYR CB     C N N 517 
TYR CG     C Y N 518 
TYR CD1    C Y N 519 
TYR CD2    C Y N 520 
TYR CE1    C Y N 521 
TYR CE2    C Y N 522 
TYR CZ     C Y N 523 
TYR OH     O N N 524 
TYR OXT    O N N 525 
TYR H      H N N 526 
TYR H2     H N N 527 
TYR HA     H N N 528 
TYR HB2    H N N 529 
TYR HB3    H N N 530 
TYR HD1    H N N 531 
TYR HD2    H N N 532 
TYR HE1    H N N 533 
TYR HE2    H N N 534 
TYR HH     H N N 535 
TYR HXT    H N N 536 
VAL N      N N N 537 
VAL CA     C N S 538 
VAL C      C N N 539 
VAL O      O N N 540 
VAL CB     C N N 541 
VAL CG1    C N N 542 
VAL CG2    C N N 543 
VAL OXT    O N N 544 
VAL H      H N N 545 
VAL H2     H N N 546 
VAL HA     H N N 547 
VAL HB     H N N 548 
VAL HG11   H N N 549 
VAL HG12   H N N 550 
VAL HG13   H N N 551 
VAL HG21   H N N 552 
VAL HG22   H N N 553 
VAL HG23   H N N 554 
VAL HXT    H N N 555 
# 
loop_
_chem_comp_bond.comp_id 
_chem_comp_bond.atom_id_1 
_chem_comp_bond.atom_id_2 
_chem_comp_bond.value_order 
_chem_comp_bond.pdbx_aromatic_flag 
_chem_comp_bond.pdbx_stereo_config 
_chem_comp_bond.pdbx_ordinal 
48T N1    CA1    sing N N 1   
48T CA1   C1     sing N N 2   
48T CA1   CB1    sing N N 3   
48T C1    O11    sing N N 4   
48T C1    O12    doub N N 5   
48T CB1   CG1    sing N N 6   
48T CG1   CD1    sing N N 7   
48T CD1   OE1    doub N N 8   
48T CD1   N2     sing N N 9   
48T N2    CA2    sing N N 10  
48T CA2   C2     sing N N 11  
48T CA2   CB2    sing N N 12  
48T C2    O2     doub N N 13  
48T C2    N3     sing N N 14  
48T CB2   SG2    sing N N 15  
48T SG2   C13    sing N N 16  
48T CB4   CG4    doub Y N 17  
48T CB4   CH4    sing Y N 18  
48T CG4   CD4    sing Y N 19  
48T CD4   CE4    doub Y N 20  
48T CE4   CZ4    sing Y N 21  
48T CZ4   CH4    doub Y N 22  
48T CH4   CH5    sing N N 23  
48T CH5   CZ5    doub Y N 24  
48T CH5   CB5    sing Y N 25  
48T CZ5   CE5    sing Y N 26  
48T CE5   CD5    doub Y N 27  
48T CD5   CG5    sing Y N 28  
48T CD5   C14    sing N N 29  
48T CG5   CB5    doub Y N 30  
48T O5    C14    doub N N 31  
48T N3    CA3    sing N N 32  
48T CA3   C3     sing N N 33  
48T C3    O31    doub N N 34  
48T C3    O32    sing N N 35  
48T C13   C14    sing N N 36  
48T N1    H11N   sing N N 37  
48T N1    H12N   sing N N 38  
48T CA1   HA1    sing N N 39  
48T CB1   HB11   sing N N 40  
48T CB1   HB12   sing N N 41  
48T O11   H11    sing N N 42  
48T CG1   HG11   sing N N 43  
48T CG1   HG12   sing N N 44  
48T N2    H2     sing N N 45  
48T CA2   HA2    sing N N 46  
48T CB2   HB21   sing N N 47  
48T CB2   HB22   sing N N 48  
48T N3    H3     sing N N 49  
48T C13   H131   sing N N 50  
48T C13   H132   sing N N 51  
48T CB4   HB4    sing N N 52  
48T CG4   HG4    sing N N 53  
48T CD4   HD4    sing N N 54  
48T CE4   HE4    sing N N 55  
48T CZ4   HZ4    sing N N 56  
48T CZ5   HZ5    sing N N 57  
48T CB5   HB5    sing N N 58  
48T CE5   HE5    sing N N 59  
48T CG5   HG5    sing N N 60  
48T CA3   HA31   sing N N 61  
48T CA3   HA32   sing N N 62  
48T O32   H32    sing N N 63  
ALA N     CA     sing N N 64  
ALA N     H      sing N N 65  
ALA N     H2     sing N N 66  
ALA CA    C      sing N N 67  
ALA CA    CB     sing N N 68  
ALA CA    HA     sing N N 69  
ALA C     O      doub N N 70  
ALA C     OXT    sing N N 71  
ALA CB    HB1    sing N N 72  
ALA CB    HB2    sing N N 73  
ALA CB    HB3    sing N N 74  
ALA OXT   HXT    sing N N 75  
ARG N     CA     sing N N 76  
ARG N     H      sing N N 77  
ARG N     H2     sing N N 78  
ARG CA    C      sing N N 79  
ARG CA    CB     sing N N 80  
ARG CA    HA     sing N N 81  
ARG C     O      doub N N 82  
ARG C     OXT    sing N N 83  
ARG CB    CG     sing N N 84  
ARG CB    HB2    sing N N 85  
ARG CB    HB3    sing N N 86  
ARG CG    CD     sing N N 87  
ARG CG    HG2    sing N N 88  
ARG CG    HG3    sing N N 89  
ARG CD    NE     sing N N 90  
ARG CD    HD2    sing N N 91  
ARG CD    HD3    sing N N 92  
ARG NE    CZ     sing N N 93  
ARG NE    HE     sing N N 94  
ARG CZ    NH1    sing N N 95  
ARG CZ    NH2    doub N N 96  
ARG NH1   HH11   sing N N 97  
ARG NH1   HH12   sing N N 98  
ARG NH2   HH21   sing N N 99  
ARG NH2   HH22   sing N N 100 
ARG OXT   HXT    sing N N 101 
ASN N     CA     sing N N 102 
ASN N     H      sing N N 103 
ASN N     H2     sing N N 104 
ASN CA    C      sing N N 105 
ASN CA    CB     sing N N 106 
ASN CA    HA     sing N N 107 
ASN C     O      doub N N 108 
ASN C     OXT    sing N N 109 
ASN CB    CG     sing N N 110 
ASN CB    HB2    sing N N 111 
ASN CB    HB3    sing N N 112 
ASN CG    OD1    doub N N 113 
ASN CG    ND2    sing N N 114 
ASN ND2   HD21   sing N N 115 
ASN ND2   HD22   sing N N 116 
ASN OXT   HXT    sing N N 117 
ASP N     CA     sing N N 118 
ASP N     H      sing N N 119 
ASP N     H2     sing N N 120 
ASP CA    C      sing N N 121 
ASP CA    CB     sing N N 122 
ASP CA    HA     sing N N 123 
ASP C     O      doub N N 124 
ASP C     OXT    sing N N 125 
ASP CB    CG     sing N N 126 
ASP CB    HB2    sing N N 127 
ASP CB    HB3    sing N N 128 
ASP CG    OD1    doub N N 129 
ASP CG    OD2    sing N N 130 
ASP OD2   HD2    sing N N 131 
ASP OXT   HXT    sing N N 132 
BOG C1    O1     sing N N 133 
BOG C1    C2     sing N N 134 
BOG C1    O5     sing N N 135 
BOG C1    H1     sing N N 136 
BOG O1    "C1'"  sing N N 137 
BOG C2    O2     sing N N 138 
BOG C2    C3     sing N N 139 
BOG C2    H2     sing N N 140 
BOG O2    HO2    sing N N 141 
BOG C3    O3     sing N N 142 
BOG C3    C4     sing N N 143 
BOG C3    H3     sing N N 144 
BOG O3    HO3    sing N N 145 
BOG C4    O4     sing N N 146 
BOG C4    C5     sing N N 147 
BOG C4    H4     sing N N 148 
BOG O4    HO4    sing N N 149 
BOG C5    O5     sing N N 150 
BOG C5    C6     sing N N 151 
BOG C5    H5     sing N N 152 
BOG C6    O6     sing N N 153 
BOG C6    H61    sing N N 154 
BOG C6    H62    sing N N 155 
BOG O6    HO6    sing N N 156 
BOG "C1'" "C2'"  sing N N 157 
BOG "C1'" "H1'1" sing N N 158 
BOG "C1'" "H1'2" sing N N 159 
BOG "C2'" "C3'"  sing N N 160 
BOG "C2'" "H2'1" sing N N 161 
BOG "C2'" "H2'2" sing N N 162 
BOG "C3'" "C4'"  sing N N 163 
BOG "C3'" "H3'1" sing N N 164 
BOG "C3'" "H3'2" sing N N 165 
BOG "C4'" "C5'"  sing N N 166 
BOG "C4'" "H4'1" sing N N 167 
BOG "C4'" "H4'2" sing N N 168 
BOG "C5'" "C6'"  sing N N 169 
BOG "C5'" "H5'1" sing N N 170 
BOG "C5'" "H5'2" sing N N 171 
BOG "C6'" "C7'"  sing N N 172 
BOG "C6'" "H6'1" sing N N 173 
BOG "C6'" "H6'2" sing N N 174 
BOG "C7'" "C8'"  sing N N 175 
BOG "C7'" "H7'1" sing N N 176 
BOG "C7'" "H7'2" sing N N 177 
BOG "C8'" "H8'1" sing N N 178 
BOG "C8'" "H8'2" sing N N 179 
BOG "C8'" "H8'3" sing N N 180 
CYS N     CA     sing N N 181 
CYS N     H      sing N N 182 
CYS N     H2     sing N N 183 
CYS CA    C      sing N N 184 
CYS CA    CB     sing N N 185 
CYS CA    HA     sing N N 186 
CYS C     O      doub N N 187 
CYS C     OXT    sing N N 188 
CYS CB    SG     sing N N 189 
CYS CB    HB2    sing N N 190 
CYS CB    HB3    sing N N 191 
CYS SG    HG     sing N N 192 
CYS OXT   HXT    sing N N 193 
GLN N     CA     sing N N 194 
GLN N     H      sing N N 195 
GLN N     H2     sing N N 196 
GLN CA    C      sing N N 197 
GLN CA    CB     sing N N 198 
GLN CA    HA     sing N N 199 
GLN C     O      doub N N 200 
GLN C     OXT    sing N N 201 
GLN CB    CG     sing N N 202 
GLN CB    HB2    sing N N 203 
GLN CB    HB3    sing N N 204 
GLN CG    CD     sing N N 205 
GLN CG    HG2    sing N N 206 
GLN CG    HG3    sing N N 207 
GLN CD    OE1    doub N N 208 
GLN CD    NE2    sing N N 209 
GLN NE2   HE21   sing N N 210 
GLN NE2   HE22   sing N N 211 
GLN OXT   HXT    sing N N 212 
GLU N     CA     sing N N 213 
GLU N     H      sing N N 214 
GLU N     H2     sing N N 215 
GLU CA    C      sing N N 216 
GLU CA    CB     sing N N 217 
GLU CA    HA     sing N N 218 
GLU C     O      doub N N 219 
GLU C     OXT    sing N N 220 
GLU CB    CG     sing N N 221 
GLU CB    HB2    sing N N 222 
GLU CB    HB3    sing N N 223 
GLU CG    CD     sing N N 224 
GLU CG    HG2    sing N N 225 
GLU CG    HG3    sing N N 226 
GLU CD    OE1    doub N N 227 
GLU CD    OE2    sing N N 228 
GLU OE2   HE2    sing N N 229 
GLU OXT   HXT    sing N N 230 
GLY N     CA     sing N N 231 
GLY N     H      sing N N 232 
GLY N     H2     sing N N 233 
GLY CA    C      sing N N 234 
GLY CA    HA2    sing N N 235 
GLY CA    HA3    sing N N 236 
GLY C     O      doub N N 237 
GLY C     OXT    sing N N 238 
GLY OXT   HXT    sing N N 239 
HIS N     CA     sing N N 240 
HIS N     H      sing N N 241 
HIS N     H2     sing N N 242 
HIS CA    C      sing N N 243 
HIS CA    CB     sing N N 244 
HIS CA    HA     sing N N 245 
HIS C     O      doub N N 246 
HIS C     OXT    sing N N 247 
HIS CB    CG     sing N N 248 
HIS CB    HB2    sing N N 249 
HIS CB    HB3    sing N N 250 
HIS CG    ND1    sing Y N 251 
HIS CG    CD2    doub Y N 252 
HIS ND1   CE1    doub Y N 253 
HIS ND1   HD1    sing N N 254 
HIS CD2   NE2    sing Y N 255 
HIS CD2   HD2    sing N N 256 
HIS CE1   NE2    sing Y N 257 
HIS CE1   HE1    sing N N 258 
HIS NE2   HE2    sing N N 259 
HIS OXT   HXT    sing N N 260 
HOH O     H1     sing N N 261 
HOH O     H2     sing N N 262 
ILE N     CA     sing N N 263 
ILE N     H      sing N N 264 
ILE N     H2     sing N N 265 
ILE CA    C      sing N N 266 
ILE CA    CB     sing N N 267 
ILE CA    HA     sing N N 268 
ILE C     O      doub N N 269 
ILE C     OXT    sing N N 270 
ILE CB    CG1    sing N N 271 
ILE CB    CG2    sing N N 272 
ILE CB    HB     sing N N 273 
ILE CG1   CD1    sing N N 274 
ILE CG1   HG12   sing N N 275 
ILE CG1   HG13   sing N N 276 
ILE CG2   HG21   sing N N 277 
ILE CG2   HG22   sing N N 278 
ILE CG2   HG23   sing N N 279 
ILE CD1   HD11   sing N N 280 
ILE CD1   HD12   sing N N 281 
ILE CD1   HD13   sing N N 282 
ILE OXT   HXT    sing N N 283 
LEU N     CA     sing N N 284 
LEU N     H      sing N N 285 
LEU N     H2     sing N N 286 
LEU CA    C      sing N N 287 
LEU CA    CB     sing N N 288 
LEU CA    HA     sing N N 289 
LEU C     O      doub N N 290 
LEU C     OXT    sing N N 291 
LEU CB    CG     sing N N 292 
LEU CB    HB2    sing N N 293 
LEU CB    HB3    sing N N 294 
LEU CG    CD1    sing N N 295 
LEU CG    CD2    sing N N 296 
LEU CG    HG     sing N N 297 
LEU CD1   HD11   sing N N 298 
LEU CD1   HD12   sing N N 299 
LEU CD1   HD13   sing N N 300 
LEU CD2   HD21   sing N N 301 
LEU CD2   HD22   sing N N 302 
LEU CD2   HD23   sing N N 303 
LEU OXT   HXT    sing N N 304 
LYS N     CA     sing N N 305 
LYS N     H      sing N N 306 
LYS N     H2     sing N N 307 
LYS CA    C      sing N N 308 
LYS CA    CB     sing N N 309 
LYS CA    HA     sing N N 310 
LYS C     O      doub N N 311 
LYS C     OXT    sing N N 312 
LYS CB    CG     sing N N 313 
LYS CB    HB2    sing N N 314 
LYS CB    HB3    sing N N 315 
LYS CG    CD     sing N N 316 
LYS CG    HG2    sing N N 317 
LYS CG    HG3    sing N N 318 
LYS CD    CE     sing N N 319 
LYS CD    HD2    sing N N 320 
LYS CD    HD3    sing N N 321 
LYS CE    NZ     sing N N 322 
LYS CE    HE2    sing N N 323 
LYS CE    HE3    sing N N 324 
LYS NZ    HZ1    sing N N 325 
LYS NZ    HZ2    sing N N 326 
LYS NZ    HZ3    sing N N 327 
LYS OXT   HXT    sing N N 328 
MET N     CA     sing N N 329 
MET N     H      sing N N 330 
MET N     H2     sing N N 331 
MET CA    C      sing N N 332 
MET CA    CB     sing N N 333 
MET CA    HA     sing N N 334 
MET C     O      doub N N 335 
MET C     OXT    sing N N 336 
MET CB    CG     sing N N 337 
MET CB    HB2    sing N N 338 
MET CB    HB3    sing N N 339 
MET CG    SD     sing N N 340 
MET CG    HG2    sing N N 341 
MET CG    HG3    sing N N 342 
MET SD    CE     sing N N 343 
MET CE    HE1    sing N N 344 
MET CE    HE2    sing N N 345 
MET CE    HE3    sing N N 346 
MET OXT   HXT    sing N N 347 
PHE N     CA     sing N N 348 
PHE N     H      sing N N 349 
PHE N     H2     sing N N 350 
PHE CA    C      sing N N 351 
PHE CA    CB     sing N N 352 
PHE CA    HA     sing N N 353 
PHE C     O      doub N N 354 
PHE C     OXT    sing N N 355 
PHE CB    CG     sing N N 356 
PHE CB    HB2    sing N N 357 
PHE CB    HB3    sing N N 358 
PHE CG    CD1    doub Y N 359 
PHE CG    CD2    sing Y N 360 
PHE CD1   CE1    sing Y N 361 
PHE CD1   HD1    sing N N 362 
PHE CD2   CE2    doub Y N 363 
PHE CD2   HD2    sing N N 364 
PHE CE1   CZ     doub Y N 365 
PHE CE1   HE1    sing N N 366 
PHE CE2   CZ     sing Y N 367 
PHE CE2   HE2    sing N N 368 
PHE CZ    HZ     sing N N 369 
PHE OXT   HXT    sing N N 370 
PLM C1    O1     sing N N 371 
PLM C1    O2     doub N N 372 
PLM C1    C2     sing N N 373 
PLM O1    H      sing N N 374 
PLM C2    C3     sing N N 375 
PLM C2    H21    sing N N 376 
PLM C2    H22    sing N N 377 
PLM C3    C4     sing N N 378 
PLM C3    H31    sing N N 379 
PLM C3    H32    sing N N 380 
PLM C4    C5     sing N N 381 
PLM C4    H41    sing N N 382 
PLM C4    H42    sing N N 383 
PLM C5    C6     sing N N 384 
PLM C5    H51    sing N N 385 
PLM C5    H52    sing N N 386 
PLM C6    C7     sing N N 387 
PLM C6    H61    sing N N 388 
PLM C6    H62    sing N N 389 
PLM C7    C8     sing N N 390 
PLM C7    H71    sing N N 391 
PLM C7    H72    sing N N 392 
PLM C8    C9     sing N N 393 
PLM C8    H81    sing N N 394 
PLM C8    H82    sing N N 395 
PLM C9    CA     sing N N 396 
PLM C9    H91    sing N N 397 
PLM C9    H92    sing N N 398 
PLM CA    CB     sing N N 399 
PLM CA    HA1    sing N N 400 
PLM CA    HA2    sing N N 401 
PLM CB    CC     sing N N 402 
PLM CB    HB1    sing N N 403 
PLM CB    HB2    sing N N 404 
PLM CC    CD     sing N N 405 
PLM CC    HC1    sing N N 406 
PLM CC    HC2    sing N N 407 
PLM CD    CE     sing N N 408 
PLM CD    HD1    sing N N 409 
PLM CD    HD2    sing N N 410 
PLM CE    CF     sing N N 411 
PLM CE    HE1    sing N N 412 
PLM CE    HE2    sing N N 413 
PLM CF    CG     sing N N 414 
PLM CF    HF1    sing N N 415 
PLM CF    HF2    sing N N 416 
PLM CG    HG1    sing N N 417 
PLM CG    HG2    sing N N 418 
PLM CG    HG3    sing N N 419 
PRO N     CA     sing N N 420 
PRO N     CD     sing N N 421 
PRO N     H      sing N N 422 
PRO CA    C      sing N N 423 
PRO CA    CB     sing N N 424 
PRO CA    HA     sing N N 425 
PRO C     O      doub N N 426 
PRO C     OXT    sing N N 427 
PRO CB    CG     sing N N 428 
PRO CB    HB2    sing N N 429 
PRO CB    HB3    sing N N 430 
PRO CG    CD     sing N N 431 
PRO CG    HG2    sing N N 432 
PRO CG    HG3    sing N N 433 
PRO CD    HD2    sing N N 434 
PRO CD    HD3    sing N N 435 
PRO OXT   HXT    sing N N 436 
SER N     CA     sing N N 437 
SER N     H      sing N N 438 
SER N     H2     sing N N 439 
SER CA    C      sing N N 440 
SER CA    CB     sing N N 441 
SER CA    HA     sing N N 442 
SER C     O      doub N N 443 
SER C     OXT    sing N N 444 
SER CB    OG     sing N N 445 
SER CB    HB2    sing N N 446 
SER CB    HB3    sing N N 447 
SER OG    HG     sing N N 448 
SER OXT   HXT    sing N N 449 
SO4 S     O1     doub N N 450 
SO4 S     O2     doub N N 451 
SO4 S     O3     sing N N 452 
SO4 S     O4     sing N N 453 
THR N     CA     sing N N 454 
THR N     H      sing N N 455 
THR N     H2     sing N N 456 
THR CA    C      sing N N 457 
THR CA    CB     sing N N 458 
THR CA    HA     sing N N 459 
THR C     O      doub N N 460 
THR C     OXT    sing N N 461 
THR CB    OG1    sing N N 462 
THR CB    CG2    sing N N 463 
THR CB    HB     sing N N 464 
THR OG1   HG1    sing N N 465 
THR CG2   HG21   sing N N 466 
THR CG2   HG22   sing N N 467 
THR CG2   HG23   sing N N 468 
THR OXT   HXT    sing N N 469 
TRP N     CA     sing N N 470 
TRP N     H      sing N N 471 
TRP N     H2     sing N N 472 
TRP CA    C      sing N N 473 
TRP CA    CB     sing N N 474 
TRP CA    HA     sing N N 475 
TRP C     O      doub N N 476 
TRP C     OXT    sing N N 477 
TRP CB    CG     sing N N 478 
TRP CB    HB2    sing N N 479 
TRP CB    HB3    sing N N 480 
TRP CG    CD1    doub Y N 481 
TRP CG    CD2    sing Y N 482 
TRP CD1   NE1    sing Y N 483 
TRP CD1   HD1    sing N N 484 
TRP CD2   CE2    doub Y N 485 
TRP CD2   CE3    sing Y N 486 
TRP NE1   CE2    sing Y N 487 
TRP NE1   HE1    sing N N 488 
TRP CE2   CZ2    sing Y N 489 
TRP CE3   CZ3    doub Y N 490 
TRP CE3   HE3    sing N N 491 
TRP CZ2   CH2    doub Y N 492 
TRP CZ2   HZ2    sing N N 493 
TRP CZ3   CH2    sing Y N 494 
TRP CZ3   HZ3    sing N N 495 
TRP CH2   HH2    sing N N 496 
TRP OXT   HXT    sing N N 497 
TYR N     CA     sing N N 498 
TYR N     H      sing N N 499 
TYR N     H2     sing N N 500 
TYR CA    C      sing N N 501 
TYR CA    CB     sing N N 502 
TYR CA    HA     sing N N 503 
TYR C     O      doub N N 504 
TYR C     OXT    sing N N 505 
TYR CB    CG     sing N N 506 
TYR CB    HB2    sing N N 507 
TYR CB    HB3    sing N N 508 
TYR CG    CD1    doub Y N 509 
TYR CG    CD2    sing Y N 510 
TYR CD1   CE1    sing Y N 511 
TYR CD1   HD1    sing N N 512 
TYR CD2   CE2    doub Y N 513 
TYR CD2   HD2    sing N N 514 
TYR CE1   CZ     doub Y N 515 
TYR CE1   HE1    sing N N 516 
TYR CE2   CZ     sing Y N 517 
TYR CE2   HE2    sing N N 518 
TYR CZ    OH     sing N N 519 
TYR OH    HH     sing N N 520 
TYR OXT   HXT    sing N N 521 
VAL N     CA     sing N N 522 
VAL N     H      sing N N 523 
VAL N     H2     sing N N 524 
VAL CA    C      sing N N 525 
VAL CA    CB     sing N N 526 
VAL CA    HA     sing N N 527 
VAL C     O      doub N N 528 
VAL C     OXT    sing N N 529 
VAL CB    CG1    sing N N 530 
VAL CB    CG2    sing N N 531 
VAL CB    HB     sing N N 532 
VAL CG1   HG11   sing N N 533 
VAL CG1   HG12   sing N N 534 
VAL CG1   HG13   sing N N 535 
VAL CG2   HG21   sing N N 536 
VAL CG2   HG22   sing N N 537 
VAL CG2   HG23   sing N N 538 
VAL OXT   HXT    sing N N 539 
# 
_pdbx_chem_comp_identifier.comp_id           BOG 
_pdbx_chem_comp_identifier.type              'IUPAC CARBOHYDRATE SYMBOL' 
_pdbx_chem_comp_identifier.program           PDB-CARE 
_pdbx_chem_comp_identifier.program_version   1.0 
_pdbx_chem_comp_identifier.identifier        b-octylglucoside 
# 
loop_
_pdbx_entity_nonpoly.entity_id 
_pdbx_entity_nonpoly.name 
_pdbx_entity_nonpoly.comp_id 
2 'octyl beta-D-glucopyranoside'                                       BOG 
3 'PALMITIC ACID'                                                      PLM 
4 'SULFATE ION'                                                        SO4 
5 'L-gamma-glutamyl-S-(2-biphenyl-4-yl-2-oxoethyl)-L-cysteinylglycine' 48T 
6 water                                                                HOH 
# 
_pdbx_initial_refinement_model.id               1 
_pdbx_initial_refinement_model.entity_id_list   ? 
_pdbx_initial_refinement_model.type             'experimental model' 
_pdbx_initial_refinement_model.source_name      PDB 
_pdbx_initial_refinement_model.accession_code   4AL0 
_pdbx_initial_refinement_model.details          'PDB ENTRY 4AL0' 
# 
